data_5BTC
#
_entry.id   5BTC
#
_cell.length_a   108.336
_cell.length_b   82.976
_cell.length_c   129.703
_cell.angle_alpha   90.000
_cell.angle_beta   109.060
_cell.angle_gamma   90.000
#
_symmetry.space_group_name_H-M   'P 1 21 1'
#
loop_
_entity.id
_entity.type
_entity.pdbx_description
1 polymer 'DNA gyrase subunit A'
2 polymer 'DNA gyrase subunit B'
3 polymer 'DNA substrate 24-mer GGTCATGAATGACTATGCACGTAA'
4 polymer 'DNA substrate 24-mer TTACGTGCATAGTCATTCATGACC'
5 non-polymer 'MAGNESIUM ION'
6 non-polymer '1-CYCLOPROPYL-6-FLUORO-4-OXO-7-PIPERAZIN-1-YL-1,4-DIHYDROQUINOLINE-3-CARBOXYLIC ACID'
7 water water
#
loop_
_entity_poly.entity_id
_entity_poly.type
_entity_poly.pdbx_seq_one_letter_code
_entity_poly.pdbx_strand_id
1 'polypeptide(L)'
;TDTTLPPDDSLDRIEPVDIEQEMQRSYIDYAMSVIVGRALPEVRDGLKPVHRRVLYAMFDSGFRPDRSHAKSARSVAETM
GNYHPHGDSSIYDSLVRMAQPWSLRYPLVDGQGNFGSPGNDPPAAMR(PTR)TEARLTPLAMEMLREIDEETVDFIPNYD
GRVQEPTVLPSRFPNLLANGSGGIAVGMATNIPPHNLRELADAVFWALENHDADEEETLAAVMGRVKGPDFPTAGLIVGS
QGTADAYKTGRGSIRMRGVVEVEEDSRGRTSLVITELPYQVNHDNFITSIAEQVRDGKLAGISNIEDQSSDRVGLRIVIE
IKRDAVAKVVINNLYKHTQLQTSFGANMLAIVDGVPRTLRLDQLIRYYVDHQLDVIVRRTTYRLRKANERAHILRGLVKA
LDALDEVIALIRASETVDIARAGLIELLDIDEIQAQAILDMQLRRLAALERQRIIDDLAKIEAEIADLEDILAKPERQRG
IVRDELAEIVDRHGDDRRTRIIAIGSG
;
A,C
2 'polypeptide(L)'
;SNALVRRKSATDIGGLPGKLADCRSTDPRKSELYVVEGDSAGGSAKSGRDSMFQAILPLRGKIINVEKARIDRVLKNTEV
QAIITALGTGIHDEFDIGKLRYHKIVLMADADVDGQHISTLLLTLLFRFMRPLIENGHVFLAQPPLYKLKWQRSDPEFAY
SDRERDGLLEAGLKAGKKINKEDGIQRYKGLGEMDAKELWETTMDPSVRVLRQVTLDDAAAADELFSILMGEDVDARRSF
ITRNAKDVRFLDV
;
B,D
3 'polydeoxyribonucleotide'
;(DG)(DG)(DT)(DC)(DA)(DT)(DG)(DA)(DA)(DT)(DG)(DA)(DC)(DT)(DA)(DT)(DG)(DC)(DA)(DC)
(DG)(DT)(DA)(DA)
;
E,H
4 'polydeoxyribonucleotide'
;(DT)(DT)(DA)(DC)(DG)(DT)(DG)(DC)(DA)(DT)(DA)(DG)(DT)(DC)(DA)(DT)(DT)(DC)(DA)(DT)
(DG)(DA)(DC)(DC)
;
F,G
#
loop_
_chem_comp.id
_chem_comp.type
_chem_comp.name
_chem_comp.formula
CPF non-polymer '1-CYCLOPROPYL-6-FLUORO-4-OXO-7-PIPERAZIN-1-YL-1,4-DIHYDROQUINOLINE-3-CARBOXYLIC ACID' 'C17 H18 F N3 O3'
DA DNA linking 2'-DEOXYADENOSINE-5'-MONOPHOSPHATE 'C10 H14 N5 O6 P'
DC DNA linking 2'-DEOXYCYTIDINE-5'-MONOPHOSPHATE 'C9 H14 N3 O7 P'
DG DNA linking 2'-DEOXYGUANOSINE-5'-MONOPHOSPHATE 'C10 H14 N5 O7 P'
DT DNA linking THYMIDINE-5'-MONOPHOSPHATE 'C10 H15 N2 O8 P'
MG non-polymer 'MAGNESIUM ION' 'Mg 2'
#
# COMPACT_ATOMS: atom_id res chain seq x y z
N ILE A 14 -23.23 -3.05 -35.16
CA ILE A 14 -23.66 -3.28 -33.78
C ILE A 14 -24.44 -4.58 -33.68
N GLU A 15 -23.95 -5.47 -32.83
CA GLU A 15 -24.56 -6.79 -32.63
C GLU A 15 -25.75 -6.72 -31.67
N PRO A 16 -26.84 -7.43 -31.99
CA PRO A 16 -27.99 -7.47 -31.08
C PRO A 16 -27.88 -8.60 -30.05
N VAL A 17 -28.32 -8.35 -28.82
CA VAL A 17 -28.33 -9.37 -27.77
C VAL A 17 -29.63 -9.29 -26.97
N ASP A 18 -30.22 -10.44 -26.67
CA ASP A 18 -31.48 -10.49 -25.94
C ASP A 18 -31.23 -10.35 -24.44
N ILE A 19 -32.12 -9.63 -23.77
CA ILE A 19 -31.92 -9.30 -22.37
C ILE A 19 -31.93 -10.54 -21.46
N GLU A 20 -32.66 -11.58 -21.87
CA GLU A 20 -32.70 -12.82 -21.09
C GLU A 20 -31.37 -13.55 -21.20
N GLN A 21 -30.79 -13.55 -22.39
CA GLN A 21 -29.49 -14.17 -22.62
C GLN A 21 -28.41 -13.47 -21.81
N GLU A 22 -28.46 -12.14 -21.80
CA GLU A 22 -27.46 -11.34 -21.11
C GLU A 22 -27.59 -11.49 -19.60
N MET A 23 -28.81 -11.38 -19.09
CA MET A 23 -29.08 -11.49 -17.66
C MET A 23 -28.65 -12.84 -17.10
N GLN A 24 -29.02 -13.92 -17.79
CA GLN A 24 -28.70 -15.26 -17.32
C GLN A 24 -27.19 -15.52 -17.31
N ARG A 25 -26.51 -15.21 -18.41
CA ARG A 25 -25.09 -15.49 -18.52
C ARG A 25 -24.29 -14.68 -17.51
N SER A 26 -24.62 -13.40 -17.37
CA SER A 26 -23.87 -12.50 -16.51
C SER A 26 -24.08 -12.81 -15.04
N TYR A 27 -25.32 -13.08 -14.64
CA TYR A 27 -25.60 -13.28 -13.24
C TYR A 27 -25.06 -14.63 -12.75
N ILE A 28 -25.13 -15.65 -13.61
CA ILE A 28 -24.58 -16.95 -13.24
C ILE A 28 -23.06 -16.87 -13.15
N ASP A 29 -22.44 -16.15 -14.07
CA ASP A 29 -20.99 -15.99 -14.04
C ASP A 29 -20.55 -15.31 -12.75
N TYR A 30 -21.36 -14.38 -12.27
CA TYR A 30 -21.09 -13.70 -11.00
C TYR A 30 -21.32 -14.65 -9.84
N ALA A 31 -22.46 -15.31 -9.84
CA ALA A 31 -22.82 -16.24 -8.78
C ALA A 31 -21.75 -17.31 -8.60
N MET A 32 -21.33 -17.93 -9.70
CA MET A 32 -20.39 -19.05 -9.64
C MET A 32 -19.02 -18.61 -9.12
N SER A 33 -18.54 -17.46 -9.59
CA SER A 33 -17.22 -16.98 -9.16
C SER A 33 -17.25 -16.58 -7.69
N VAL A 34 -18.35 -15.95 -7.25
CA VAL A 34 -18.53 -15.62 -5.84
C VAL A 34 -18.56 -16.90 -5.00
N ILE A 35 -19.32 -17.88 -5.47
CA ILE A 35 -19.48 -19.15 -4.76
C ILE A 35 -18.15 -19.86 -4.60
N VAL A 36 -17.44 -20.02 -5.71
CA VAL A 36 -16.25 -20.86 -5.75
C VAL A 36 -14.97 -20.07 -5.47
N GLY A 37 -15.00 -18.78 -5.80
CA GLY A 37 -13.79 -17.96 -5.77
C GLY A 37 -13.88 -16.64 -5.02
N ARG A 38 -14.69 -16.57 -3.97
CA ARG A 38 -14.72 -15.37 -3.13
C ARG A 38 -15.22 -15.63 -1.72
N ALA A 39 -16.46 -16.09 -1.61
CA ALA A 39 -17.18 -16.06 -0.34
C ALA A 39 -17.03 -17.32 0.51
N LEU A 40 -16.78 -18.46 -0.13
CA LEU A 40 -16.80 -19.74 0.56
C LEU A 40 -15.42 -20.40 0.64
N PRO A 41 -15.12 -21.08 1.75
CA PRO A 41 -13.80 -21.69 1.95
C PRO A 41 -13.59 -23.01 1.22
N GLU A 42 -12.40 -23.21 0.70
CA GLU A 42 -11.97 -24.51 0.21
C GLU A 42 -11.92 -25.47 1.40
N VAL A 43 -12.43 -26.68 1.23
CA VAL A 43 -12.56 -27.63 2.35
C VAL A 43 -11.20 -28.11 2.87
N ARG A 44 -10.20 -28.11 2.00
CA ARG A 44 -8.90 -28.69 2.35
C ARG A 44 -8.05 -27.83 3.28
N ASP A 45 -8.08 -26.51 3.09
CA ASP A 45 -7.34 -25.59 3.95
C ASP A 45 -8.26 -24.59 4.65
N GLY A 46 -9.55 -24.65 4.33
CA GLY A 46 -10.53 -23.80 5.01
C GLY A 46 -10.31 -22.33 4.71
N LEU A 47 -9.71 -22.03 3.56
CA LEU A 47 -9.37 -20.67 3.19
C LEU A 47 -10.16 -20.19 1.98
N LYS A 48 -10.54 -18.91 2.02
CA LYS A 48 -11.05 -18.23 0.84
C LYS A 48 -9.85 -17.68 0.06
N PRO A 49 -10.05 -17.36 -1.22
CA PRO A 49 -8.94 -16.91 -2.09
C PRO A 49 -8.12 -15.77 -1.51
N VAL A 50 -8.76 -14.79 -0.90
CA VAL A 50 -8.04 -13.63 -0.39
C VAL A 50 -7.14 -14.01 0.80
N HIS A 51 -7.64 -14.90 1.66
CA HIS A 51 -6.85 -15.38 2.79
C HIS A 51 -5.61 -16.08 2.26
N ARG A 52 -5.82 -17.01 1.34
CA ARG A 52 -4.75 -17.84 0.80
C ARG A 52 -3.70 -16.96 0.14
N ARG A 53 -4.14 -15.90 -0.51
CA ARG A 53 -3.25 -15.03 -1.26
C ARG A 53 -2.48 -14.07 -0.36
N VAL A 54 -3.13 -13.58 0.69
CA VAL A 54 -2.45 -12.73 1.68
C VAL A 54 -1.34 -13.52 2.34
N LEU A 55 -1.66 -14.72 2.80
CA LEU A 55 -0.71 -15.54 3.54
C LEU A 55 0.48 -15.95 2.67
N TYR A 56 0.23 -16.29 1.41
CA TYR A 56 1.31 -16.70 0.53
C TYR A 56 2.16 -15.50 0.13
N ALA A 57 1.53 -14.34 0.00
CA ALA A 57 2.24 -13.11 -0.32
C ALA A 57 3.22 -12.78 0.81
N MET A 58 2.73 -12.84 2.04
CA MET A 58 3.55 -12.58 3.21
C MET A 58 4.67 -13.61 3.32
N PHE A 59 4.32 -14.86 3.04
CA PHE A 59 5.26 -15.96 3.10
C PHE A 59 6.39 -15.79 2.09
N ASP A 60 6.00 -15.53 0.84
CA ASP A 60 6.97 -15.37 -0.24
C ASP A 60 7.83 -14.14 -0.01
N SER A 61 7.24 -13.12 0.62
CA SER A 61 7.94 -11.88 0.93
C SER A 61 8.87 -12.05 2.11
N GLY A 62 8.76 -13.18 2.81
CA GLY A 62 9.62 -13.49 3.94
C GLY A 62 9.15 -12.89 5.25
N PHE A 63 7.90 -12.41 5.28
CA PHE A 63 7.33 -11.84 6.50
C PHE A 63 6.96 -12.95 7.49
N ARG A 64 7.99 -13.59 8.02
CA ARG A 64 7.83 -14.78 8.85
C ARG A 64 8.27 -14.50 10.29
N PRO A 65 7.91 -15.38 11.23
CA PRO A 65 8.24 -15.15 12.65
C PRO A 65 9.74 -15.07 12.93
N ASP A 66 10.58 -15.45 11.96
CA ASP A 66 12.03 -15.36 12.13
C ASP A 66 12.55 -13.98 11.76
N ARG A 67 11.63 -13.04 11.51
CA ARG A 67 12.00 -11.67 11.20
C ARG A 67 11.00 -10.70 11.82
N SER A 68 11.43 -9.45 11.99
CA SER A 68 10.61 -8.43 12.61
C SER A 68 9.38 -8.15 11.76
N HIS A 69 8.31 -7.69 12.39
CA HIS A 69 7.08 -7.36 11.68
C HIS A 69 7.34 -6.36 10.56
N ALA A 70 6.90 -6.70 9.36
CA ALA A 70 6.94 -5.77 8.24
C ALA A 70 5.75 -4.83 8.31
N LYS A 71 5.87 -3.66 7.71
CA LYS A 71 4.74 -2.74 7.61
C LYS A 71 3.63 -3.43 6.84
N SER A 72 2.42 -3.42 7.39
CA SER A 72 1.32 -4.18 6.83
C SER A 72 0.99 -3.73 5.41
N ALA A 73 1.38 -2.50 5.08
CA ALA A 73 1.20 -1.98 3.74
C ALA A 73 1.96 -2.81 2.73
N ARG A 74 3.12 -3.31 3.14
CA ARG A 74 3.95 -4.11 2.26
C ARG A 74 3.30 -5.46 1.94
N SER A 75 2.57 -6.02 2.92
CA SER A 75 1.87 -7.28 2.72
C SER A 75 0.69 -7.09 1.77
N VAL A 76 -0.06 -6.00 1.98
CA VAL A 76 -1.18 -5.66 1.11
C VAL A 76 -0.72 -5.44 -0.32
N ALA A 77 0.32 -4.62 -0.48
CA ALA A 77 0.82 -4.27 -1.80
C ALA A 77 1.30 -5.51 -2.55
N GLU A 78 1.98 -6.40 -1.84
CA GLU A 78 2.48 -7.64 -2.45
C GLU A 78 1.34 -8.58 -2.82
N THR A 79 0.30 -8.60 -2.00
CA THR A 79 -0.88 -9.41 -2.29
C THR A 79 -1.60 -8.84 -3.51
N MET A 80 -1.80 -7.54 -3.47
CA MET A 80 -2.52 -6.80 -4.52
C MET A 80 -1.81 -6.90 -5.87
N GLY A 81 -0.49 -6.72 -5.84
CA GLY A 81 0.27 -6.57 -7.06
C GLY A 81 0.56 -7.86 -7.81
N ASN A 82 0.43 -9.00 -7.13
CA ASN A 82 0.82 -10.28 -7.70
C ASN A 82 -0.29 -11.34 -7.77
N TYR A 83 -1.26 -11.27 -6.86
CA TYR A 83 -2.22 -12.37 -6.69
C TYR A 83 -3.68 -11.93 -6.68
N HIS A 84 -3.95 -10.85 -5.95
CA HIS A 84 -5.33 -10.42 -5.70
C HIS A 84 -5.67 -9.11 -6.41
N PRO A 85 -6.27 -9.18 -7.61
CA PRO A 85 -6.49 -7.97 -8.39
C PRO A 85 -7.66 -7.14 -7.88
N HIS A 86 -7.55 -6.63 -6.65
CA HIS A 86 -8.62 -5.84 -6.06
C HIS A 86 -8.08 -4.69 -5.21
N GLY A 87 -8.95 -4.06 -4.43
CA GLY A 87 -8.61 -2.84 -3.72
C GLY A 87 -7.77 -3.04 -2.47
N ASP A 88 -6.89 -2.08 -2.21
CA ASP A 88 -6.01 -2.14 -1.05
C ASP A 88 -6.78 -2.05 0.26
N SER A 89 -7.89 -1.33 0.24
CA SER A 89 -8.67 -1.10 1.46
C SER A 89 -9.25 -2.38 2.04
N SER A 90 -10.01 -3.13 1.23
CA SER A 90 -10.68 -4.33 1.72
C SER A 90 -9.70 -5.48 1.96
N ILE A 91 -8.58 -5.47 1.26
CA ILE A 91 -7.55 -6.48 1.49
C ILE A 91 -6.93 -6.29 2.87
N TYR A 92 -6.73 -5.03 3.25
CA TYR A 92 -6.19 -4.75 4.58
C TYR A 92 -7.15 -5.24 5.66
N ASP A 93 -8.45 -5.04 5.44
CA ASP A 93 -9.46 -5.52 6.38
C ASP A 93 -9.40 -7.02 6.56
N SER A 94 -9.13 -7.74 5.47
CA SER A 94 -9.05 -9.19 5.53
C SER A 94 -7.80 -9.65 6.27
N LEU A 95 -6.69 -8.95 6.04
CA LEU A 95 -5.45 -9.25 6.75
C LEU A 95 -5.64 -8.97 8.24
N VAL A 96 -6.26 -7.83 8.55
CA VAL A 96 -6.47 -7.42 9.92
C VAL A 96 -7.30 -8.44 10.69
N ARG A 97 -8.40 -8.90 10.10
CA ARG A 97 -9.29 -9.84 10.78
C ARG A 97 -8.51 -11.09 11.19
N MET A 98 -7.62 -11.55 10.31
CA MET A 98 -6.84 -12.76 10.56
C MET A 98 -5.82 -12.58 11.68
N ALA A 99 -5.73 -11.37 12.25
CA ALA A 99 -4.80 -11.09 13.33
C ALA A 99 -5.51 -10.83 14.65
N GLN A 100 -6.83 -10.80 14.61
CA GLN A 100 -7.64 -10.51 15.80
C GLN A 100 -7.93 -11.78 16.61
N PRO A 101 -7.50 -11.82 17.89
CA PRO A 101 -7.71 -13.02 18.70
C PRO A 101 -9.18 -13.32 19.02
N TRP A 102 -10.06 -12.33 18.87
CA TRP A 102 -11.48 -12.52 19.16
C TRP A 102 -12.26 -12.92 17.90
N SER A 103 -11.59 -12.85 16.74
CA SER A 103 -12.19 -13.26 15.49
C SER A 103 -11.76 -14.67 15.12
N LEU A 104 -10.44 -14.89 15.04
CA LEU A 104 -9.90 -16.23 14.75
C LEU A 104 -9.55 -16.97 16.03
N ARG A 105 -10.01 -18.22 16.11
CA ARG A 105 -9.67 -19.09 17.24
C ARG A 105 -8.17 -19.33 17.28
N TYR A 106 -7.56 -19.37 16.10
CA TYR A 106 -6.12 -19.55 15.96
C TYR A 106 -5.60 -18.57 14.90
N PRO A 107 -5.30 -17.33 15.31
CA PRO A 107 -4.84 -16.29 14.40
C PRO A 107 -3.71 -16.73 13.49
N LEU A 108 -3.80 -16.32 12.22
CA LEU A 108 -2.80 -16.66 11.22
C LEU A 108 -1.85 -15.49 10.97
N VAL A 109 -2.22 -14.31 11.47
CA VAL A 109 -1.38 -13.14 11.34
C VAL A 109 -0.98 -12.62 12.72
N ASP A 110 0.32 -12.37 12.88
CA ASP A 110 0.85 -11.73 14.07
C ASP A 110 0.84 -10.23 13.85
N GLY A 111 -0.16 -9.57 14.42
CA GLY A 111 -0.32 -8.14 14.27
C GLY A 111 0.44 -7.35 15.33
N GLN A 112 1.06 -6.25 14.91
CA GLN A 112 1.73 -5.33 15.82
C GLN A 112 1.14 -3.94 15.64
N GLY A 113 0.45 -3.47 16.68
CA GLY A 113 -0.19 -2.17 16.65
C GLY A 113 -1.64 -2.26 17.05
N ASN A 114 -2.43 -1.27 16.64
CA ASN A 114 -3.84 -1.24 16.96
C ASN A 114 -4.66 -1.93 15.87
N PHE A 115 -5.09 -3.15 16.18
CA PHE A 115 -5.90 -3.95 15.26
C PHE A 115 -7.37 -3.96 15.68
N GLY A 116 -7.76 -2.94 16.43
CA GLY A 116 -9.15 -2.76 16.83
C GLY A 116 -9.50 -3.48 18.12
N SER A 117 -10.80 -3.56 18.40
CA SER A 117 -11.29 -4.23 19.59
C SER A 117 -12.56 -5.01 19.27
N PRO A 118 -13.01 -5.86 20.22
CA PRO A 118 -14.29 -6.56 20.04
C PRO A 118 -15.48 -5.60 19.97
N GLY A 119 -15.26 -4.34 20.34
CA GLY A 119 -16.28 -3.32 20.28
C GLY A 119 -16.23 -2.54 18.98
N ASN A 120 -16.59 -1.26 19.05
CA ASN A 120 -16.66 -0.41 17.86
C ASN A 120 -15.36 0.36 17.59
N ASP A 121 -14.34 0.15 18.41
CA ASP A 121 -13.05 0.81 18.20
C ASP A 121 -12.41 0.25 16.93
N PRO A 122 -12.34 1.05 15.85
CA PRO A 122 -11.86 0.51 14.58
C PRO A 122 -10.36 0.24 14.57
N PRO A 123 -9.89 -0.65 13.69
CA PRO A 123 -8.45 -0.91 13.60
C PRO A 123 -7.70 0.32 13.09
N ALA A 124 -6.43 0.44 13.43
CA ALA A 124 -5.63 1.56 12.95
C ALA A 124 -5.46 1.44 11.44
N ALA A 125 -5.11 2.55 10.81
CA ALA A 125 -4.90 2.57 9.37
C ALA A 125 -3.69 1.72 9.01
N MET A 126 -3.66 1.29 7.75
CA MET A 126 -2.57 0.48 7.21
C MET A 126 -1.18 1.03 7.56
N ARG A 127 -1.04 2.35 7.54
CA ARG A 127 0.25 3.00 7.74
C ARG A 127 0.80 2.80 9.15
N PTR A 128 -0.07 2.55 10.11
CA PTR A 128 0.32 2.48 11.49
C PTR A 128 0.57 1.12 12.02
O PTR A 128 1.10 0.98 13.09
CB PTR A 128 -0.81 2.99 12.33
CG PTR A 128 -1.02 4.45 12.17
CD1 PTR A 128 -2.29 4.93 11.99
CD2 PTR A 128 0.03 5.31 12.23
CE1 PTR A 128 -2.50 6.27 11.85
CE2 PTR A 128 -0.18 6.64 12.08
CZ PTR A 128 -1.44 7.12 11.91
OH PTR A 128 -1.58 8.44 11.75
P PTR A 128 -2.98 9.16 11.66
O1P PTR A 128 -3.49 8.84 10.31
O2P PTR A 128 -2.54 10.57 11.79
O3P PTR A 128 -3.89 8.65 12.72
HA PTR A 128 1.12 3.02 11.65
HB2 PTR A 128 -1.63 2.54 12.07
HB3 PTR A 128 -0.62 2.82 13.27
HD1 PTR A 128 -3.00 4.34 11.95
HD2 PTR A 128 0.89 4.99 12.36
HE1 PTR A 128 -3.35 6.59 11.72
HE2 PTR A 128 0.54 7.23 12.13
N THR A 129 0.17 0.10 11.30
CA THR A 129 0.31 -1.27 11.80
C THR A 129 1.40 -2.02 11.06
N GLU A 130 1.97 -3.00 11.75
CA GLU A 130 2.93 -3.92 11.16
C GLU A 130 2.35 -5.33 11.27
N ALA A 131 2.90 -6.28 10.53
CA ALA A 131 2.35 -7.63 10.51
C ALA A 131 3.33 -8.66 9.98
N ARG A 132 3.15 -9.89 10.44
CA ARG A 132 3.91 -11.02 9.93
C ARG A 132 3.08 -12.27 10.15
N LEU A 133 3.54 -13.39 9.60
CA LEU A 133 2.85 -14.66 9.76
C LEU A 133 3.04 -15.20 11.17
N THR A 134 2.04 -15.91 11.68
CA THR A 134 2.16 -16.58 12.98
C THR A 134 2.80 -17.95 12.77
N PRO A 135 3.32 -18.54 13.86
CA PRO A 135 3.88 -19.90 13.77
C PRO A 135 2.90 -20.93 13.21
N LEU A 136 1.62 -20.83 13.56
CA LEU A 136 0.63 -21.76 13.05
C LEU A 136 0.38 -21.54 11.55
N ALA A 137 0.46 -20.28 11.12
CA ALA A 137 0.31 -19.97 9.71
C ALA A 137 1.49 -20.54 8.93
N MET A 138 2.61 -20.69 9.62
CA MET A 138 3.80 -21.28 9.02
C MET A 138 3.57 -22.78 8.80
N GLU A 139 2.66 -23.36 9.57
CA GLU A 139 2.29 -24.76 9.40
C GLU A 139 1.29 -24.90 8.25
N MET A 140 0.55 -23.82 7.97
CA MET A 140 -0.34 -23.81 6.82
C MET A 140 0.46 -23.91 5.53
N LEU A 141 1.65 -23.32 5.56
CA LEU A 141 2.49 -23.18 4.37
C LEU A 141 3.67 -24.14 4.37
N ARG A 142 3.73 -25.01 5.37
CA ARG A 142 4.86 -25.93 5.54
C ARG A 142 5.13 -26.76 4.30
N GLU A 143 6.35 -26.62 3.77
CA GLU A 143 6.83 -27.42 2.64
C GLU A 143 5.98 -27.21 1.39
N ILE A 144 5.46 -25.99 1.22
CA ILE A 144 4.70 -25.63 0.04
C ILE A 144 5.62 -25.57 -1.18
N ASP A 145 6.91 -25.40 -0.92
CA ASP A 145 7.90 -25.26 -1.98
C ASP A 145 8.47 -26.61 -2.42
N GLU A 146 7.83 -27.69 -1.98
CA GLU A 146 8.27 -29.04 -2.33
C GLU A 146 7.21 -29.73 -3.19
N GLU A 147 6.51 -28.93 -3.99
CA GLU A 147 5.51 -29.43 -4.93
C GLU A 147 4.42 -30.23 -4.22
N THR A 148 4.01 -29.76 -3.04
CA THR A 148 2.99 -30.42 -2.24
C THR A 148 1.57 -30.02 -2.66
N VAL A 149 1.46 -28.94 -3.42
CA VAL A 149 0.17 -28.46 -3.89
C VAL A 149 0.28 -27.91 -5.31
N ASP A 150 -0.82 -27.99 -6.05
CA ASP A 150 -0.84 -27.48 -7.42
C ASP A 150 -0.76 -25.96 -7.45
N PHE A 151 0.07 -25.45 -8.35
CA PHE A 151 0.20 -24.02 -8.60
C PHE A 151 -0.40 -23.68 -9.96
N ILE A 152 -1.03 -22.52 -10.04
CA ILE A 152 -1.56 -22.02 -11.31
C ILE A 152 -1.04 -20.61 -11.57
N PRO A 153 -1.07 -20.16 -12.83
CA PRO A 153 -0.66 -18.78 -13.11
C PRO A 153 -1.58 -17.77 -12.44
N ASN A 154 -1.03 -16.62 -12.03
CA ASN A 154 -1.81 -15.59 -11.36
C ASN A 154 -2.74 -14.88 -12.34
N TYR A 155 -3.22 -13.70 -11.96
CA TYR A 155 -4.27 -13.05 -12.75
C TYR A 155 -3.75 -12.45 -14.06
N ASP A 156 -2.43 -12.35 -14.20
CA ASP A 156 -1.83 -11.84 -15.43
C ASP A 156 -0.71 -12.73 -15.96
N GLY A 157 -0.57 -13.93 -15.40
CA GLY A 157 0.36 -14.91 -15.89
C GLY A 157 1.82 -14.60 -15.59
N ARG A 158 2.06 -13.51 -14.86
CA ARG A 158 3.43 -13.12 -14.50
C ARG A 158 4.08 -14.10 -13.54
N VAL A 159 3.32 -14.56 -12.56
CA VAL A 159 3.85 -15.46 -11.53
C VAL A 159 2.86 -16.58 -11.20
N GLN A 160 3.33 -17.56 -10.45
CA GLN A 160 2.51 -18.69 -10.03
C GLN A 160 1.96 -18.46 -8.63
N GLU A 161 0.75 -18.95 -8.37
CA GLU A 161 0.17 -18.94 -7.03
C GLU A 161 -0.39 -20.31 -6.69
N PRO A 162 -0.44 -20.66 -5.40
CA PRO A 162 -0.96 -21.96 -4.99
C PRO A 162 -2.48 -22.04 -5.04
N THR A 163 -3.00 -23.16 -5.55
CA THR A 163 -4.44 -23.40 -5.60
C THR A 163 -4.97 -23.66 -4.20
N VAL A 164 -4.14 -24.29 -3.37
CA VAL A 164 -4.49 -24.60 -2.00
C VAL A 164 -3.20 -24.68 -1.19
N LEU A 165 -3.29 -24.47 0.13
CA LEU A 165 -2.12 -24.58 0.99
C LEU A 165 -2.01 -25.98 1.57
N PRO A 166 -0.78 -26.40 1.92
CA PRO A 166 -0.58 -27.70 2.58
C PRO A 166 -1.47 -27.87 3.80
N SER A 167 -1.64 -26.79 4.57
CA SER A 167 -2.52 -26.79 5.74
C SER A 167 -2.25 -27.99 6.64
N ARG A 168 -1.14 -27.94 7.37
CA ARG A 168 -0.72 -29.06 8.20
C ARG A 168 -1.44 -29.10 9.55
N PHE A 169 -2.53 -28.34 9.66
CA PHE A 169 -3.47 -28.51 10.75
C PHE A 169 -4.87 -28.17 10.23
N PRO A 170 -5.91 -28.88 10.72
CA PRO A 170 -7.25 -28.74 10.15
C PRO A 170 -7.84 -27.34 10.37
N ASN A 171 -7.50 -26.43 9.46
CA ASN A 171 -7.79 -25.01 9.64
C ASN A 171 -9.27 -24.66 9.48
N LEU A 172 -9.97 -25.36 8.60
CA LEU A 172 -11.39 -25.07 8.36
C LEU A 172 -12.19 -25.25 9.64
N LEU A 173 -12.00 -26.37 10.31
CA LEU A 173 -12.73 -26.67 11.54
C LEU A 173 -12.17 -25.88 12.70
N ALA A 174 -10.85 -25.68 12.71
CA ALA A 174 -10.20 -24.98 13.81
C ALA A 174 -10.65 -23.52 13.88
N ASN A 175 -10.48 -22.80 12.78
CA ASN A 175 -10.81 -21.38 12.73
C ASN A 175 -12.22 -21.10 12.23
N GLY A 176 -12.85 -22.09 11.62
CA GLY A 176 -14.21 -21.93 11.13
C GLY A 176 -14.24 -21.01 9.92
N SER A 177 -15.44 -20.66 9.48
CA SER A 177 -15.62 -19.78 8.34
C SER A 177 -17.06 -19.31 8.23
N GLY A 178 -17.23 -18.03 7.89
CA GLY A 178 -18.53 -17.46 7.63
C GLY A 178 -18.46 -16.65 6.35
N GLY A 179 -19.41 -16.88 5.45
CA GLY A 179 -19.39 -16.21 4.16
C GLY A 179 -20.73 -16.16 3.47
N ILE A 180 -21.02 -15.02 2.86
CA ILE A 180 -22.26 -14.82 2.10
C ILE A 180 -21.96 -14.86 0.61
N ALA A 181 -22.52 -15.87 -0.08
CA ALA A 181 -22.33 -16.02 -1.52
C ALA A 181 -23.62 -15.64 -2.25
N VAL A 182 -23.90 -16.31 -3.37
CA VAL A 182 -25.15 -16.12 -4.09
C VAL A 182 -25.94 -17.42 -4.10
N GLY A 183 -27.19 -17.37 -3.65
CA GLY A 183 -28.02 -18.55 -3.57
C GLY A 183 -27.70 -19.40 -2.34
N MET A 184 -26.61 -19.08 -1.65
CA MET A 184 -26.18 -19.84 -0.48
C MET A 184 -25.17 -19.07 0.35
N ALA A 185 -24.93 -19.55 1.56
CA ALA A 185 -23.97 -18.94 2.48
C ALA A 185 -23.43 -20.00 3.42
N THR A 186 -22.26 -19.75 3.99
CA THR A 186 -21.63 -20.70 4.91
C THR A 186 -21.49 -20.08 6.30
N ASN A 187 -21.47 -20.94 7.31
CA ASN A 187 -21.27 -20.50 8.68
C ASN A 187 -20.76 -21.66 9.54
N ILE A 188 -19.46 -21.92 9.46
CA ILE A 188 -18.82 -22.99 10.21
C ILE A 188 -18.16 -22.44 11.47
N PRO A 189 -18.50 -22.98 12.65
CA PRO A 189 -17.90 -22.45 13.87
C PRO A 189 -16.48 -22.95 14.08
N PRO A 190 -15.67 -22.25 14.88
CA PRO A 190 -14.31 -22.71 15.19
C PRO A 190 -14.32 -23.86 16.19
N HIS A 191 -13.22 -24.60 16.28
CA HIS A 191 -13.12 -25.74 17.17
C HIS A 191 -11.77 -25.80 17.88
N ASN A 192 -11.71 -26.60 18.94
CA ASN A 192 -10.49 -26.79 19.70
C ASN A 192 -9.53 -27.71 18.96
N LEU A 193 -8.32 -27.22 18.70
CA LEU A 193 -7.35 -27.94 17.89
C LEU A 193 -7.03 -29.33 18.44
N ARG A 194 -6.91 -29.44 19.76
CA ARG A 194 -6.57 -30.72 20.39
C ARG A 194 -7.67 -31.75 20.16
N GLU A 195 -8.91 -31.29 20.17
CA GLU A 195 -10.06 -32.16 19.94
C GLU A 195 -10.12 -32.59 18.48
N LEU A 196 -9.80 -31.66 17.58
CA LEU A 196 -9.77 -31.95 16.16
C LEU A 196 -8.69 -32.97 15.85
N ALA A 197 -7.55 -32.83 16.50
CA ALA A 197 -6.41 -33.72 16.26
C ALA A 197 -6.77 -35.16 16.63
N ASP A 198 -7.47 -35.32 17.75
CA ASP A 198 -7.91 -36.64 18.18
C ASP A 198 -8.81 -37.28 17.13
N ALA A 199 -9.69 -36.47 16.53
CA ALA A 199 -10.57 -36.94 15.48
C ALA A 199 -9.76 -37.38 14.27
N VAL A 200 -8.72 -36.62 13.94
CA VAL A 200 -7.85 -36.95 12.81
C VAL A 200 -7.05 -38.21 13.10
N PHE A 201 -6.57 -38.32 14.34
CA PHE A 201 -5.79 -39.49 14.74
C PHE A 201 -6.63 -40.76 14.61
N TRP A 202 -7.91 -40.65 14.93
CA TRP A 202 -8.82 -41.79 14.83
C TRP A 202 -9.10 -42.13 13.36
N ALA A 203 -9.27 -41.09 12.56
CA ALA A 203 -9.55 -41.27 11.13
C ALA A 203 -8.39 -41.94 10.43
N LEU A 204 -7.18 -41.70 10.93
CA LEU A 204 -5.98 -42.31 10.37
C LEU A 204 -5.85 -43.77 10.78
N GLU A 205 -6.10 -44.04 12.05
CA GLU A 205 -6.02 -45.40 12.56
C GLU A 205 -7.13 -46.26 11.95
N ASN A 206 -8.36 -45.74 11.99
CA ASN A 206 -9.51 -46.41 11.40
C ASN A 206 -9.79 -45.87 10.00
N HIS A 207 -8.84 -46.07 9.10
CA HIS A 207 -8.92 -45.53 7.74
C HIS A 207 -9.93 -46.26 6.85
N ASP A 208 -10.35 -47.45 7.27
CA ASP A 208 -11.29 -48.25 6.50
C ASP A 208 -12.72 -48.14 7.05
N ALA A 209 -12.86 -47.49 8.20
CA ALA A 209 -14.16 -47.34 8.83
C ALA A 209 -15.13 -46.62 7.90
N ASP A 210 -16.38 -47.08 7.91
CA ASP A 210 -17.42 -46.46 7.09
C ASP A 210 -17.88 -45.15 7.71
N GLU A 211 -18.75 -44.43 7.00
CA GLU A 211 -19.22 -43.13 7.46
C GLU A 211 -20.04 -43.23 8.74
N GLU A 212 -20.75 -44.34 8.90
CA GLU A 212 -21.58 -44.57 10.09
C GLU A 212 -20.72 -44.61 11.35
N GLU A 213 -19.64 -45.39 11.29
CA GLU A 213 -18.74 -45.53 12.42
C GLU A 213 -17.90 -44.28 12.62
N THR A 214 -17.42 -43.71 11.52
CA THR A 214 -16.55 -42.53 11.57
C THR A 214 -17.25 -41.34 12.22
N LEU A 215 -18.51 -41.11 11.85
CA LEU A 215 -19.27 -39.99 12.39
C LEU A 215 -19.45 -40.14 13.90
N ALA A 216 -19.69 -41.37 14.33
CA ALA A 216 -19.86 -41.65 15.76
C ALA A 216 -18.56 -41.39 16.52
N ALA A 217 -17.45 -41.78 15.91
CA ALA A 217 -16.13 -41.63 16.53
C ALA A 217 -15.70 -40.17 16.61
N VAL A 218 -15.85 -39.47 15.50
CA VAL A 218 -15.43 -38.07 15.42
C VAL A 218 -16.29 -37.17 16.30
N MET A 219 -17.57 -37.52 16.44
CA MET A 219 -18.49 -36.72 17.24
C MET A 219 -18.19 -36.84 18.73
N GLY A 220 -17.62 -37.97 19.13
CA GLY A 220 -17.25 -38.19 20.52
C GLY A 220 -16.01 -37.43 20.93
N ARG A 221 -15.15 -37.12 19.96
CA ARG A 221 -13.88 -36.47 20.22
C ARG A 221 -13.96 -34.96 20.02
N VAL A 222 -14.71 -34.54 19.02
CA VAL A 222 -15.01 -33.11 18.83
C VAL A 222 -16.26 -32.83 19.65
N LYS A 223 -16.06 -32.36 20.88
CA LYS A 223 -17.16 -32.21 21.82
C LYS A 223 -18.08 -31.06 21.43
N GLY A 224 -17.60 -30.17 20.57
CA GLY A 224 -18.37 -29.04 20.13
C GLY A 224 -17.48 -27.89 19.72
N PRO A 225 -18.08 -26.78 19.26
CA PRO A 225 -17.30 -25.60 18.90
C PRO A 225 -16.52 -25.04 20.08
N ASP A 226 -15.36 -24.45 19.79
CA ASP A 226 -14.56 -23.79 20.80
C ASP A 226 -14.29 -22.38 20.32
N PHE A 227 -15.05 -21.42 20.82
CA PHE A 227 -14.98 -20.05 20.36
C PHE A 227 -13.82 -19.29 20.99
N PRO A 228 -13.19 -18.38 20.23
CA PRO A 228 -12.11 -17.57 20.80
C PRO A 228 -12.60 -16.66 21.92
N THR A 229 -13.88 -16.33 21.90
CA THR A 229 -14.46 -15.43 22.88
C THR A 229 -14.95 -16.15 24.13
N ALA A 230 -14.56 -17.43 24.26
CA ALA A 230 -14.98 -18.27 25.38
C ALA A 230 -16.50 -18.37 25.46
N GLY A 231 -17.08 -18.07 26.62
CA GLY A 231 -18.52 -18.14 26.79
C GLY A 231 -19.00 -19.54 27.11
N LEU A 232 -20.28 -19.79 26.85
CA LEU A 232 -20.90 -21.08 27.13
C LEU A 232 -21.66 -21.62 25.93
N ILE A 233 -21.77 -22.95 25.88
CA ILE A 233 -22.68 -23.62 24.95
C ILE A 233 -23.74 -24.34 25.78
N VAL A 234 -25.00 -23.95 25.58
CA VAL A 234 -26.11 -24.55 26.31
C VAL A 234 -26.79 -25.60 25.43
N GLY A 235 -26.90 -26.82 25.94
CA GLY A 235 -27.54 -27.90 25.22
C GLY A 235 -26.57 -28.66 24.35
N SER A 236 -27.03 -29.77 23.77
CA SER A 236 -26.19 -30.64 22.96
C SER A 236 -26.85 -30.98 21.62
N GLN A 237 -28.14 -30.68 21.50
CA GLN A 237 -28.90 -31.03 20.30
C GLN A 237 -28.38 -30.28 19.06
N GLY A 238 -28.25 -28.97 19.18
CA GLY A 238 -27.83 -28.14 18.07
C GLY A 238 -26.49 -28.55 17.52
N THR A 239 -25.55 -28.86 18.42
CA THR A 239 -24.22 -29.32 18.02
C THR A 239 -24.33 -30.64 17.25
N ALA A 240 -25.14 -31.55 17.76
CA ALA A 240 -25.32 -32.85 17.12
C ALA A 240 -25.93 -32.70 15.72
N ASP A 241 -26.90 -31.82 15.59
CA ASP A 241 -27.54 -31.55 14.31
C ASP A 241 -26.52 -31.08 13.28
N ALA A 242 -25.68 -30.12 13.68
CA ALA A 242 -24.70 -29.54 12.80
C ALA A 242 -23.72 -30.59 12.26
N TYR A 243 -23.34 -31.55 13.09
CA TYR A 243 -22.37 -32.56 12.70
C TYR A 243 -22.98 -33.68 11.86
N LYS A 244 -24.27 -33.95 12.07
CA LYS A 244 -24.94 -35.04 11.35
C LYS A 244 -25.68 -34.56 10.11
N THR A 245 -26.12 -33.30 10.13
CA THR A 245 -26.93 -32.74 9.06
C THR A 245 -26.12 -31.78 8.20
N GLY A 246 -25.21 -31.05 8.85
CA GLY A 246 -24.52 -29.94 8.22
C GLY A 246 -25.24 -28.65 8.56
N ARG A 247 -26.32 -28.76 9.33
CA ARG A 247 -27.07 -27.60 9.79
C ARG A 247 -27.54 -27.81 11.23
N GLY A 248 -27.40 -26.78 12.05
CA GLY A 248 -27.79 -26.86 13.45
C GLY A 248 -27.71 -25.52 14.16
N SER A 249 -28.59 -25.31 15.13
CA SER A 249 -28.63 -24.06 15.89
C SER A 249 -28.02 -24.25 17.28
N ILE A 250 -26.82 -23.71 17.46
CA ILE A 250 -26.08 -23.87 18.71
C ILE A 250 -26.28 -22.67 19.62
N ARG A 251 -26.83 -22.92 20.80
CA ARG A 251 -27.14 -21.89 21.77
C ARG A 251 -25.91 -21.47 22.56
N MET A 252 -25.54 -20.19 22.45
CA MET A 252 -24.39 -19.64 23.16
C MET A 252 -24.83 -18.75 24.32
N ARG A 253 -23.97 -18.61 25.32
CA ARG A 253 -24.20 -17.70 26.43
C ARG A 253 -22.91 -17.08 26.93
N GLY A 254 -23.02 -15.89 27.49
CA GLY A 254 -21.89 -15.26 28.16
C GLY A 254 -21.77 -15.82 29.55
N VAL A 255 -20.88 -15.25 30.35
CA VAL A 255 -20.70 -15.64 31.75
C VAL A 255 -21.12 -14.51 32.65
N VAL A 256 -22.05 -14.79 33.57
CA VAL A 256 -22.55 -13.80 34.50
C VAL A 256 -22.26 -14.23 35.93
N GLU A 257 -21.74 -13.30 36.71
CA GLU A 257 -21.39 -13.56 38.11
C GLU A 257 -22.04 -12.52 39.01
N VAL A 258 -22.94 -12.97 39.87
CA VAL A 258 -23.64 -12.07 40.79
C VAL A 258 -22.75 -11.71 41.96
N GLU A 259 -22.60 -10.41 42.21
CA GLU A 259 -21.81 -9.91 43.33
C GLU A 259 -22.70 -9.13 44.29
N GLU A 260 -22.45 -9.31 45.59
CA GLU A 260 -23.23 -8.62 46.61
C GLU A 260 -22.45 -7.44 47.18
N ASP A 261 -22.91 -6.23 46.89
CA ASP A 261 -22.27 -5.01 47.37
C ASP A 261 -22.25 -4.99 48.90
N SER A 262 -21.49 -4.05 49.45
CA SER A 262 -21.37 -3.91 50.90
C SER A 262 -22.62 -3.24 51.48
N ARG A 263 -23.27 -2.42 50.67
CA ARG A 263 -24.47 -1.71 51.10
C ARG A 263 -25.72 -2.42 50.59
N GLY A 264 -25.80 -3.72 50.86
CA GLY A 264 -26.95 -4.51 50.44
C GLY A 264 -27.36 -4.20 49.01
N ARG A 265 -26.45 -4.41 48.08
CA ARG A 265 -26.71 -4.16 46.66
C ARG A 265 -26.13 -5.27 45.80
N THR A 266 -26.99 -5.89 44.99
CA THR A 266 -26.56 -6.97 44.11
C THR A 266 -26.36 -6.46 42.68
N SER A 267 -25.27 -6.90 42.05
CA SER A 267 -24.96 -6.50 40.69
C SER A 267 -24.46 -7.67 39.87
N LEU A 268 -24.84 -7.67 38.60
CA LEU A 268 -24.46 -8.73 37.67
C LEU A 268 -23.19 -8.30 36.94
N VAL A 269 -22.18 -9.16 36.95
CA VAL A 269 -20.92 -8.87 36.27
C VAL A 269 -20.74 -9.80 35.08
N ILE A 270 -20.83 -9.25 33.88
CA ILE A 270 -20.65 -10.02 32.65
C ILE A 270 -19.19 -9.93 32.22
N THR A 271 -18.52 -11.07 32.22
CA THR A 271 -17.08 -11.13 31.94
C THR A 271 -16.80 -11.78 30.58
N GLU A 272 -17.81 -12.39 30.00
CA GLU A 272 -17.69 -13.04 28.69
C GLU A 272 -18.97 -12.87 27.90
N LEU A 273 -18.84 -12.84 26.57
CA LEU A 273 -20.00 -12.75 25.69
C LEU A 273 -19.90 -13.81 24.61
N PRO A 274 -21.03 -14.21 24.02
CA PRO A 274 -20.98 -15.21 22.96
C PRO A 274 -20.26 -14.71 21.71
N TYR A 275 -19.92 -15.64 20.83
CA TYR A 275 -19.13 -15.36 19.64
C TYR A 275 -19.78 -14.30 18.75
N GLN A 276 -18.95 -13.34 18.34
CA GLN A 276 -19.36 -12.28 17.40
C GLN A 276 -20.47 -11.39 17.97
N VAL A 277 -20.38 -11.10 19.27
CA VAL A 277 -21.25 -10.09 19.88
C VAL A 277 -20.43 -8.86 20.22
N ASN A 278 -20.75 -7.76 19.54
CA ASN A 278 -20.05 -6.50 19.75
C ASN A 278 -20.29 -5.99 21.16
N HIS A 279 -19.20 -5.76 21.89
CA HIS A 279 -19.27 -5.36 23.30
C HIS A 279 -20.04 -4.06 23.45
N ASP A 280 -19.76 -3.10 22.58
CA ASP A 280 -20.39 -1.79 22.67
C ASP A 280 -21.86 -1.85 22.28
N ASN A 281 -22.18 -2.62 21.24
CA ASN A 281 -23.57 -2.79 20.82
C ASN A 281 -24.38 -3.51 21.88
N PHE A 282 -23.71 -4.38 22.63
CA PHE A 282 -24.36 -5.10 23.71
C PHE A 282 -24.73 -4.15 24.84
N ILE A 283 -23.80 -3.27 25.20
CA ILE A 283 -24.06 -2.30 26.25
C ILE A 283 -25.12 -1.29 25.80
N THR A 284 -25.07 -0.92 24.53
CA THR A 284 -26.03 0.03 23.98
C THR A 284 -27.42 -0.58 23.97
N SER A 285 -27.51 -1.87 23.72
CA SER A 285 -28.79 -2.56 23.65
C SER A 285 -29.49 -2.58 25.01
N ILE A 286 -28.74 -2.95 26.06
CA ILE A 286 -29.31 -3.00 27.40
C ILE A 286 -29.67 -1.60 27.89
N ALA A 287 -28.91 -0.59 27.48
CA ALA A 287 -29.16 0.78 27.89
C ALA A 287 -30.44 1.32 27.26
N GLU A 288 -30.65 0.99 25.99
CA GLU A 288 -31.82 1.46 25.26
C GLU A 288 -33.08 0.68 25.63
N GLN A 289 -32.91 -0.54 26.13
CA GLN A 289 -34.04 -1.36 26.54
C GLN A 289 -34.41 -1.13 28.01
N VAL A 290 -33.70 -0.21 28.67
CA VAL A 290 -33.96 0.10 30.07
C VAL A 290 -34.43 1.54 30.22
N ARG A 291 -34.11 2.37 29.24
CA ARG A 291 -34.49 3.79 29.28
C ARG A 291 -35.89 3.99 28.72
N ASP A 292 -36.68 2.90 28.69
CA ASP A 292 -38.04 2.95 28.18
C ASP A 292 -38.97 2.13 29.07
N GLY A 293 -38.52 0.94 29.45
CA GLY A 293 -39.30 0.06 30.29
C GLY A 293 -39.48 -1.41 29.95
N LYS A 294 -38.37 -2.08 29.63
CA LYS A 294 -38.40 -3.42 29.06
C LYS A 294 -37.38 -4.32 29.75
N LEU A 295 -36.71 -3.78 30.75
CA LEU A 295 -35.72 -4.53 31.49
C LEU A 295 -35.69 -4.00 32.90
N ALA A 296 -36.87 -3.87 33.44
CA ALA A 296 -36.97 -3.36 34.80
C ALA A 296 -36.16 -4.26 35.74
N GLY A 297 -35.91 -3.75 36.95
CA GLY A 297 -35.07 -4.46 37.89
C GLY A 297 -33.63 -3.98 37.80
N ILE A 298 -33.25 -3.47 36.63
CA ILE A 298 -31.93 -2.89 36.44
C ILE A 298 -31.92 -1.46 36.97
N SER A 299 -30.89 -1.13 37.74
CA SER A 299 -30.76 0.18 38.36
C SER A 299 -29.68 1.03 37.67
N ASN A 300 -28.58 0.39 37.31
CA ASN A 300 -27.43 1.10 36.76
C ASN A 300 -26.54 0.22 35.90
N ILE A 301 -26.04 0.79 34.80
CA ILE A 301 -25.14 0.09 33.87
C ILE A 301 -23.78 0.78 33.84
N GLU A 302 -22.73 0.04 34.20
CA GLU A 302 -21.39 0.59 34.25
C GLU A 302 -20.36 -0.34 33.61
N ASP A 303 -19.64 0.18 32.63
CA ASP A 303 -18.62 -0.58 31.92
C ASP A 303 -17.25 -0.39 32.58
N GLN A 304 -16.87 -1.35 33.42
CA GLN A 304 -15.61 -1.28 34.15
C GLN A 304 -14.51 -2.04 33.40
N SER A 305 -14.70 -2.23 32.11
CA SER A 305 -13.73 -2.95 31.28
C SER A 305 -12.42 -2.18 31.15
N SER A 306 -11.33 -2.91 30.96
CA SER A 306 -10.04 -2.32 30.68
C SER A 306 -9.13 -3.33 29.99
N ASP A 307 -7.98 -2.88 29.52
CA ASP A 307 -7.02 -3.76 28.87
C ASP A 307 -6.45 -4.79 29.85
N ARG A 308 -6.62 -4.52 31.14
CA ARG A 308 -6.00 -5.33 32.19
C ARG A 308 -6.93 -6.35 32.84
N VAL A 309 -8.23 -6.06 32.86
CA VAL A 309 -9.21 -6.98 33.45
C VAL A 309 -10.09 -7.63 32.39
N GLY A 310 -9.95 -7.18 31.14
CA GLY A 310 -10.76 -7.68 30.06
C GLY A 310 -12.19 -7.14 30.14
N LEU A 311 -13.13 -7.92 29.62
CA LEU A 311 -14.54 -7.53 29.66
C LEU A 311 -15.06 -7.54 31.09
N ARG A 312 -15.77 -6.47 31.47
CA ARG A 312 -16.36 -6.38 32.79
C ARG A 312 -17.50 -5.37 32.81
N ILE A 313 -18.70 -5.86 32.51
CA ILE A 313 -19.91 -5.03 32.49
C ILE A 313 -20.71 -5.27 33.76
N VAL A 314 -20.76 -4.25 34.62
CA VAL A 314 -21.45 -4.34 35.90
C VAL A 314 -22.89 -3.82 35.79
N ILE A 315 -23.86 -4.70 36.05
CA ILE A 315 -25.27 -4.34 36.03
C ILE A 315 -25.85 -4.38 37.44
N GLU A 316 -25.90 -3.23 38.08
CA GLU A 316 -26.51 -3.11 39.40
C GLU A 316 -28.02 -3.21 39.25
N ILE A 317 -28.65 -4.07 40.06
CA ILE A 317 -30.10 -4.27 39.99
C ILE A 317 -30.78 -3.75 41.25
N LYS A 318 -32.07 -3.42 41.13
CA LYS A 318 -32.82 -2.88 42.25
C LYS A 318 -32.98 -3.96 43.33
N ARG A 319 -33.24 -3.52 44.56
CA ARG A 319 -33.37 -4.45 45.68
C ARG A 319 -34.64 -5.31 45.61
N ASP A 320 -35.69 -4.77 44.99
CA ASP A 320 -36.93 -5.53 44.80
C ASP A 320 -36.89 -6.26 43.46
N ALA A 321 -35.72 -6.77 43.11
CA ALA A 321 -35.52 -7.51 41.87
C ALA A 321 -34.67 -8.75 42.14
N VAL A 322 -35.08 -9.88 41.58
CA VAL A 322 -34.33 -11.12 41.73
C VAL A 322 -33.28 -11.20 40.64
N ALA A 323 -32.06 -11.57 41.03
CA ALA A 323 -30.94 -11.63 40.10
C ALA A 323 -31.22 -12.57 38.94
N LYS A 324 -31.72 -13.76 39.25
CA LYS A 324 -31.96 -14.78 38.24
C LYS A 324 -33.04 -14.34 37.25
N VAL A 325 -34.02 -13.58 37.74
CA VAL A 325 -35.06 -13.03 36.89
C VAL A 325 -34.47 -12.04 35.89
N VAL A 326 -33.60 -11.19 36.37
CA VAL A 326 -32.96 -10.18 35.54
C VAL A 326 -32.03 -10.85 34.52
N ILE A 327 -31.34 -11.89 34.93
CA ILE A 327 -30.44 -12.61 34.03
C ILE A 327 -31.23 -13.30 32.92
N ASN A 328 -32.37 -13.89 33.27
CA ASN A 328 -33.22 -14.51 32.27
C ASN A 328 -33.79 -13.46 31.32
N ASN A 329 -34.10 -12.29 31.86
CA ASN A 329 -34.58 -11.18 31.04
C ASN A 329 -33.49 -10.72 30.08
N LEU A 330 -32.23 -10.78 30.54
CA LEU A 330 -31.09 -10.44 29.69
C LEU A 330 -30.89 -11.48 28.60
N TYR A 331 -31.05 -12.75 28.96
CA TYR A 331 -30.93 -13.83 27.99
C TYR A 331 -31.94 -13.67 26.86
N LYS A 332 -33.16 -13.29 27.22
CA LYS A 332 -34.26 -13.18 26.26
C LYS A 332 -34.14 -11.97 25.35
N HIS A 333 -33.86 -10.81 25.94
CA HIS A 333 -33.97 -9.54 25.22
C HIS A 333 -32.62 -8.97 24.78
N THR A 334 -31.54 -9.73 24.98
CA THR A 334 -30.22 -9.29 24.52
C THR A 334 -29.40 -10.47 24.00
N GLN A 335 -28.22 -10.16 23.47
CA GLN A 335 -27.35 -11.18 22.92
C GLN A 335 -26.45 -11.80 23.97
N LEU A 336 -26.77 -11.58 25.24
CA LEU A 336 -26.10 -12.30 26.32
C LEU A 336 -26.36 -13.79 26.12
N GLN A 337 -27.51 -14.09 25.51
CA GLN A 337 -27.80 -15.41 24.98
C GLN A 337 -28.22 -15.26 23.52
N THR A 338 -27.43 -15.84 22.63
CA THR A 338 -27.71 -15.77 21.20
C THR A 338 -27.27 -17.06 20.53
N SER A 339 -27.94 -17.40 19.43
CA SER A 339 -27.71 -18.67 18.75
C SER A 339 -26.74 -18.54 17.59
N PHE A 340 -25.94 -19.58 17.39
CA PHE A 340 -25.04 -19.67 16.24
C PHE A 340 -25.69 -20.56 15.18
N GLY A 341 -26.10 -19.97 14.07
CA GLY A 341 -26.74 -20.70 12.99
C GLY A 341 -25.72 -21.44 12.14
N ALA A 342 -25.39 -22.66 12.53
CA ALA A 342 -24.38 -23.44 11.83
C ALA A 342 -24.89 -23.92 10.47
N ASN A 343 -24.05 -23.75 9.46
CA ASN A 343 -24.33 -24.23 8.11
C ASN A 343 -23.01 -24.65 7.48
N MET A 344 -22.70 -25.93 7.60
CA MET A 344 -21.37 -26.43 7.27
C MET A 344 -21.13 -26.52 5.77
N LEU A 345 -21.03 -25.35 5.12
CA LEU A 345 -20.87 -25.27 3.67
C LEU A 345 -19.44 -24.94 3.26
N ALA A 346 -18.85 -25.80 2.43
CA ALA A 346 -17.50 -25.58 1.95
C ALA A 346 -17.35 -26.07 0.51
N ILE A 347 -16.36 -25.53 -0.20
CA ILE A 347 -16.09 -25.92 -1.57
C ILE A 347 -15.31 -27.22 -1.60
N VAL A 348 -15.88 -28.24 -2.23
CA VAL A 348 -15.22 -29.53 -2.40
C VAL A 348 -15.00 -29.80 -3.88
N ASP A 349 -13.74 -29.81 -4.29
CA ASP A 349 -13.37 -30.08 -5.67
C ASP A 349 -14.06 -29.10 -6.63
N GLY A 350 -14.14 -27.84 -6.23
CA GLY A 350 -14.71 -26.80 -7.06
C GLY A 350 -16.23 -26.78 -7.02
N VAL A 351 -16.81 -27.54 -6.09
CA VAL A 351 -18.26 -27.63 -5.95
C VAL A 351 -18.67 -27.31 -4.51
N PRO A 352 -19.68 -26.44 -4.33
CA PRO A 352 -20.13 -26.15 -2.96
C PRO A 352 -20.91 -27.32 -2.39
N ARG A 353 -20.59 -27.70 -1.16
CA ARG A 353 -21.21 -28.86 -0.54
C ARG A 353 -21.37 -28.71 0.96
N THR A 354 -22.56 -29.06 1.46
CA THR A 354 -22.82 -29.12 2.88
C THR A 354 -22.37 -30.48 3.41
N LEU A 355 -21.49 -30.46 4.40
CA LEU A 355 -20.78 -31.67 4.82
C LEU A 355 -21.07 -32.08 6.26
N ARG A 356 -21.08 -33.39 6.50
CA ARG A 356 -21.13 -33.90 7.87
C ARG A 356 -19.75 -33.73 8.48
N LEU A 357 -19.65 -33.88 9.79
CA LEU A 357 -18.37 -33.72 10.47
C LEU A 357 -17.38 -34.82 10.05
N ASP A 358 -17.90 -36.01 9.76
CA ASP A 358 -17.03 -37.11 9.34
C ASP A 358 -16.47 -36.84 7.95
N GLN A 359 -17.24 -36.11 7.14
CA GLN A 359 -16.80 -35.76 5.79
C GLN A 359 -15.73 -34.68 5.84
N LEU A 360 -15.93 -33.70 6.72
CA LEU A 360 -14.98 -32.60 6.89
C LEU A 360 -13.62 -33.11 7.35
N ILE A 361 -13.63 -34.05 8.29
CA ILE A 361 -12.38 -34.65 8.77
C ILE A 361 -11.73 -35.48 7.67
N ARG A 362 -12.50 -36.40 7.10
CA ARG A 362 -12.01 -37.30 6.06
C ARG A 362 -11.37 -36.54 4.90
N TYR A 363 -12.06 -35.51 4.42
CA TYR A 363 -11.55 -34.72 3.31
C TYR A 363 -10.24 -34.04 3.65
N TYR A 364 -10.10 -33.62 4.91
CA TYR A 364 -8.86 -33.01 5.36
C TYR A 364 -7.74 -34.03 5.46
N VAL A 365 -8.05 -35.20 6.00
CA VAL A 365 -7.06 -36.26 6.13
C VAL A 365 -6.54 -36.66 4.75
N ASP A 366 -7.46 -36.76 3.79
CA ASP A 366 -7.11 -37.08 2.41
C ASP A 366 -6.12 -36.05 1.85
N HIS A 367 -6.36 -34.78 2.17
CA HIS A 367 -5.50 -33.70 1.71
C HIS A 367 -4.09 -33.85 2.29
N GLN A 368 -4.02 -34.22 3.57
CA GLN A 368 -2.74 -34.37 4.24
C GLN A 368 -1.96 -35.55 3.66
N LEU A 369 -2.65 -36.64 3.34
CA LEU A 369 -2.01 -37.80 2.73
C LEU A 369 -1.50 -37.46 1.33
N ASP A 370 -2.27 -36.68 0.60
CA ASP A 370 -1.86 -36.22 -0.72
C ASP A 370 -0.60 -35.37 -0.58
N VAL A 371 -0.61 -34.46 0.37
CA VAL A 371 0.53 -33.56 0.61
C VAL A 371 1.81 -34.33 0.89
N ILE A 372 1.72 -35.38 1.70
CA ILE A 372 2.90 -36.12 2.14
C ILE A 372 3.42 -37.06 1.05
N VAL A 373 2.51 -37.64 0.28
CA VAL A 373 2.92 -38.49 -0.83
C VAL A 373 3.61 -37.63 -1.89
N ARG A 374 3.07 -36.44 -2.13
CA ARG A 374 3.67 -35.51 -3.09
C ARG A 374 5.01 -35.00 -2.59
N ARG A 375 5.09 -34.70 -1.29
CA ARG A 375 6.35 -34.26 -0.69
C ARG A 375 7.41 -35.34 -0.83
N THR A 376 7.02 -36.58 -0.55
CA THR A 376 7.95 -37.71 -0.61
C THR A 376 8.47 -37.88 -2.03
N THR A 377 7.58 -37.76 -3.00
CA THR A 377 7.94 -37.91 -4.41
C THR A 377 8.94 -36.84 -4.82
N TYR A 378 8.70 -35.60 -4.42
CA TYR A 378 9.60 -34.49 -4.72
C TYR A 378 10.98 -34.74 -4.12
N ARG A 379 11.00 -35.17 -2.86
CA ARG A 379 12.25 -35.41 -2.15
C ARG A 379 13.01 -36.59 -2.76
N LEU A 380 12.27 -37.59 -3.22
CA LEU A 380 12.88 -38.76 -3.83
C LEU A 380 13.51 -38.40 -5.17
N ARG A 381 12.84 -37.53 -5.92
CA ARG A 381 13.37 -37.09 -7.21
C ARG A 381 14.64 -36.28 -7.00
N LYS A 382 14.60 -35.34 -6.06
CA LYS A 382 15.76 -34.50 -5.75
C LYS A 382 16.89 -35.34 -5.17
N ALA A 383 16.54 -36.37 -4.40
CA ALA A 383 17.54 -37.24 -3.81
C ALA A 383 18.26 -38.03 -4.89
N ASN A 384 17.49 -38.48 -5.89
CA ASN A 384 18.06 -39.23 -7.01
C ASN A 384 18.99 -38.35 -7.83
N GLU A 385 18.60 -37.09 -8.02
CA GLU A 385 19.42 -36.14 -8.75
C GLU A 385 20.74 -35.85 -8.04
N ARG A 386 20.65 -35.64 -6.72
CA ARG A 386 21.83 -35.35 -5.92
C ARG A 386 22.74 -36.56 -5.84
N ALA A 387 22.14 -37.74 -5.69
CA ALA A 387 22.89 -38.99 -5.67
C ALA A 387 23.57 -39.21 -7.02
N HIS A 388 22.86 -38.89 -8.08
CA HIS A 388 23.35 -39.07 -9.45
C HIS A 388 24.64 -38.28 -9.64
N ILE A 389 24.65 -37.03 -9.18
CA ILE A 389 25.83 -36.19 -9.29
C ILE A 389 26.93 -36.70 -8.36
N LEU A 390 26.55 -37.15 -7.18
CA LEU A 390 27.52 -37.66 -6.21
C LEU A 390 28.24 -38.88 -6.75
N ARG A 391 27.52 -39.74 -7.48
CA ARG A 391 28.12 -40.92 -8.08
C ARG A 391 29.25 -40.50 -9.03
N GLY A 392 29.04 -39.38 -9.73
CA GLY A 392 30.05 -38.86 -10.64
C GLY A 392 31.27 -38.35 -9.90
N LEU A 393 31.04 -37.72 -8.76
CA LEU A 393 32.13 -37.17 -7.95
C LEU A 393 33.03 -38.27 -7.39
N VAL A 394 32.42 -39.35 -6.90
CA VAL A 394 33.17 -40.45 -6.33
C VAL A 394 34.07 -41.10 -7.38
N LYS A 395 33.58 -41.18 -8.61
CA LYS A 395 34.37 -41.71 -9.71
C LYS A 395 35.57 -40.82 -9.97
N ALA A 396 35.37 -39.51 -9.84
CA ALA A 396 36.44 -38.54 -10.05
C ALA A 396 37.50 -38.68 -8.97
N LEU A 397 37.07 -38.98 -7.75
CA LEU A 397 38.00 -39.12 -6.62
C LEU A 397 38.82 -40.39 -6.72
N ASP A 398 38.22 -41.46 -7.22
CA ASP A 398 38.91 -42.74 -7.36
C ASP A 398 40.00 -42.67 -8.43
N ALA A 399 39.82 -41.78 -9.39
CA ALA A 399 40.79 -41.57 -10.47
C ALA A 399 41.24 -40.11 -10.51
N LEU A 400 41.43 -39.53 -9.34
CA LEU A 400 41.69 -38.09 -9.21
C LEU A 400 42.92 -37.62 -9.97
N ASP A 401 44.01 -38.39 -9.92
CA ASP A 401 45.24 -38.02 -10.60
C ASP A 401 45.02 -37.89 -12.11
N GLU A 402 44.15 -38.73 -12.65
CA GLU A 402 43.85 -38.70 -14.09
C GLU A 402 42.97 -37.51 -14.42
N VAL A 403 41.92 -37.30 -13.63
CA VAL A 403 40.96 -36.22 -13.84
C VAL A 403 41.65 -34.87 -14.06
N ILE A 404 42.70 -34.61 -13.28
CA ILE A 404 43.43 -33.36 -13.38
C ILE A 404 44.12 -33.20 -14.73
N ALA A 405 44.81 -34.26 -15.17
CA ALA A 405 45.59 -34.22 -16.40
C ALA A 405 44.76 -33.89 -17.64
N LEU A 406 43.55 -34.45 -17.72
CA LEU A 406 42.72 -34.26 -18.91
C LEU A 406 42.26 -32.82 -19.07
N ILE A 407 41.79 -32.24 -17.97
CA ILE A 407 41.28 -30.86 -17.99
C ILE A 407 42.38 -29.89 -18.42
N ARG A 408 43.61 -30.17 -18.01
CA ARG A 408 44.74 -29.30 -18.32
C ARG A 408 45.01 -29.16 -19.81
N ALA A 409 44.99 -30.30 -20.51
CA ALA A 409 45.37 -30.34 -21.92
C ALA A 409 44.25 -29.88 -22.85
N SER A 410 43.12 -29.46 -22.29
CA SER A 410 41.98 -29.06 -23.09
C SER A 410 42.00 -27.59 -23.50
N GLU A 411 41.75 -27.34 -24.78
CA GLU A 411 41.71 -25.98 -25.32
C GLU A 411 40.48 -25.25 -24.77
N THR A 412 39.39 -25.98 -24.58
CA THR A 412 38.17 -25.45 -24.00
C THR A 412 37.80 -26.28 -22.78
N VAL A 413 36.65 -25.98 -22.18
CA VAL A 413 36.15 -26.78 -21.08
C VAL A 413 35.33 -27.93 -21.66
N ASP A 414 34.86 -27.76 -22.88
CA ASP A 414 34.09 -28.78 -23.58
C ASP A 414 34.98 -29.95 -23.97
N ILE A 415 36.22 -29.66 -24.33
CA ILE A 415 37.20 -30.69 -24.62
C ILE A 415 37.54 -31.44 -23.33
N ALA A 416 37.57 -30.70 -22.22
CA ALA A 416 37.85 -31.29 -20.92
C ALA A 416 36.67 -32.15 -20.46
N ARG A 417 35.45 -31.67 -20.70
CA ARG A 417 34.25 -32.40 -20.30
C ARG A 417 34.16 -33.70 -21.09
N ALA A 418 34.14 -33.59 -22.42
CA ALA A 418 34.02 -34.75 -23.30
C ALA A 418 35.03 -35.84 -22.94
N GLY A 419 36.18 -35.43 -22.41
CA GLY A 419 37.19 -36.37 -21.96
C GLY A 419 36.80 -37.06 -20.68
N LEU A 420 36.12 -36.34 -19.79
CA LEU A 420 35.69 -36.90 -18.51
C LEU A 420 34.64 -38.00 -18.73
N ILE A 421 33.76 -37.80 -19.70
CA ILE A 421 32.78 -38.82 -20.06
C ILE A 421 33.50 -40.09 -20.51
N GLU A 422 34.53 -39.91 -21.33
CA GLU A 422 35.27 -41.04 -21.87
C GLU A 422 36.03 -41.76 -20.77
N LEU A 423 36.65 -41.00 -19.87
CA LEU A 423 37.46 -41.58 -18.81
C LEU A 423 36.62 -42.43 -17.86
N LEU A 424 35.69 -41.77 -17.19
CA LEU A 424 34.94 -42.38 -16.09
C LEU A 424 33.56 -42.91 -16.49
N ASP A 425 33.22 -42.80 -17.78
CA ASP A 425 31.89 -43.21 -18.26
C ASP A 425 30.81 -42.43 -17.52
N ILE A 426 30.69 -41.15 -17.86
CA ILE A 426 29.85 -40.21 -17.12
C ILE A 426 28.82 -39.51 -18.01
N ASP A 427 27.71 -39.07 -17.40
CA ASP A 427 26.71 -38.24 -18.06
C ASP A 427 27.28 -36.85 -18.34
N GLU A 428 26.49 -35.97 -18.96
CA GLU A 428 26.90 -34.59 -19.15
C GLU A 428 26.62 -33.78 -17.88
N ILE A 429 25.65 -34.22 -17.09
CA ILE A 429 25.30 -33.53 -15.84
C ILE A 429 26.40 -33.73 -14.80
N GLN A 430 26.82 -34.98 -14.63
CA GLN A 430 27.85 -35.32 -13.66
C GLN A 430 29.20 -34.69 -14.02
N ALA A 431 29.56 -34.76 -15.30
CA ALA A 431 30.83 -34.22 -15.76
C ALA A 431 30.88 -32.72 -15.52
N GLN A 432 29.74 -32.06 -15.74
CA GLN A 432 29.63 -30.63 -15.50
C GLN A 432 29.80 -30.33 -14.01
N ALA A 433 29.24 -31.20 -13.18
CA ALA A 433 29.33 -31.02 -11.73
C ALA A 433 30.77 -31.18 -11.26
N ILE A 434 31.50 -32.08 -11.92
CA ILE A 434 32.92 -32.26 -11.63
C ILE A 434 33.69 -31.00 -12.02
N LEU A 435 33.31 -30.40 -13.15
CA LEU A 435 33.94 -29.18 -13.62
C LEU A 435 33.70 -28.02 -12.66
N ASP A 436 32.49 -27.91 -12.14
CA ASP A 436 32.13 -26.84 -11.22
C ASP A 436 32.72 -27.07 -9.82
N MET A 437 33.36 -28.21 -9.62
CA MET A 437 33.92 -28.54 -8.32
C MET A 437 35.07 -27.61 -7.96
N GLN A 438 35.09 -27.17 -6.71
CA GLN A 438 36.17 -26.31 -6.22
C GLN A 438 37.34 -27.11 -5.67
N LEU A 439 38.51 -26.50 -5.64
CA LEU A 439 39.69 -27.11 -5.04
C LEU A 439 39.50 -27.25 -3.53
N ARG A 440 38.53 -26.53 -3.00
CA ARG A 440 38.12 -26.64 -1.60
C ARG A 440 37.95 -28.10 -1.22
N ARG A 441 37.21 -28.82 -2.05
CA ARG A 441 36.77 -30.17 -1.75
C ARG A 441 37.82 -31.27 -1.99
N LEU A 442 39.02 -30.88 -2.38
CA LEU A 442 40.08 -31.85 -2.63
C LEU A 442 40.88 -32.14 -1.37
N ALA A 443 40.55 -31.46 -0.28
CA ALA A 443 41.16 -31.74 1.01
C ALA A 443 40.68 -33.11 1.50
N ALA A 444 41.47 -33.72 2.38
CA ALA A 444 41.20 -35.09 2.83
C ALA A 444 39.80 -35.28 3.42
N LEU A 445 39.46 -34.47 4.41
CA LEU A 445 38.15 -34.60 5.06
C LEU A 445 37.01 -34.29 4.09
N GLU A 446 37.28 -33.41 3.13
CA GLU A 446 36.27 -33.03 2.15
C GLU A 446 36.03 -34.15 1.15
N ARG A 447 37.10 -34.86 0.79
CA ARG A 447 36.96 -36.03 -0.08
C ARG A 447 36.13 -37.10 0.62
N GLN A 448 36.33 -37.24 1.93
CA GLN A 448 35.58 -38.22 2.71
C GLN A 448 34.13 -37.78 2.89
N ARG A 449 33.93 -36.47 2.97
CA ARG A 449 32.60 -35.90 3.12
C ARG A 449 31.74 -36.24 1.91
N ILE A 450 32.35 -36.21 0.73
CA ILE A 450 31.67 -36.56 -0.51
C ILE A 450 31.24 -38.02 -0.50
N ILE A 451 32.14 -38.89 -0.04
CA ILE A 451 31.84 -40.32 0.06
C ILE A 451 30.67 -40.56 0.99
N ASP A 452 30.76 -40.04 2.22
CA ASP A 452 29.73 -40.24 3.23
C ASP A 452 28.40 -39.64 2.79
N ASP A 453 28.46 -38.52 2.08
CA ASP A 453 27.25 -37.86 1.60
C ASP A 453 26.49 -38.75 0.62
N LEU A 454 27.22 -39.50 -0.19
CA LEU A 454 26.59 -40.45 -1.12
C LEU A 454 25.88 -41.53 -0.32
N ALA A 455 26.57 -42.05 0.70
CA ALA A 455 26.00 -43.09 1.56
C ALA A 455 24.77 -42.58 2.29
N LYS A 456 24.79 -41.31 2.69
CA LYS A 456 23.65 -40.71 3.38
C LYS A 456 22.42 -40.62 2.47
N ILE A 457 22.61 -40.18 1.24
CA ILE A 457 21.47 -40.01 0.33
C ILE A 457 20.91 -41.37 -0.04
N GLU A 458 21.78 -42.33 -0.34
CA GLU A 458 21.33 -43.68 -0.67
C GLU A 458 20.52 -44.26 0.49
N ALA A 459 20.85 -43.84 1.70
CA ALA A 459 20.08 -44.22 2.88
C ALA A 459 18.75 -43.47 2.91
N GLU A 460 18.77 -42.23 2.44
CA GLU A 460 17.55 -41.42 2.38
C GLU A 460 16.61 -41.92 1.28
N ILE A 461 17.19 -42.28 0.14
CA ILE A 461 16.42 -42.80 -0.98
C ILE A 461 15.73 -44.10 -0.55
N ALA A 462 16.46 -44.93 0.19
CA ALA A 462 15.89 -46.18 0.69
C ALA A 462 14.72 -45.89 1.62
N ASP A 463 14.88 -44.89 2.47
CA ASP A 463 13.81 -44.47 3.36
C ASP A 463 12.61 -43.98 2.57
N LEU A 464 12.86 -43.03 1.65
CA LEU A 464 11.80 -42.41 0.86
C LEU A 464 11.01 -43.42 0.03
N GLU A 465 11.71 -44.35 -0.61
CA GLU A 465 11.06 -45.39 -1.40
C GLU A 465 10.13 -46.22 -0.52
N ASP A 466 10.54 -46.42 0.73
CA ASP A 466 9.75 -47.21 1.67
C ASP A 466 8.45 -46.48 2.02
N ILE A 467 8.53 -45.15 2.09
CA ILE A 467 7.35 -44.35 2.41
C ILE A 467 6.29 -44.53 1.33
N LEU A 468 6.70 -44.45 0.07
CA LEU A 468 5.77 -44.51 -1.05
C LEU A 468 5.11 -45.88 -1.17
N ALA A 469 5.81 -46.92 -0.74
CA ALA A 469 5.34 -48.30 -0.91
C ALA A 469 4.45 -48.77 0.23
N LYS A 470 4.40 -47.99 1.31
CA LYS A 470 3.65 -48.37 2.51
C LYS A 470 2.71 -47.26 2.96
N PRO A 471 1.41 -47.39 2.67
CA PRO A 471 0.43 -46.41 3.13
C PRO A 471 0.43 -46.25 4.65
N GLU A 472 0.89 -47.28 5.34
CA GLU A 472 0.94 -47.26 6.81
C GLU A 472 1.87 -46.15 7.29
N ARG A 473 3.05 -46.06 6.68
CA ARG A 473 4.02 -45.03 7.07
C ARG A 473 3.50 -43.65 6.70
N GLN A 474 2.84 -43.55 5.55
CA GLN A 474 2.26 -42.29 5.10
C GLN A 474 1.28 -41.74 6.12
N ARG A 475 0.40 -42.60 6.62
CA ARG A 475 -0.54 -42.19 7.65
C ARG A 475 0.22 -41.88 8.95
N GLY A 476 1.29 -42.61 9.19
CA GLY A 476 2.12 -42.41 10.36
C GLY A 476 2.78 -41.04 10.37
N ILE A 477 3.13 -40.53 9.20
CA ILE A 477 3.79 -39.22 9.10
C ILE A 477 2.79 -38.10 9.42
N VAL A 478 1.57 -38.21 8.90
CA VAL A 478 0.52 -37.24 9.20
C VAL A 478 0.34 -37.14 10.70
N ARG A 479 0.19 -38.30 11.33
CA ARG A 479 -0.04 -38.40 12.77
C ARG A 479 1.09 -37.77 13.57
N ASP A 480 2.31 -38.23 13.33
CA ASP A 480 3.47 -37.78 14.11
C ASP A 480 3.74 -36.30 13.92
N GLU A 481 3.63 -35.83 12.68
CA GLU A 481 3.91 -34.43 12.38
C GLU A 481 2.83 -33.52 12.94
N LEU A 482 1.58 -33.96 12.83
CA LEU A 482 0.47 -33.20 13.40
C LEU A 482 0.57 -33.17 14.91
N ALA A 483 0.98 -34.30 15.49
CA ALA A 483 1.13 -34.42 16.92
C ALA A 483 2.10 -33.36 17.46
N GLU A 484 3.21 -33.15 16.75
CA GLU A 484 4.18 -32.13 17.12
C GLU A 484 3.53 -30.74 17.09
N ILE A 485 2.74 -30.50 16.06
CA ILE A 485 2.08 -29.20 15.89
C ILE A 485 1.12 -28.94 17.04
N VAL A 486 0.36 -29.96 17.44
CA VAL A 486 -0.62 -29.81 18.52
C VAL A 486 0.05 -29.61 19.86
N ASP A 487 1.14 -30.34 20.10
CA ASP A 487 1.87 -30.24 21.36
C ASP A 487 2.44 -28.84 21.54
N ARG A 488 2.82 -28.21 20.44
CA ARG A 488 3.42 -26.89 20.47
C ARG A 488 2.37 -25.77 20.48
N HIS A 489 1.37 -25.89 19.60
CA HIS A 489 0.43 -24.80 19.35
C HIS A 489 -0.99 -25.08 19.82
N GLY A 490 -1.20 -26.23 20.44
CA GLY A 490 -2.50 -26.56 20.99
C GLY A 490 -2.71 -25.83 22.31
N ASP A 491 -3.94 -25.43 22.58
CA ASP A 491 -4.27 -24.73 23.83
C ASP A 491 -5.51 -25.33 24.50
N ASP A 492 -5.79 -24.84 25.70
CA ASP A 492 -6.97 -25.29 26.44
C ASP A 492 -8.26 -24.92 25.72
N ARG A 493 -9.34 -25.60 26.07
CA ARG A 493 -10.65 -25.22 25.61
C ARG A 493 -11.05 -23.90 26.25
N ARG A 494 -11.82 -23.08 25.53
CA ARG A 494 -12.28 -21.80 26.04
C ARG A 494 -13.78 -21.82 26.30
N THR A 495 -14.54 -22.29 25.32
CA THR A 495 -15.99 -22.40 25.47
C THR A 495 -16.33 -23.60 26.33
N ARG A 496 -17.05 -23.36 27.41
CA ARG A 496 -17.48 -24.43 28.31
C ARG A 496 -18.83 -25.00 27.87
N ILE A 497 -18.90 -26.32 27.80
CA ILE A 497 -20.13 -27.01 27.39
C ILE A 497 -20.90 -27.51 28.61
N ILE A 498 -22.12 -27.02 28.77
CA ILE A 498 -23.00 -27.44 29.85
C ILE A 498 -24.28 -28.03 29.28
N ALA A 499 -25.08 -28.64 30.15
CA ALA A 499 -26.33 -29.27 29.73
C ALA A 499 -27.49 -28.28 29.88
N ILE A 500 -28.70 -28.74 29.58
CA ILE A 500 -29.90 -27.91 29.69
C ILE A 500 -30.13 -27.51 31.14
N ALA B 3 -35.07 19.26 -28.99
CA ALA B 3 -33.79 19.64 -28.41
C ALA B 3 -33.93 19.96 -26.93
N LEU B 4 -32.88 19.70 -26.16
CA LEU B 4 -32.89 19.92 -24.71
C LEU B 4 -31.57 20.51 -24.22
N VAL B 5 -31.66 21.35 -23.19
CA VAL B 5 -30.50 22.04 -22.66
C VAL B 5 -29.55 21.11 -21.92
N ARG B 6 -28.25 21.30 -22.14
CA ARG B 6 -27.22 20.58 -21.41
C ARG B 6 -26.63 21.50 -20.33
N ARG B 7 -26.16 20.91 -19.23
CA ARG B 7 -25.61 21.70 -18.14
C ARG B 7 -24.24 22.26 -18.51
N LYS B 8 -24.03 23.53 -18.18
CA LYS B 8 -22.75 24.20 -18.43
C LYS B 8 -22.51 25.29 -17.39
N GLY B 15 -29.56 21.73 -12.90
CA GLY B 15 -30.66 20.89 -12.46
C GLY B 15 -30.45 19.43 -12.83
N LEU B 16 -29.18 19.05 -12.97
CA LEU B 16 -28.80 17.68 -13.32
C LEU B 16 -27.77 17.17 -12.32
N PRO B 17 -27.53 15.85 -12.28
CA PRO B 17 -26.59 15.28 -11.31
C PRO B 17 -25.21 15.93 -11.34
N GLY B 18 -24.61 16.09 -10.16
CA GLY B 18 -23.30 16.71 -10.06
C GLY B 18 -22.22 15.86 -10.71
N LYS B 19 -22.44 14.55 -10.71
CA LYS B 19 -21.49 13.61 -11.27
C LYS B 19 -21.55 13.58 -12.79
N LEU B 20 -22.64 14.09 -13.35
CA LEU B 20 -22.87 14.05 -14.79
C LEU B 20 -21.95 15.01 -15.56
N ALA B 21 -21.17 14.45 -16.48
CA ALA B 21 -20.40 15.24 -17.43
C ALA B 21 -21.18 15.27 -18.74
N ASP B 22 -22.09 16.24 -18.85
CA ASP B 22 -23.03 16.29 -19.96
C ASP B 22 -22.32 16.60 -21.28
N CYS B 23 -23.01 16.31 -22.38
CA CYS B 23 -22.46 16.59 -23.71
C CYS B 23 -22.81 18.00 -24.14
N ARG B 24 -22.37 18.37 -25.34
CA ARG B 24 -22.58 19.71 -25.87
C ARG B 24 -23.75 19.75 -26.85
N SER B 25 -23.93 18.65 -27.59
CA SER B 25 -25.02 18.56 -28.55
C SER B 25 -26.36 18.57 -27.81
N THR B 26 -27.26 19.45 -28.22
CA THR B 26 -28.56 19.59 -27.57
C THR B 26 -29.62 18.69 -28.20
N ASP B 27 -29.23 17.88 -29.17
CA ASP B 27 -30.15 16.95 -29.82
C ASP B 27 -30.02 15.56 -29.21
N PRO B 28 -31.08 15.09 -28.52
CA PRO B 28 -31.03 13.74 -27.93
C PRO B 28 -30.80 12.64 -28.97
N ARG B 29 -31.30 12.84 -30.19
CA ARG B 29 -31.14 11.85 -31.25
C ARG B 29 -29.66 11.63 -31.58
N LYS B 30 -28.86 12.68 -31.38
CA LYS B 30 -27.43 12.63 -31.68
C LYS B 30 -26.59 12.37 -30.44
N SER B 31 -27.23 12.44 -29.27
CA SER B 31 -26.51 12.34 -28.00
C SER B 31 -26.39 10.91 -27.50
N GLU B 32 -25.38 10.67 -26.66
CA GLU B 32 -25.14 9.37 -26.06
C GLU B 32 -24.74 9.54 -24.59
N LEU B 33 -25.29 8.69 -23.73
CA LEU B 33 -24.91 8.67 -22.32
C LEU B 33 -24.15 7.40 -21.98
N TYR B 34 -22.89 7.56 -21.59
CA TYR B 34 -22.07 6.45 -21.14
C TYR B 34 -22.17 6.30 -19.64
N VAL B 35 -22.92 5.30 -19.20
CA VAL B 35 -23.01 4.97 -17.78
C VAL B 35 -21.81 4.10 -17.42
N VAL B 36 -20.89 4.65 -16.64
CA VAL B 36 -19.60 4.02 -16.40
C VAL B 36 -19.46 3.49 -14.98
N GLU B 37 -18.80 2.35 -14.86
CA GLU B 37 -18.47 1.78 -13.57
C GLU B 37 -17.19 2.41 -13.02
N GLY B 38 -17.31 3.08 -11.88
CA GLY B 38 -16.14 3.61 -11.20
C GLY B 38 -15.82 5.05 -11.54
N ASP B 39 -15.29 5.77 -10.55
CA ASP B 39 -14.93 7.18 -10.72
C ASP B 39 -13.68 7.33 -11.57
N SER B 40 -12.73 6.41 -11.39
CA SER B 40 -11.50 6.41 -12.17
C SER B 40 -11.79 6.28 -13.67
N ALA B 41 -12.54 5.24 -14.01
CA ALA B 41 -12.90 4.98 -15.40
C ALA B 41 -13.71 6.13 -15.96
N GLY B 42 -14.70 6.58 -15.20
CA GLY B 42 -15.54 7.69 -15.61
C GLY B 42 -14.73 8.96 -15.81
N GLY B 43 -13.68 9.13 -15.01
CA GLY B 43 -12.83 10.29 -15.12
C GLY B 43 -12.06 10.31 -16.42
N SER B 44 -11.43 9.18 -16.74
CA SER B 44 -10.67 9.07 -17.99
C SER B 44 -11.59 9.07 -19.20
N ALA B 45 -12.78 8.52 -19.02
CA ALA B 45 -13.78 8.52 -20.08
C ALA B 45 -14.21 9.96 -20.38
N LYS B 46 -14.35 10.76 -19.33
CA LYS B 46 -14.73 12.16 -19.47
C LYS B 46 -13.70 12.92 -20.31
N SER B 47 -12.47 12.42 -20.32
CA SER B 47 -11.38 13.06 -21.05
C SER B 47 -11.28 12.55 -22.49
N GLY B 48 -11.42 11.24 -22.65
CA GLY B 48 -11.25 10.60 -23.95
C GLY B 48 -12.51 10.62 -24.80
N ARG B 49 -13.63 11.05 -24.21
CA ARG B 49 -14.90 11.10 -24.93
C ARG B 49 -14.87 12.08 -26.08
N ASP B 50 -15.93 12.06 -26.89
CA ASP B 50 -16.23 13.13 -27.82
C ASP B 50 -17.26 14.05 -27.16
N SER B 51 -16.78 15.13 -26.56
CA SER B 51 -17.62 15.99 -25.72
C SER B 51 -18.83 16.55 -26.47
N MET B 52 -18.82 16.45 -27.80
CA MET B 52 -19.92 16.97 -28.61
C MET B 52 -21.19 16.14 -28.45
N PHE B 53 -21.05 14.82 -28.50
CA PHE B 53 -22.20 13.92 -28.55
C PHE B 53 -22.28 12.94 -27.39
N GLN B 54 -21.18 12.79 -26.67
CA GLN B 54 -21.08 11.79 -25.61
C GLN B 54 -21.00 12.41 -24.22
N ALA B 55 -21.89 11.96 -23.34
CA ALA B 55 -21.89 12.36 -21.93
C ALA B 55 -21.49 11.18 -21.07
N ILE B 56 -20.94 11.47 -19.90
CA ILE B 56 -20.48 10.43 -18.97
C ILE B 56 -21.20 10.56 -17.63
N LEU B 57 -21.72 9.44 -17.13
CA LEU B 57 -22.29 9.38 -15.80
C LEU B 57 -21.61 8.26 -14.99
N PRO B 58 -20.61 8.62 -14.17
CA PRO B 58 -19.95 7.59 -13.37
C PRO B 58 -20.82 7.11 -12.21
N LEU B 59 -20.94 5.79 -12.08
CA LEU B 59 -21.67 5.18 -10.97
C LEU B 59 -20.68 4.59 -9.98
N ARG B 60 -20.93 4.81 -8.70
CA ARG B 60 -20.03 4.37 -7.64
C ARG B 60 -20.66 3.26 -6.80
N GLY B 61 -20.00 2.11 -6.77
CA GLY B 61 -20.44 1.00 -5.97
C GLY B 61 -21.55 0.17 -6.61
N LYS B 62 -21.92 -0.91 -5.95
CA LYS B 62 -22.98 -1.80 -6.43
C LYS B 62 -24.30 -1.04 -6.43
N ILE B 63 -25.00 -1.07 -7.56
CA ILE B 63 -26.29 -0.42 -7.67
C ILE B 63 -27.32 -1.18 -6.82
N ILE B 64 -28.26 -0.44 -6.25
CA ILE B 64 -29.28 -1.05 -5.41
C ILE B 64 -30.20 -1.92 -6.24
N ASN B 65 -30.53 -3.09 -5.71
CA ASN B 65 -31.44 -4.03 -6.38
C ASN B 65 -32.88 -3.54 -6.23
N VAL B 66 -33.46 -3.04 -7.32
CA VAL B 66 -34.81 -2.52 -7.29
C VAL B 66 -35.85 -3.63 -7.18
N GLU B 67 -35.42 -4.86 -7.45
CA GLU B 67 -36.30 -6.02 -7.34
C GLU B 67 -36.53 -6.35 -5.88
N LYS B 68 -35.49 -6.20 -5.07
CA LYS B 68 -35.53 -6.53 -3.64
C LYS B 68 -35.96 -5.35 -2.79
N ALA B 69 -35.37 -4.19 -3.06
CA ALA B 69 -35.58 -3.01 -2.23
C ALA B 69 -36.96 -2.39 -2.42
N ARG B 70 -37.48 -1.82 -1.34
CA ARG B 70 -38.76 -1.11 -1.37
C ARG B 70 -38.64 0.12 -2.27
N ILE B 71 -39.76 0.57 -2.82
CA ILE B 71 -39.76 1.63 -3.82
C ILE B 71 -39.22 2.94 -3.26
N ASP B 72 -39.64 3.29 -2.04
CA ASP B 72 -39.24 4.55 -1.43
C ASP B 72 -37.73 4.58 -1.15
N ARG B 73 -37.17 3.41 -0.84
CA ARG B 73 -35.75 3.33 -0.52
C ARG B 73 -34.91 3.48 -1.78
N VAL B 74 -35.43 2.99 -2.90
CA VAL B 74 -34.74 3.09 -4.18
C VAL B 74 -34.65 4.56 -4.60
N LEU B 75 -35.70 5.32 -4.31
CA LEU B 75 -35.74 6.72 -4.69
C LEU B 75 -34.83 7.59 -3.81
N LYS B 76 -34.39 7.05 -2.68
CA LYS B 76 -33.45 7.77 -1.82
C LYS B 76 -32.01 7.51 -2.23
N ASN B 77 -31.79 6.46 -3.02
CA ASN B 77 -30.46 6.12 -3.47
C ASN B 77 -29.91 7.17 -4.43
N THR B 78 -28.75 7.73 -4.08
CA THR B 78 -28.16 8.81 -4.85
C THR B 78 -27.80 8.37 -6.26
N GLU B 79 -27.35 7.13 -6.40
CA GLU B 79 -26.90 6.63 -7.71
C GLU B 79 -28.10 6.40 -8.64
N VAL B 80 -29.23 5.99 -8.09
CA VAL B 80 -30.43 5.78 -8.89
C VAL B 80 -31.00 7.13 -9.35
N GLN B 81 -31.07 8.08 -8.43
CA GLN B 81 -31.55 9.42 -8.74
C GLN B 81 -30.73 10.05 -9.85
N ALA B 82 -29.43 9.76 -9.86
CA ALA B 82 -28.53 10.29 -10.87
C ALA B 82 -28.93 9.78 -12.25
N ILE B 83 -29.23 8.48 -12.32
CA ILE B 83 -29.65 7.85 -13.57
C ILE B 83 -30.99 8.41 -14.04
N ILE B 84 -31.98 8.37 -13.16
CA ILE B 84 -33.32 8.83 -13.50
C ILE B 84 -33.31 10.31 -13.90
N THR B 85 -32.57 11.13 -13.17
CA THR B 85 -32.52 12.56 -13.44
C THR B 85 -31.80 12.83 -14.77
N ALA B 86 -30.73 12.08 -15.02
CA ALA B 86 -29.93 12.28 -16.23
C ALA B 86 -30.65 11.81 -17.49
N LEU B 87 -31.44 10.75 -17.37
CA LEU B 87 -32.16 10.22 -18.51
C LEU B 87 -33.36 11.10 -18.89
N GLY B 88 -33.87 11.85 -17.92
CA GLY B 88 -34.92 12.83 -18.18
C GLY B 88 -36.32 12.25 -18.20
N THR B 89 -36.45 10.99 -18.60
CA THR B 89 -37.74 10.32 -18.60
C THR B 89 -38.21 10.11 -17.17
N GLY B 90 -39.51 9.88 -16.99
CA GLY B 90 -40.04 9.55 -15.68
C GLY B 90 -39.74 8.11 -15.34
N ILE B 91 -40.56 7.52 -14.48
CA ILE B 91 -40.46 6.09 -14.16
C ILE B 91 -41.84 5.49 -14.00
N HIS B 92 -41.94 4.20 -14.32
CA HIS B 92 -43.21 3.47 -14.23
C HIS B 92 -44.29 4.15 -15.08
N ASP B 93 -45.39 4.56 -14.45
CA ASP B 93 -46.52 5.12 -15.18
C ASP B 93 -46.25 6.54 -15.67
N GLU B 94 -45.39 7.25 -14.94
CA GLU B 94 -45.08 8.65 -15.28
C GLU B 94 -43.92 8.72 -16.29
N PHE B 95 -43.58 7.59 -16.87
CA PHE B 95 -42.52 7.52 -17.88
C PHE B 95 -42.92 8.20 -19.19
N ASP B 96 -42.00 8.97 -19.75
CA ASP B 96 -42.23 9.67 -21.02
C ASP B 96 -40.96 9.66 -21.86
N ILE B 97 -40.98 8.90 -22.96
CA ILE B 97 -39.81 8.77 -23.82
C ILE B 97 -39.48 10.10 -24.49
N GLY B 98 -40.49 10.95 -24.63
CA GLY B 98 -40.33 12.24 -25.28
C GLY B 98 -39.31 13.12 -24.59
N LYS B 99 -39.06 12.85 -23.31
CA LYS B 99 -38.11 13.61 -22.50
C LYS B 99 -36.75 12.92 -22.42
N LEU B 100 -36.59 11.81 -23.15
CA LEU B 100 -35.33 11.09 -23.14
C LEU B 100 -34.21 11.99 -23.67
N ARG B 101 -33.23 12.27 -22.83
CA ARG B 101 -32.18 13.23 -23.16
C ARG B 101 -31.04 12.60 -23.94
N TYR B 102 -31.01 11.27 -23.98
CA TYR B 102 -30.00 10.54 -24.75
C TYR B 102 -30.64 9.33 -25.40
N HIS B 103 -30.54 9.25 -26.73
CA HIS B 103 -31.14 8.14 -27.48
C HIS B 103 -30.21 6.93 -27.53
N LYS B 104 -29.02 7.06 -26.94
CA LYS B 104 -28.10 5.94 -26.81
C LYS B 104 -27.58 5.85 -25.37
N ILE B 105 -27.99 4.81 -24.67
CA ILE B 105 -27.57 4.58 -23.29
C ILE B 105 -26.61 3.40 -23.22
N VAL B 106 -25.32 3.71 -23.17
CA VAL B 106 -24.28 2.68 -23.14
C VAL B 106 -23.83 2.37 -21.72
N LEU B 107 -24.04 1.13 -21.29
CA LEU B 107 -23.53 0.66 -20.01
C LEU B 107 -22.11 0.15 -20.19
N MET B 108 -21.15 0.76 -19.48
CA MET B 108 -19.75 0.37 -19.61
C MET B 108 -19.18 -0.04 -18.25
N ALA B 109 -18.98 -1.35 -18.09
CA ALA B 109 -18.48 -1.92 -16.84
C ALA B 109 -17.23 -2.77 -17.12
N ASP B 110 -16.52 -3.14 -16.05
CA ASP B 110 -15.36 -4.01 -16.18
C ASP B 110 -15.76 -5.36 -16.80
N ALA B 111 -14.78 -6.03 -17.41
CA ALA B 111 -15.00 -7.36 -17.97
C ALA B 111 -15.16 -8.40 -16.88
N ASP B 112 -14.74 -8.08 -15.66
CA ASP B 112 -14.80 -9.03 -14.56
C ASP B 112 -16.24 -9.29 -14.12
N VAL B 113 -16.41 -10.17 -13.14
CA VAL B 113 -17.73 -10.61 -12.70
C VAL B 113 -18.54 -9.50 -12.01
N ASP B 114 -17.85 -8.61 -11.30
CA ASP B 114 -18.53 -7.53 -10.62
C ASP B 114 -19.07 -6.51 -11.61
N GLY B 115 -18.43 -6.44 -12.78
CA GLY B 115 -18.94 -5.61 -13.86
C GLY B 115 -20.19 -6.25 -14.43
N GLN B 116 -20.15 -7.57 -14.59
CA GLN B 116 -21.30 -8.32 -15.05
C GLN B 116 -22.45 -8.14 -14.07
N HIS B 117 -22.15 -8.18 -12.78
CA HIS B 117 -23.16 -8.02 -11.75
C HIS B 117 -23.81 -6.65 -11.81
N ILE B 118 -22.99 -5.60 -11.91
CA ILE B 118 -23.49 -4.24 -11.99
C ILE B 118 -24.39 -4.07 -13.21
N SER B 119 -24.03 -4.76 -14.29
CA SER B 119 -24.83 -4.71 -15.51
C SER B 119 -26.24 -5.24 -15.26
N THR B 120 -26.34 -6.34 -14.52
CA THR B 120 -27.63 -6.95 -14.25
C THR B 120 -28.46 -6.08 -13.32
N LEU B 121 -27.79 -5.33 -12.45
CA LEU B 121 -28.46 -4.44 -11.53
C LEU B 121 -28.99 -3.21 -12.27
N LEU B 122 -28.24 -2.76 -13.28
CA LEU B 122 -28.67 -1.64 -14.12
C LEU B 122 -29.79 -2.06 -15.07
N LEU B 123 -29.63 -3.23 -15.69
CA LEU B 123 -30.65 -3.77 -16.59
C LEU B 123 -31.95 -4.03 -15.83
N THR B 124 -31.83 -4.36 -14.54
CA THR B 124 -33.01 -4.57 -13.71
C THR B 124 -33.72 -3.25 -13.42
N LEU B 125 -32.93 -2.20 -13.17
CA LEU B 125 -33.49 -0.88 -12.94
C LEU B 125 -34.24 -0.41 -14.19
N LEU B 126 -33.60 -0.58 -15.34
CA LEU B 126 -34.19 -0.15 -16.61
C LEU B 126 -35.46 -0.93 -16.93
N PHE B 127 -35.40 -2.26 -16.80
CA PHE B 127 -36.52 -3.11 -17.17
C PHE B 127 -37.74 -2.88 -16.28
N ARG B 128 -37.51 -2.47 -15.04
CA ARG B 128 -38.59 -2.32 -14.06
C ARG B 128 -39.14 -0.89 -13.99
N PHE B 129 -38.29 0.09 -14.23
CA PHE B 129 -38.67 1.49 -14.08
C PHE B 129 -38.88 2.18 -15.43
N MET B 130 -38.10 1.77 -16.43
CA MET B 130 -38.08 2.47 -17.71
C MET B 130 -37.98 1.47 -18.86
N ARG B 131 -38.90 0.52 -18.89
CA ARG B 131 -38.85 -0.59 -19.84
C ARG B 131 -38.80 -0.15 -21.31
N PRO B 132 -39.58 0.88 -21.68
CA PRO B 132 -39.59 1.31 -23.10
C PRO B 132 -38.21 1.65 -23.65
N LEU B 133 -37.26 2.01 -22.79
CA LEU B 133 -35.91 2.30 -23.23
C LEU B 133 -35.25 1.04 -23.82
N ILE B 134 -35.60 -0.11 -23.27
CA ILE B 134 -35.09 -1.38 -23.76
C ILE B 134 -35.84 -1.80 -25.01
N GLU B 135 -37.15 -1.64 -24.98
CA GLU B 135 -38.01 -2.05 -26.08
C GLU B 135 -37.66 -1.29 -27.36
N ASN B 136 -37.29 -0.03 -27.23
CA ASN B 136 -37.02 0.80 -28.40
C ASN B 136 -35.54 0.84 -28.75
N GLY B 137 -34.75 -0.04 -28.11
CA GLY B 137 -33.36 -0.21 -28.48
C GLY B 137 -32.46 0.97 -28.16
N HIS B 138 -32.72 1.63 -27.04
CA HIS B 138 -31.91 2.77 -26.60
C HIS B 138 -30.81 2.33 -25.64
N VAL B 139 -30.87 1.08 -25.20
CA VAL B 139 -29.90 0.54 -24.25
C VAL B 139 -28.84 -0.30 -24.96
N PHE B 140 -27.58 -0.02 -24.68
CA PHE B 140 -26.46 -0.74 -25.29
C PHE B 140 -25.45 -1.17 -24.23
N LEU B 141 -24.60 -2.12 -24.61
CA LEU B 141 -23.52 -2.60 -23.74
C LEU B 141 -22.17 -2.50 -24.43
N ALA B 142 -21.29 -1.65 -23.91
CA ALA B 142 -19.95 -1.52 -24.45
C ALA B 142 -19.10 -2.71 -24.01
N GLN B 143 -18.34 -3.27 -24.94
CA GLN B 143 -17.46 -4.40 -24.65
C GLN B 143 -16.02 -3.91 -24.51
N PRO B 144 -15.51 -3.86 -23.26
CA PRO B 144 -14.13 -3.34 -23.10
C PRO B 144 -13.08 -4.30 -23.62
N PRO B 145 -11.86 -3.81 -23.87
CA PRO B 145 -10.75 -4.67 -24.28
C PRO B 145 -10.23 -5.52 -23.11
N LEU B 146 -9.60 -6.64 -23.42
CA LEU B 146 -8.99 -7.51 -22.41
C LEU B 146 -7.46 -7.48 -22.50
N TYR B 147 -6.95 -7.24 -23.70
CA TYR B 147 -5.52 -7.24 -23.93
C TYR B 147 -5.09 -6.09 -24.85
N LYS B 148 -3.86 -5.62 -24.67
CA LYS B 148 -3.25 -4.64 -25.56
C LYS B 148 -1.88 -5.14 -26.00
N LEU B 149 -1.78 -5.53 -27.27
CA LEU B 149 -0.52 -6.03 -27.80
C LEU B 149 0.36 -4.85 -28.22
N LYS B 150 1.50 -4.69 -27.54
CA LYS B 150 2.40 -3.57 -27.79
C LYS B 150 3.61 -4.00 -28.61
N TRP B 151 3.47 -3.96 -29.93
CA TRP B 151 4.55 -4.36 -30.83
C TRP B 151 5.71 -3.39 -30.75
N GLN B 152 6.93 -3.90 -30.99
CA GLN B 152 8.13 -3.10 -30.86
C GLN B 152 8.18 -1.93 -31.84
N ARG B 153 7.69 -2.15 -33.05
CA ARG B 153 7.78 -1.16 -34.12
C ARG B 153 6.42 -0.76 -34.67
N SER B 154 5.46 -1.69 -34.59
CA SER B 154 4.14 -1.46 -35.16
C SER B 154 3.17 -0.85 -34.16
N ASP B 155 2.04 -0.38 -34.67
CA ASP B 155 0.99 0.20 -33.84
C ASP B 155 0.39 -0.86 -32.92
N PRO B 156 -0.01 -0.47 -31.71
CA PRO B 156 -0.57 -1.45 -30.77
C PRO B 156 -1.97 -1.92 -31.17
N GLU B 157 -2.27 -3.19 -30.92
CA GLU B 157 -3.57 -3.77 -31.23
C GLU B 157 -4.31 -4.15 -29.95
N PHE B 158 -5.62 -3.96 -29.96
CA PHE B 158 -6.46 -4.31 -28.81
C PHE B 158 -7.23 -5.60 -29.08
N ALA B 159 -7.35 -6.43 -28.05
CA ALA B 159 -8.09 -7.69 -28.15
C ALA B 159 -9.20 -7.73 -27.12
N TYR B 160 -10.34 -8.29 -27.52
CA TYR B 160 -11.53 -8.33 -26.66
C TYR B 160 -11.81 -9.75 -26.16
N SER B 161 -10.89 -10.67 -26.42
CA SER B 161 -11.04 -12.05 -25.97
C SER B 161 -9.68 -12.77 -25.98
N ASP B 162 -9.62 -13.91 -25.31
CA ASP B 162 -8.40 -14.73 -25.32
C ASP B 162 -8.11 -15.24 -26.72
N ARG B 163 -9.17 -15.55 -27.46
CA ARG B 163 -9.04 -16.06 -28.82
C ARG B 163 -8.42 -15.01 -29.73
N GLU B 164 -8.98 -13.81 -29.69
CA GLU B 164 -8.51 -12.72 -30.54
C GLU B 164 -7.06 -12.38 -30.20
N ARG B 165 -6.71 -12.45 -28.92
CA ARG B 165 -5.34 -12.25 -28.48
C ARG B 165 -4.40 -13.23 -29.17
N ASP B 166 -4.75 -14.51 -29.14
CA ASP B 166 -3.94 -15.56 -29.75
C ASP B 166 -3.84 -15.37 -31.25
N GLY B 167 -4.93 -14.89 -31.84
CA GLY B 167 -4.99 -14.70 -33.28
C GLY B 167 -4.14 -13.53 -33.75
N LEU B 168 -4.31 -12.39 -33.11
CA LEU B 168 -3.57 -11.19 -33.47
C LEU B 168 -2.09 -11.37 -33.19
N LEU B 169 -1.76 -12.18 -32.18
CA LEU B 169 -0.37 -12.49 -31.86
C LEU B 169 0.23 -13.36 -32.96
N GLU B 170 -0.52 -14.38 -33.36
CA GLU B 170 -0.07 -15.31 -34.39
C GLU B 170 0.17 -14.57 -35.70
N ALA B 171 -0.80 -13.76 -36.11
CA ALA B 171 -0.71 -13.02 -37.36
C ALA B 171 0.48 -12.07 -37.37
N GLY B 172 0.67 -11.36 -36.27
CA GLY B 172 1.76 -10.39 -36.17
C GLY B 172 3.12 -11.05 -36.25
N LEU B 173 3.29 -12.15 -35.53
CA LEU B 173 4.56 -12.89 -35.55
C LEU B 173 4.83 -13.47 -36.93
N LYS B 174 3.77 -13.95 -37.57
CA LYS B 174 3.86 -14.50 -38.92
C LYS B 174 4.22 -13.40 -39.92
N ALA B 175 3.78 -12.17 -39.62
CA ALA B 175 4.04 -11.03 -40.48
C ALA B 175 5.44 -10.45 -40.27
N GLY B 176 6.14 -10.94 -39.24
CA GLY B 176 7.51 -10.53 -38.97
C GLY B 176 7.64 -9.47 -37.88
N LYS B 177 6.53 -9.13 -37.24
CA LYS B 177 6.54 -8.17 -36.14
C LYS B 177 7.06 -8.85 -34.88
N LYS B 178 7.41 -8.06 -33.87
CA LYS B 178 7.98 -8.59 -32.63
C LYS B 178 7.53 -7.83 -31.39
N ILE B 179 7.44 -8.54 -30.28
CA ILE B 179 7.04 -7.95 -28.99
C ILE B 179 8.08 -8.24 -27.91
N ASN B 180 8.19 -7.32 -26.95
CA ASN B 180 8.97 -7.57 -25.74
C ASN B 180 8.31 -8.65 -24.90
N LYS B 181 9.12 -9.51 -24.29
CA LYS B 181 8.59 -10.55 -23.40
C LYS B 181 8.46 -10.02 -21.96
N GLU B 182 8.79 -8.75 -21.77
CA GLU B 182 8.61 -8.09 -20.47
C GLU B 182 7.34 -7.24 -20.50
N ASP B 183 7.40 -6.11 -21.21
CA ASP B 183 6.22 -5.27 -21.41
C ASP B 183 5.12 -6.12 -22.03
N GLY B 184 5.36 -6.55 -23.26
CA GLY B 184 4.52 -7.54 -23.92
C GLY B 184 3.06 -7.17 -24.03
N ILE B 185 2.21 -8.14 -23.70
CA ILE B 185 0.78 -7.98 -23.81
C ILE B 185 0.20 -7.46 -22.50
N GLN B 186 -0.19 -6.19 -22.47
CA GLN B 186 -0.83 -5.62 -21.31
C GLN B 186 -2.26 -6.13 -21.18
N ARG B 187 -2.58 -6.71 -20.02
CA ARG B 187 -3.90 -7.25 -19.78
C ARG B 187 -4.73 -6.32 -18.90
N TYR B 188 -5.89 -5.92 -19.41
CA TYR B 188 -6.79 -5.06 -18.65
C TYR B 188 -7.63 -5.89 -17.69
N LYS B 189 -7.66 -5.46 -16.43
CA LYS B 189 -8.48 -6.11 -15.42
C LYS B 189 -9.67 -5.22 -15.05
N GLY B 190 -9.83 -4.12 -15.79
CA GLY B 190 -10.94 -3.21 -15.56
C GLY B 190 -10.73 -1.89 -16.27
N LEU B 191 -11.81 -1.12 -16.37
CA LEU B 191 -11.78 0.18 -17.03
C LEU B 191 -10.91 1.19 -16.27
N GLY B 192 -10.78 0.99 -14.97
CA GLY B 192 -10.04 1.92 -14.13
C GLY B 192 -8.55 1.94 -14.43
N GLU B 193 -8.06 0.88 -15.05
CA GLU B 193 -6.64 0.76 -15.38
C GLU B 193 -6.31 1.44 -16.71
N MET B 194 -7.34 1.79 -17.47
CA MET B 194 -7.16 2.41 -18.78
C MET B 194 -7.04 3.92 -18.66
N ASP B 195 -6.35 4.53 -19.62
CA ASP B 195 -6.26 5.99 -19.70
C ASP B 195 -7.31 6.49 -20.69
N ALA B 196 -7.31 7.80 -20.94
CA ALA B 196 -8.29 8.42 -21.81
C ALA B 196 -8.17 7.92 -23.25
N LYS B 197 -6.95 7.84 -23.76
CA LYS B 197 -6.70 7.44 -25.13
C LYS B 197 -7.22 6.03 -25.40
N GLU B 198 -6.87 5.11 -24.50
CA GLU B 198 -7.23 3.71 -24.66
C GLU B 198 -8.74 3.49 -24.70
N LEU B 199 -9.46 4.21 -23.84
CA LEU B 199 -10.91 4.08 -23.77
C LEU B 199 -11.57 4.57 -25.05
N TRP B 200 -11.02 5.63 -25.64
CA TRP B 200 -11.57 6.17 -26.88
C TRP B 200 -11.41 5.15 -28.01
N GLU B 201 -10.21 4.62 -28.16
CA GLU B 201 -9.86 3.77 -29.28
C GLU B 201 -10.36 2.33 -29.11
N THR B 202 -11.24 2.10 -28.14
CA THR B 202 -11.74 0.74 -27.88
C THR B 202 -13.21 0.68 -27.49
N THR B 203 -13.74 1.75 -26.90
CA THR B 203 -15.10 1.71 -26.36
C THR B 203 -15.95 2.93 -26.68
N MET B 204 -15.32 4.04 -27.08
CA MET B 204 -16.05 5.29 -27.28
C MET B 204 -15.95 5.84 -28.71
N ASP B 205 -14.87 5.54 -29.42
CA ASP B 205 -14.76 5.92 -30.82
C ASP B 205 -15.83 5.17 -31.61
N PRO B 206 -16.82 5.89 -32.18
CA PRO B 206 -17.94 5.22 -32.83
C PRO B 206 -17.55 4.38 -34.06
N SER B 207 -16.32 4.53 -34.54
CA SER B 207 -15.89 3.82 -35.75
C SER B 207 -15.18 2.50 -35.45
N VAL B 208 -14.95 2.22 -34.17
CA VAL B 208 -14.23 1.00 -33.78
C VAL B 208 -14.84 0.33 -32.55
N ARG B 209 -15.66 1.06 -31.81
CA ARG B 209 -16.23 0.54 -30.57
C ARG B 209 -17.14 -0.66 -30.84
N VAL B 210 -17.14 -1.61 -29.90
CA VAL B 210 -18.00 -2.80 -29.98
C VAL B 210 -19.17 -2.66 -29.01
N LEU B 211 -20.31 -2.23 -29.53
CA LEU B 211 -21.52 -2.09 -28.73
C LEU B 211 -22.47 -3.27 -28.98
N ARG B 212 -23.25 -3.61 -27.96
CA ARG B 212 -24.30 -4.61 -28.10
C ARG B 212 -25.64 -4.01 -27.71
N GLN B 213 -26.59 -4.04 -28.63
CA GLN B 213 -27.91 -3.47 -28.39
C GLN B 213 -28.83 -4.46 -27.68
N VAL B 214 -29.28 -4.08 -26.49
CA VAL B 214 -30.16 -4.93 -25.70
C VAL B 214 -31.55 -4.99 -26.31
N THR B 215 -31.97 -6.18 -26.71
CA THR B 215 -33.30 -6.40 -27.28
C THR B 215 -34.19 -7.15 -26.29
N LEU B 216 -35.49 -6.89 -26.35
CA LEU B 216 -36.47 -7.55 -25.50
C LEU B 216 -37.52 -8.26 -26.35
N ASP B 217 -37.45 -9.59 -26.38
CA ASP B 217 -38.37 -10.40 -27.17
C ASP B 217 -39.63 -10.76 -26.38
N ASP B 218 -39.53 -11.78 -25.54
CA ASP B 218 -40.67 -12.23 -24.74
C ASP B 218 -40.68 -11.51 -23.40
N ALA B 219 -41.58 -10.54 -23.27
CA ALA B 219 -41.66 -9.70 -22.07
C ALA B 219 -42.04 -10.51 -20.83
N ALA B 220 -42.94 -11.46 -21.01
CA ALA B 220 -43.39 -12.29 -19.90
C ALA B 220 -42.27 -13.19 -19.40
N ALA B 221 -41.54 -13.79 -20.33
CA ALA B 221 -40.42 -14.68 -19.97
C ALA B 221 -39.31 -13.89 -19.28
N ALA B 222 -39.06 -12.67 -19.76
CA ALA B 222 -38.07 -11.80 -19.16
C ALA B 222 -38.50 -11.38 -17.74
N ASP B 223 -39.78 -11.06 -17.61
CA ASP B 223 -40.35 -10.66 -16.32
C ASP B 223 -40.08 -11.72 -15.24
N GLU B 224 -40.22 -12.99 -15.62
CA GLU B 224 -40.01 -14.09 -14.68
C GLU B 224 -38.54 -14.24 -14.33
N LEU B 225 -37.68 -14.19 -15.34
CA LEU B 225 -36.24 -14.38 -15.14
C LEU B 225 -35.66 -13.30 -14.24
N PHE B 226 -36.14 -12.08 -14.39
CA PHE B 226 -35.70 -10.98 -13.54
C PHE B 226 -36.09 -11.25 -12.09
N SER B 227 -37.29 -11.77 -11.90
CA SER B 227 -37.80 -12.03 -10.56
C SER B 227 -37.08 -13.21 -9.91
N ILE B 228 -36.71 -14.20 -10.71
CA ILE B 228 -35.98 -15.35 -10.18
C ILE B 228 -34.57 -14.93 -9.76
N LEU B 229 -33.85 -14.29 -10.68
CA LEU B 229 -32.45 -13.94 -10.46
C LEU B 229 -32.28 -12.79 -9.46
N MET B 230 -33.19 -11.83 -9.49
CA MET B 230 -33.02 -10.60 -8.71
C MET B 230 -33.99 -10.51 -7.54
N GLY B 231 -34.96 -11.41 -7.47
CA GLY B 231 -35.98 -11.35 -6.42
C GLY B 231 -35.50 -11.80 -5.07
N GLU B 232 -36.39 -11.75 -4.09
CA GLU B 232 -36.05 -12.09 -2.70
C GLU B 232 -36.03 -13.59 -2.45
N ASP B 233 -36.70 -14.36 -3.31
CA ASP B 233 -36.73 -15.80 -3.16
C ASP B 233 -35.36 -16.40 -3.48
N VAL B 234 -34.66 -16.83 -2.43
CA VAL B 234 -33.33 -17.42 -2.60
C VAL B 234 -33.43 -18.83 -3.18
N ASP B 235 -34.34 -19.62 -2.63
CA ASP B 235 -34.50 -21.01 -3.05
C ASP B 235 -34.68 -21.09 -4.56
N ALA B 236 -35.60 -20.28 -5.09
CA ALA B 236 -35.85 -20.23 -6.53
C ALA B 236 -34.56 -19.92 -7.30
N ARG B 237 -33.79 -18.97 -6.77
CA ARG B 237 -32.54 -18.56 -7.39
C ARG B 237 -31.47 -19.64 -7.23
N ARG B 238 -31.44 -20.28 -6.07
CA ARG B 238 -30.45 -21.32 -5.79
C ARG B 238 -30.62 -22.48 -6.77
N SER B 239 -31.87 -22.91 -6.96
CA SER B 239 -32.17 -24.04 -7.84
C SER B 239 -31.95 -23.67 -9.31
N PHE B 240 -32.20 -22.41 -9.65
CA PHE B 240 -32.01 -21.95 -11.02
C PHE B 240 -30.53 -21.97 -11.42
N ILE B 241 -29.67 -21.56 -10.50
CA ILE B 241 -28.23 -21.54 -10.76
C ILE B 241 -27.71 -22.97 -10.87
N THR B 242 -28.05 -23.80 -9.89
CA THR B 242 -27.60 -25.20 -9.90
C THR B 242 -28.16 -25.95 -11.10
N ARG B 243 -29.26 -25.45 -11.66
CA ARG B 243 -29.89 -26.07 -12.82
C ARG B 243 -29.27 -25.61 -14.14
N ASN B 244 -28.91 -24.33 -14.21
CA ASN B 244 -28.53 -23.71 -15.48
C ASN B 244 -27.06 -23.29 -15.58
N ALA B 245 -26.36 -23.24 -14.46
CA ALA B 245 -24.95 -22.84 -14.48
C ALA B 245 -24.13 -23.88 -15.22
N LYS B 246 -24.63 -25.10 -15.21
CA LYS B 246 -23.99 -26.22 -15.87
C LYS B 246 -23.91 -26.01 -17.39
N ASP B 247 -24.77 -25.14 -17.91
CA ASP B 247 -24.93 -25.00 -19.36
C ASP B 247 -24.81 -23.56 -19.88
N VAL B 248 -24.16 -22.68 -19.13
CA VAL B 248 -24.01 -21.29 -19.56
C VAL B 248 -23.12 -21.16 -20.79
N ARG B 249 -22.12 -22.03 -20.89
CA ARG B 249 -21.20 -22.01 -22.02
C ARG B 249 -21.90 -22.30 -23.35
N PHE B 250 -23.02 -23.01 -23.27
CA PHE B 250 -23.68 -23.55 -24.45
C PHE B 250 -24.96 -22.81 -24.79
N LEU B 251 -25.04 -21.54 -24.41
CA LEU B 251 -26.21 -20.71 -24.70
C LEU B 251 -26.20 -20.20 -26.15
N ASP B 252 -25.01 -20.06 -26.72
CA ASP B 252 -24.86 -19.50 -28.06
C ASP B 252 -24.29 -20.51 -29.07
N VAL B 253 -24.13 -21.76 -28.64
CA VAL B 253 -23.64 -22.81 -29.54
C VAL B 253 -24.71 -23.16 -30.57
N ILE C 14 6.54 14.71 38.85
CA ILE C 14 6.21 15.51 37.69
C ILE C 14 7.21 16.66 37.54
N GLU C 15 7.89 16.71 36.40
CA GLU C 15 8.87 17.76 36.13
C GLU C 15 8.17 19.01 35.62
N PRO C 16 8.59 20.20 36.10
CA PRO C 16 8.01 21.43 35.57
C PRO C 16 8.77 21.94 34.36
N VAL C 17 8.05 22.50 33.38
CA VAL C 17 8.67 23.08 32.20
C VAL C 17 7.97 24.39 31.85
N ASP C 18 8.75 25.41 31.52
CA ASP C 18 8.18 26.72 31.22
C ASP C 18 7.67 26.76 29.79
N ILE C 19 6.55 27.45 29.60
CA ILE C 19 5.88 27.45 28.30
C ILE C 19 6.74 28.11 27.22
N GLU C 20 7.59 29.06 27.61
CA GLU C 20 8.47 29.73 26.64
C GLU C 20 9.56 28.78 26.15
N GLN C 21 10.12 28.00 27.06
CA GLN C 21 11.14 27.02 26.70
C GLN C 21 10.56 25.97 25.77
N GLU C 22 9.35 25.52 26.10
CA GLU C 22 8.68 24.47 25.34
C GLU C 22 8.29 24.95 23.95
N MET C 23 7.65 26.11 23.90
CA MET C 23 7.19 26.68 22.63
C MET C 23 8.36 26.91 21.68
N GLN C 24 9.42 27.51 22.18
CA GLN C 24 10.58 27.83 21.36
C GLN C 24 11.26 26.57 20.85
N ARG C 25 11.49 25.61 21.75
CA ARG C 25 12.22 24.40 21.38
C ARG C 25 11.43 23.59 20.37
N SER C 26 10.13 23.47 20.59
CA SER C 26 9.28 22.63 19.74
C SER C 26 9.06 23.25 18.36
N TYR C 27 8.82 24.55 18.30
CA TYR C 27 8.51 25.20 17.03
C TYR C 27 9.73 25.31 16.14
N ILE C 28 10.89 25.56 16.74
CA ILE C 28 12.13 25.63 15.98
C ILE C 28 12.45 24.24 15.41
N ASP C 29 12.22 23.21 16.20
CA ASP C 29 12.44 21.84 15.75
C ASP C 29 11.56 21.52 14.56
N TYR C 30 10.34 22.04 14.56
CA TYR C 30 9.43 21.84 13.43
C TYR C 30 9.89 22.65 12.23
N ALA C 31 10.17 23.94 12.45
CA ALA C 31 10.60 24.82 11.38
C ALA C 31 11.84 24.27 10.66
N MET C 32 12.84 23.87 11.44
CA MET C 32 14.12 23.44 10.87
C MET C 32 14.00 22.15 10.04
N SER C 33 13.28 21.15 10.55
CA SER C 33 13.15 19.89 9.83
C SER C 33 12.32 20.08 8.56
N VAL C 34 11.28 20.91 8.66
CA VAL C 34 10.46 21.27 7.51
C VAL C 34 11.33 21.96 6.45
N ILE C 35 12.15 22.91 6.88
CA ILE C 35 13.01 23.67 5.98
C ILE C 35 14.00 22.76 5.27
N VAL C 36 14.71 21.94 6.04
CA VAL C 36 15.81 21.14 5.52
C VAL C 36 15.36 19.76 5.07
N GLY C 37 14.29 19.25 5.68
CA GLY C 37 13.89 17.86 5.49
C GLY C 37 12.43 17.61 5.13
N ARG C 38 11.80 18.54 4.41
CA ARG C 38 10.45 18.29 3.90
C ARG C 38 10.09 19.13 2.68
N ALA C 39 10.10 20.45 2.85
CA ALA C 39 9.47 21.35 1.87
C ALA C 39 10.41 21.83 0.78
N LEU C 40 11.71 21.89 1.07
CA LEU C 40 12.66 22.54 0.16
C LEU C 40 13.64 21.56 -0.49
N PRO C 41 14.00 21.81 -1.75
CA PRO C 41 14.88 20.91 -2.52
C PRO C 41 16.37 21.06 -2.20
N GLU C 42 17.07 19.93 -2.15
CA GLU C 42 18.53 19.93 -2.14
C GLU C 42 19.03 20.49 -3.46
N VAL C 43 20.03 21.36 -3.40
CA VAL C 43 20.50 22.06 -4.61
C VAL C 43 21.16 21.12 -5.62
N ARG C 44 21.74 20.03 -5.11
CA ARG C 44 22.53 19.13 -5.94
C ARG C 44 21.69 18.24 -6.86
N ASP C 45 20.55 17.76 -6.37
CA ASP C 45 19.67 16.92 -7.19
C ASP C 45 18.27 17.51 -7.33
N GLY C 46 18.03 18.64 -6.67
CA GLY C 46 16.76 19.35 -6.80
C GLY C 46 15.59 18.57 -6.27
N LEU C 47 15.84 17.67 -5.32
CA LEU C 47 14.80 16.79 -4.80
C LEU C 47 14.49 17.06 -3.34
N LYS C 48 13.20 16.95 -2.99
CA LYS C 48 12.79 16.90 -1.60
C LYS C 48 12.89 15.46 -1.13
N PRO C 49 12.93 15.24 0.20
CA PRO C 49 13.09 13.89 0.77
C PRO C 49 12.09 12.87 0.25
N VAL C 50 10.82 13.25 0.09
CA VAL C 50 9.81 12.30 -0.36
C VAL C 50 10.10 11.86 -1.79
N HIS C 51 10.52 12.81 -2.63
CA HIS C 51 10.89 12.51 -4.01
C HIS C 51 12.05 11.53 -4.05
N ARG C 52 13.12 11.87 -3.33
CA ARG C 52 14.36 11.08 -3.35
C ARG C 52 14.10 9.67 -2.86
N ARG C 53 13.22 9.54 -1.87
CA ARG C 53 12.95 8.24 -1.26
C ARG C 53 12.04 7.36 -2.11
N VAL C 54 11.07 7.98 -2.79
CA VAL C 54 10.23 7.23 -3.74
C VAL C 54 11.10 6.68 -4.86
N LEU C 55 11.93 7.53 -5.44
CA LEU C 55 12.74 7.13 -6.58
C LEU C 55 13.72 6.03 -6.22
N TYR C 56 14.33 6.11 -5.05
CA TYR C 56 15.29 5.08 -4.64
C TYR C 56 14.58 3.78 -4.32
N ALA C 57 13.37 3.89 -3.76
CA ALA C 57 12.57 2.72 -3.46
C ALA C 57 12.23 1.97 -4.74
N MET C 58 11.75 2.72 -5.74
CA MET C 58 11.41 2.14 -7.03
C MET C 58 12.63 1.54 -7.69
N PHE C 59 13.75 2.25 -7.58
CA PHE C 59 15.02 1.82 -8.16
C PHE C 59 15.49 0.52 -7.53
N ASP C 60 15.49 0.49 -6.20
CA ASP C 60 15.94 -0.68 -5.46
C ASP C 60 15.02 -1.87 -5.69
N SER C 61 13.73 -1.60 -5.92
CA SER C 61 12.75 -2.64 -6.17
C SER C 61 12.82 -3.18 -7.59
N GLY C 62 13.59 -2.50 -8.44
CA GLY C 62 13.76 -2.93 -9.82
C GLY C 62 12.66 -2.44 -10.73
N PHE C 63 11.85 -1.49 -10.25
CA PHE C 63 10.78 -0.92 -11.06
C PHE C 63 11.38 0.05 -12.07
N ARG C 64 12.09 -0.51 -13.04
CA ARG C 64 12.87 0.26 -14.00
C ARG C 64 12.26 0.12 -15.41
N PRO C 65 12.63 1.01 -16.34
CA PRO C 65 12.05 0.97 -17.68
C PRO C 65 12.37 -0.30 -18.47
N ASP C 66 13.30 -1.11 -17.99
CA ASP C 66 13.64 -2.37 -18.65
C ASP C 66 12.72 -3.51 -18.22
N ARG C 67 11.68 -3.17 -17.47
CA ARG C 67 10.68 -4.14 -17.05
C ARG C 67 9.31 -3.47 -17.03
N SER C 68 8.27 -4.30 -17.06
CA SER C 68 6.90 -3.78 -17.12
C SER C 68 6.57 -3.00 -15.86
N HIS C 69 5.63 -2.06 -15.99
CA HIS C 69 5.20 -1.23 -14.87
C HIS C 69 4.74 -2.09 -13.70
N ALA C 70 5.30 -1.82 -12.52
CA ALA C 70 4.84 -2.47 -11.30
C ALA C 70 3.60 -1.73 -10.81
N LYS C 71 2.76 -2.41 -10.05
CA LYS C 71 1.61 -1.75 -9.43
C LYS C 71 2.11 -0.65 -8.50
N SER C 72 1.56 0.56 -8.66
CA SER C 72 2.07 1.72 -7.95
C SER C 72 1.92 1.57 -6.43
N ALA C 73 1.03 0.69 -6.00
CA ALA C 73 0.86 0.41 -4.57
C ALA C 73 2.15 -0.16 -3.99
N ARG C 74 2.84 -0.95 -4.80
CA ARG C 74 4.10 -1.56 -4.37
C ARG C 74 5.20 -0.53 -4.17
N SER C 75 5.20 0.51 -5.00
CA SER C 75 6.19 1.57 -4.89
C SER C 75 5.95 2.40 -3.64
N VAL C 76 4.68 2.72 -3.39
CA VAL C 76 4.29 3.46 -2.19
C VAL C 76 4.65 2.67 -0.94
N ALA C 77 4.27 1.39 -0.92
CA ALA C 77 4.48 0.54 0.25
C ALA C 77 5.96 0.38 0.55
N GLU C 78 6.77 0.22 -0.49
CA GLU C 78 8.21 0.05 -0.33
C GLU C 78 8.85 1.32 0.21
N THR C 79 8.33 2.47 -0.23
CA THR C 79 8.82 3.75 0.25
C THR C 79 8.47 3.90 1.73
N MET C 80 7.24 3.56 2.07
CA MET C 80 6.75 3.66 3.45
C MET C 80 7.54 2.78 4.40
N GLY C 81 7.76 1.53 3.99
CA GLY C 81 8.30 0.52 4.88
C GLY C 81 9.78 0.61 5.17
N ASN C 82 10.52 1.32 4.32
CA ASN C 82 11.98 1.35 4.43
C ASN C 82 12.57 2.75 4.59
N TYR C 83 11.91 3.78 4.08
CA TYR C 83 12.53 5.11 3.99
C TYR C 83 11.68 6.26 4.51
N HIS C 84 10.40 6.29 4.15
CA HIS C 84 9.54 7.43 4.42
C HIS C 84 8.44 7.10 5.44
N PRO C 85 8.69 7.39 6.73
CA PRO C 85 7.72 6.98 7.76
C PRO C 85 6.49 7.89 7.83
N HIS C 86 5.70 7.89 6.76
CA HIS C 86 4.50 8.73 6.70
C HIS C 86 3.37 8.01 5.98
N GLY C 87 2.30 8.74 5.67
CA GLY C 87 1.08 8.12 5.15
C GLY C 87 1.16 7.70 3.70
N ASP C 88 0.48 6.59 3.38
CA ASP C 88 0.46 6.06 2.02
C ASP C 88 -0.28 6.99 1.06
N SER C 89 -1.27 7.70 1.59
CA SER C 89 -2.10 8.59 0.79
C SER C 89 -1.30 9.73 0.17
N SER C 90 -0.59 10.49 1.01
CA SER C 90 0.13 11.66 0.53
C SER C 90 1.38 11.25 -0.26
N ILE C 91 1.91 10.08 0.04
CA ILE C 91 3.06 9.56 -0.71
C ILE C 91 2.66 9.24 -2.13
N TYR C 92 1.47 8.68 -2.30
CA TYR C 92 0.98 8.37 -3.64
C TYR C 92 0.82 9.67 -4.43
N ASP C 93 0.31 10.71 -3.79
CA ASP C 93 0.14 12.01 -4.44
C ASP C 93 1.47 12.54 -4.96
N SER C 94 2.53 12.34 -4.20
CA SER C 94 3.84 12.81 -4.59
C SER C 94 4.37 12.00 -5.76
N LEU C 95 4.13 10.69 -5.73
CA LEU C 95 4.53 9.82 -6.83
C LEU C 95 3.77 10.21 -8.09
N VAL C 96 2.47 10.44 -7.92
CA VAL C 96 1.60 10.80 -9.04
C VAL C 96 2.11 12.05 -9.72
N ARG C 97 2.45 13.08 -8.94
CA ARG C 97 2.94 14.33 -9.49
C ARG C 97 4.16 14.13 -10.38
N MET C 98 5.08 13.28 -9.95
CA MET C 98 6.32 13.07 -10.69
C MET C 98 6.09 12.33 -12.01
N ALA C 99 4.85 11.94 -12.27
CA ALA C 99 4.49 11.24 -13.50
C ALA C 99 3.63 12.09 -14.45
N GLN C 100 3.23 13.27 -14.00
CA GLN C 100 2.37 14.15 -14.78
C GLN C 100 3.18 15.05 -15.73
N PRO C 101 2.93 14.94 -17.05
CA PRO C 101 3.72 15.75 -17.99
C PRO C 101 3.46 17.25 -17.91
N TRP C 102 2.35 17.66 -17.29
CA TRP C 102 2.02 19.08 -17.16
C TRP C 102 2.56 19.67 -15.85
N SER C 103 3.03 18.79 -14.98
CA SER C 103 3.64 19.21 -13.71
C SER C 103 5.15 19.26 -13.85
N LEU C 104 5.75 18.13 -14.23
CA LEU C 104 7.19 18.07 -14.43
C LEU C 104 7.57 18.30 -15.89
N ARG C 105 8.55 19.17 -16.10
CA ARG C 105 9.07 19.43 -17.44
C ARG C 105 9.71 18.16 -17.99
N TYR C 106 10.31 17.38 -17.09
CA TYR C 106 10.93 16.11 -17.44
C TYR C 106 10.53 15.06 -16.40
N PRO C 107 9.37 14.41 -16.61
CA PRO C 107 8.83 13.42 -15.68
C PRO C 107 9.85 12.38 -15.22
N LEU C 108 9.83 12.06 -13.93
CA LEU C 108 10.74 11.07 -13.35
C LEU C 108 10.05 9.72 -13.16
N VAL C 109 8.72 9.71 -13.24
CA VAL C 109 7.95 8.47 -13.14
C VAL C 109 7.16 8.23 -14.42
N ASP C 110 7.27 7.02 -14.95
CA ASP C 110 6.47 6.59 -16.09
C ASP C 110 5.18 6.00 -15.58
N GLY C 111 4.11 6.77 -15.65
CA GLY C 111 2.81 6.33 -15.15
C GLY C 111 2.01 5.58 -16.19
N GLN C 112 1.36 4.51 -15.76
CA GLN C 112 0.46 3.75 -16.61
C GLN C 112 -0.93 3.71 -15.98
N GLY C 113 -1.88 4.37 -16.63
CA GLY C 113 -3.23 4.47 -16.12
C GLY C 113 -3.69 5.92 -16.07
N ASN C 114 -4.70 6.17 -15.23
CA ASN C 114 -5.24 7.51 -15.08
C ASN C 114 -4.51 8.31 -14.00
N PHE C 115 -3.65 9.22 -14.42
CA PHE C 115 -2.89 10.06 -13.49
C PHE C 115 -3.45 11.49 -13.44
N GLY C 116 -4.73 11.63 -13.77
CA GLY C 116 -5.41 12.91 -13.66
C GLY C 116 -5.26 13.76 -14.90
N SER C 117 -5.64 15.03 -14.77
CA SER C 117 -5.56 15.98 -15.87
C SER C 117 -5.13 17.35 -15.36
N PRO C 118 -4.79 18.27 -16.28
CA PRO C 118 -4.47 19.65 -15.90
C PRO C 118 -5.65 20.36 -15.25
N GLY C 119 -6.84 19.77 -15.36
CA GLY C 119 -8.04 20.32 -14.77
C GLY C 119 -8.33 19.74 -13.41
N ASN C 120 -9.61 19.61 -13.08
CA ASN C 120 -10.03 19.13 -11.77
C ASN C 120 -10.28 17.63 -11.72
N ASP C 121 -10.06 16.95 -12.85
CA ASP C 121 -10.21 15.50 -12.89
C ASP C 121 -9.12 14.84 -12.06
N PRO C 122 -9.49 14.25 -10.90
CA PRO C 122 -8.44 13.73 -10.02
C PRO C 122 -7.79 12.46 -10.56
N PRO C 123 -6.54 12.18 -10.15
CA PRO C 123 -5.90 10.94 -10.58
C PRO C 123 -6.62 9.72 -10.01
N ALA C 124 -6.52 8.58 -10.67
CA ALA C 124 -7.14 7.36 -10.18
C ALA C 124 -6.48 6.92 -8.89
N ALA C 125 -7.17 6.05 -8.16
CA ALA C 125 -6.65 5.54 -6.90
C ALA C 125 -5.42 4.67 -7.12
N MET C 126 -4.64 4.52 -6.06
CA MET C 126 -3.42 3.72 -6.06
C MET C 126 -3.61 2.34 -6.69
N ARG C 127 -4.76 1.72 -6.44
CA ARG C 127 -5.02 0.36 -6.88
C ARG C 127 -5.10 0.25 -8.40
N PTR C 128 -5.44 1.34 -9.04
CA PTR C 128 -5.70 1.30 -10.47
C PTR C 128 -4.60 1.65 -11.36
O PTR C 128 -4.69 1.41 -12.61
CB PTR C 128 -6.81 2.33 -10.74
CG PTR C 128 -8.18 1.99 -10.29
CD1 PTR C 128 -8.71 0.74 -10.48
CD2 PTR C 128 -8.93 2.95 -9.67
CE1 PTR C 128 -9.99 0.48 -10.05
CE2 PTR C 128 -10.20 2.69 -9.23
CZ PTR C 128 -10.73 1.45 -9.43
OH PTR C 128 -11.97 1.12 -9.02
P PTR C 128 -12.90 2.10 -8.21
O1P PTR C 128 -13.05 3.33 -9.01
O2P PTR C 128 -14.20 1.28 -7.99
O3P PTR C 128 -12.12 2.34 -6.96
HA PTR C 128 -6.03 0.42 -10.73
HB2 PTR C 128 -6.56 3.16 -10.32
HB3 PTR C 128 -6.86 2.47 -11.70
HD1 PTR C 128 -8.22 0.08 -10.90
HD2 PTR C 128 -8.57 3.80 -9.54
HE1 PTR C 128 -10.35 -0.37 -10.17
HE2 PTR C 128 -10.70 3.35 -8.81
N THR C 129 -3.55 2.23 -10.80
CA THR C 129 -2.44 2.73 -11.60
C THR C 129 -1.19 1.88 -11.43
N GLU C 130 -0.36 1.87 -12.46
CA GLU C 130 0.96 1.25 -12.39
C GLU C 130 2.01 2.32 -12.63
N ALA C 131 3.27 2.01 -12.30
CA ALA C 131 4.32 3.00 -12.40
C ALA C 131 5.70 2.38 -12.40
N ARG C 132 6.64 3.07 -13.03
CA ARG C 132 8.04 2.69 -13.01
C ARG C 132 8.86 3.94 -13.25
N LEU C 133 10.18 3.82 -13.10
CA LEU C 133 11.07 4.96 -13.34
C LEU C 133 11.20 5.24 -14.84
N THR C 134 11.38 6.52 -15.17
CA THR C 134 11.65 6.92 -16.54
C THR C 134 13.14 6.81 -16.81
N PRO C 135 13.52 6.78 -18.10
CA PRO C 135 14.95 6.74 -18.48
C PRO C 135 15.76 7.88 -17.85
N LEU C 136 15.19 9.08 -17.78
CA LEU C 136 15.89 10.21 -17.19
C LEU C 136 16.06 10.04 -15.68
N ALA C 137 15.08 9.42 -15.04
CA ALA C 137 15.17 9.13 -13.61
C ALA C 137 16.26 8.10 -13.35
N MET C 138 16.54 7.29 -14.38
CA MET C 138 17.61 6.30 -14.29
C MET C 138 18.96 6.98 -14.30
N GLU C 139 19.00 8.19 -14.87
CA GLU C 139 20.21 9.00 -14.86
C GLU C 139 20.38 9.73 -13.54
N MET C 140 19.26 9.94 -12.84
CA MET C 140 19.33 10.52 -11.50
C MET C 140 20.06 9.57 -10.56
N LEU C 141 19.87 8.27 -10.81
CA LEU C 141 20.36 7.22 -9.94
C LEU C 141 21.56 6.47 -10.51
N ARG C 142 22.05 6.94 -11.66
CA ARG C 142 23.15 6.28 -12.36
C ARG C 142 24.37 6.07 -11.45
N GLU C 143 24.75 4.80 -11.29
CA GLU C 143 25.95 4.43 -10.56
C GLU C 143 25.90 4.87 -9.10
N ILE C 144 24.70 4.84 -8.53
CA ILE C 144 24.51 5.17 -7.12
C ILE C 144 25.12 4.07 -6.25
N ASP C 145 25.31 2.90 -6.85
CA ASP C 145 25.84 1.74 -6.14
C ASP C 145 27.37 1.67 -6.17
N GLU C 146 28.01 2.75 -6.62
CA GLU C 146 29.46 2.80 -6.69
C GLU C 146 30.01 3.84 -5.72
N GLU C 147 29.31 4.00 -4.60
CA GLU C 147 29.73 4.90 -3.53
C GLU C 147 29.91 6.32 -4.04
N THR C 148 29.02 6.73 -4.95
CA THR C 148 29.07 8.06 -5.54
C THR C 148 28.40 9.11 -4.66
N VAL C 149 27.63 8.66 -3.67
CA VAL C 149 26.94 9.55 -2.76
C VAL C 149 26.94 8.98 -1.35
N ASP C 150 26.87 9.86 -0.36
CA ASP C 150 26.82 9.43 1.03
C ASP C 150 25.49 8.75 1.33
N PHE C 151 25.59 7.61 2.02
CA PHE C 151 24.40 6.90 2.50
C PHE C 151 24.33 6.99 4.02
N ILE C 152 23.12 7.12 4.55
CA ILE C 152 22.88 7.11 5.99
C ILE C 152 21.81 6.08 6.32
N PRO C 153 21.79 5.62 7.59
CA PRO C 153 20.74 4.68 8.01
C PRO C 153 19.35 5.31 7.94
N ASN C 154 18.34 4.50 7.62
CA ASN C 154 16.98 5.01 7.51
C ASN C 154 16.40 5.34 8.88
N TYR C 155 15.08 5.42 8.98
CA TYR C 155 14.45 5.94 10.18
C TYR C 155 14.49 4.95 11.36
N ASP C 156 14.82 3.69 11.09
CA ASP C 156 14.95 2.70 12.17
C ASP C 156 16.25 1.91 12.06
N GLY C 157 17.15 2.36 11.19
CA GLY C 157 18.49 1.80 11.11
C GLY C 157 18.61 0.42 10.50
N ARG C 158 17.51 -0.15 10.03
CA ARG C 158 17.57 -1.48 9.42
C ARG C 158 18.31 -1.46 8.10
N VAL C 159 18.10 -0.41 7.30
CA VAL C 159 18.70 -0.31 5.98
C VAL C 159 19.26 1.08 5.70
N GLN C 160 20.03 1.19 4.62
CA GLN C 160 20.64 2.45 4.23
C GLN C 160 19.82 3.17 3.18
N GLU C 161 19.85 4.50 3.21
CA GLU C 161 19.23 5.32 2.18
C GLU C 161 20.21 6.39 1.72
N PRO C 162 20.08 6.85 0.46
CA PRO C 162 20.98 7.87 -0.07
C PRO C 162 20.65 9.27 0.46
N THR C 163 21.69 10.01 0.86
CA THR C 163 21.53 11.39 1.30
C THR C 163 21.17 12.30 0.13
N VAL C 164 21.73 11.96 -1.03
CA VAL C 164 21.48 12.70 -2.26
C VAL C 164 21.69 11.75 -3.43
N LEU C 165 21.07 12.04 -4.57
CA LEU C 165 21.25 11.20 -5.75
C LEU C 165 22.39 11.75 -6.63
N PRO C 166 23.03 10.86 -7.41
CA PRO C 166 24.07 11.29 -8.36
C PRO C 166 23.60 12.41 -9.28
N SER C 167 22.34 12.32 -9.73
CA SER C 167 21.74 13.37 -10.54
C SER C 167 22.61 13.77 -11.72
N ARG C 168 22.69 12.90 -12.72
CA ARG C 168 23.59 13.12 -13.84
C ARG C 168 22.99 14.07 -14.88
N PHE C 169 21.93 14.78 -14.50
CA PHE C 169 21.45 15.93 -15.25
C PHE C 169 20.88 16.93 -14.25
N PRO C 170 21.03 18.24 -14.54
CA PRO C 170 20.66 19.28 -13.57
C PRO C 170 19.15 19.32 -13.31
N ASN C 171 18.70 18.49 -12.36
CA ASN C 171 17.28 18.26 -12.16
C ASN C 171 16.58 19.45 -11.50
N LEU C 172 17.26 20.14 -10.61
CA LEU C 172 16.66 21.27 -9.92
C LEU C 172 16.20 22.33 -10.90
N LEU C 173 17.08 22.69 -11.83
CA LEU C 173 16.78 23.72 -12.81
C LEU C 173 15.84 23.17 -13.90
N ALA C 174 16.04 21.91 -14.26
CA ALA C 174 15.24 21.29 -15.31
C ALA C 174 13.76 21.20 -14.93
N ASN C 175 13.47 20.55 -13.81
CA ASN C 175 12.10 20.33 -13.37
C ASN C 175 11.60 21.42 -12.42
N GLY C 176 12.52 22.21 -11.87
CA GLY C 176 12.13 23.27 -10.96
C GLY C 176 11.66 22.70 -9.63
N SER C 177 11.12 23.56 -8.78
CA SER C 177 10.61 23.14 -7.48
C SER C 177 9.78 24.24 -6.83
N GLY C 178 8.70 23.84 -6.17
CA GLY C 178 7.86 24.75 -5.41
C GLY C 178 7.55 24.13 -4.05
N GLY C 179 7.76 24.89 -2.98
CA GLY C 179 7.57 24.37 -1.65
C GLY C 179 7.36 25.43 -0.59
N ILE C 180 6.43 25.15 0.33
CA ILE C 180 6.15 26.04 1.45
C ILE C 180 6.73 25.46 2.73
N ALA C 181 7.69 26.18 3.31
CA ALA C 181 8.33 25.75 4.54
C ALA C 181 7.82 26.60 5.72
N VAL C 182 8.69 26.85 6.68
CA VAL C 182 8.37 27.74 7.80
C VAL C 182 9.33 28.93 7.75
N GLY C 183 8.77 30.13 7.71
CA GLY C 183 9.57 31.34 7.63
C GLY C 183 10.04 31.65 6.22
N MET C 184 9.88 30.70 5.30
CA MET C 184 10.32 30.87 3.93
C MET C 184 9.66 29.85 2.99
N ALA C 185 9.78 30.10 1.69
CA ALA C 185 9.24 29.20 0.67
C ALA C 185 10.06 29.33 -0.61
N THR C 186 10.02 28.29 -1.45
CA THR C 186 10.77 28.28 -2.70
C THR C 186 9.83 28.19 -3.89
N ASN C 187 10.28 28.71 -5.04
CA ASN C 187 9.50 28.62 -6.27
C ASN C 187 10.42 28.77 -7.48
N ILE C 188 11.07 27.66 -7.85
CA ILE C 188 11.99 27.63 -8.98
C ILE C 188 11.30 27.06 -10.23
N PRO C 189 11.34 27.80 -11.35
CA PRO C 189 10.67 27.32 -12.56
C PRO C 189 11.50 26.26 -13.28
N PRO C 190 10.84 25.44 -14.13
CA PRO C 190 11.59 24.46 -14.91
C PRO C 190 12.31 25.11 -16.08
N HIS C 191 13.31 24.43 -16.64
CA HIS C 191 14.09 24.98 -17.75
C HIS C 191 14.34 23.92 -18.82
N ASN C 192 14.77 24.38 -19.99
CA ASN C 192 15.09 23.48 -21.09
C ASN C 192 16.43 22.80 -20.88
N LEU C 193 16.44 21.48 -20.91
CA LEU C 193 17.62 20.69 -20.61
C LEU C 193 18.82 21.06 -21.49
N ARG C 194 18.56 21.29 -22.78
CA ARG C 194 19.63 21.63 -23.71
C ARG C 194 20.30 22.95 -23.37
N GLU C 195 19.51 23.91 -22.90
CA GLU C 195 20.04 25.23 -22.54
C GLU C 195 20.87 25.13 -21.26
N LEU C 196 20.40 24.32 -20.31
CA LEU C 196 21.11 24.09 -19.06
C LEU C 196 22.44 23.40 -19.33
N ALA C 197 22.42 22.46 -20.26
CA ALA C 197 23.62 21.70 -20.61
C ALA C 197 24.70 22.62 -21.17
N ASP C 198 24.29 23.56 -22.00
CA ASP C 198 25.21 24.54 -22.56
C ASP C 198 25.84 25.35 -21.43
N ALA C 199 25.03 25.72 -20.44
CA ALA C 199 25.51 26.46 -19.28
C ALA C 199 26.53 25.63 -18.49
N VAL C 200 26.25 24.33 -18.36
CA VAL C 200 27.15 23.44 -17.65
C VAL C 200 28.45 23.24 -18.44
N PHE C 201 28.33 23.08 -19.75
CA PHE C 201 29.49 22.89 -20.61
C PHE C 201 30.41 24.09 -20.50
N TRP C 202 29.82 25.28 -20.39
CA TRP C 202 30.62 26.50 -20.27
C TRP C 202 31.27 26.55 -18.89
N ALA C 203 30.52 26.16 -17.87
CA ALA C 203 31.01 26.18 -16.50
C ALA C 203 32.18 25.20 -16.33
N LEU C 204 32.17 24.13 -17.12
CA LEU C 204 33.23 23.13 -17.07
C LEU C 204 34.49 23.62 -17.80
N GLU C 205 34.30 24.20 -18.97
CA GLU C 205 35.42 24.73 -19.75
C GLU C 205 36.06 25.90 -19.02
N ASN C 206 35.22 26.85 -18.59
CA ASN C 206 35.68 28.00 -17.84
C ASN C 206 35.56 27.78 -16.33
N HIS C 207 36.31 26.81 -15.83
CA HIS C 207 36.21 26.41 -14.42
C HIS C 207 36.83 27.44 -13.47
N ASP C 208 37.62 28.36 -14.01
CA ASP C 208 38.29 29.38 -13.20
C ASP C 208 37.57 30.73 -13.24
N ALA C 209 36.59 30.86 -14.12
CA ALA C 209 35.87 32.12 -14.25
C ALA C 209 35.21 32.53 -12.93
N ASP C 210 35.22 33.82 -12.66
CA ASP C 210 34.62 34.34 -11.44
C ASP C 210 33.10 34.40 -11.60
N GLU C 211 32.42 34.77 -10.52
CA GLU C 211 30.97 34.79 -10.49
C GLU C 211 30.39 35.83 -11.46
N GLU C 212 31.12 36.94 -11.63
CA GLU C 212 30.68 38.01 -12.52
C GLU C 212 30.61 37.54 -13.98
N GLU C 213 31.66 36.87 -14.43
CA GLU C 213 31.73 36.36 -15.79
C GLU C 213 30.80 35.17 -15.97
N THR C 214 30.79 34.29 -14.98
CA THR C 214 30.00 33.07 -15.04
C THR C 214 28.51 33.39 -15.19
N LEU C 215 28.05 34.37 -14.42
CA LEU C 215 26.64 34.77 -14.47
C LEU C 215 26.28 35.30 -15.86
N ALA C 216 27.18 36.08 -16.45
CA ALA C 216 26.96 36.63 -17.77
C ALA C 216 26.88 35.54 -18.82
N ALA C 217 27.76 34.53 -18.67
CA ALA C 217 27.82 33.42 -19.62
C ALA C 217 26.61 32.52 -19.51
N VAL C 218 26.26 32.14 -18.29
CA VAL C 218 25.15 31.22 -18.05
C VAL C 218 23.82 31.86 -18.44
N MET C 219 23.70 33.17 -18.23
CA MET C 219 22.45 33.86 -18.56
C MET C 219 22.24 33.97 -20.06
N GLY C 220 23.34 33.96 -20.81
CA GLY C 220 23.27 34.03 -22.25
C GLY C 220 22.79 32.71 -22.86
N ARG C 221 23.04 31.62 -22.14
CA ARG C 221 22.71 30.29 -22.63
C ARG C 221 21.36 29.81 -22.10
N VAL C 222 21.06 30.12 -20.85
CA VAL C 222 19.73 29.88 -20.30
C VAL C 222 18.86 31.12 -20.55
N LYS C 223 18.13 31.10 -21.66
CA LYS C 223 17.35 32.26 -22.07
C LYS C 223 16.16 32.52 -21.16
N GLY C 224 15.78 31.51 -20.38
CA GLY C 224 14.67 31.64 -19.46
C GLY C 224 14.03 30.30 -19.13
N PRO C 225 13.02 30.32 -18.25
CA PRO C 225 12.30 29.10 -17.88
C PRO C 225 11.60 28.47 -19.08
N ASP C 226 11.48 27.15 -19.05
CA ASP C 226 10.79 26.41 -20.10
C ASP C 226 9.71 25.54 -19.47
N PHE C 227 8.48 26.02 -19.51
CA PHE C 227 7.37 25.35 -18.83
C PHE C 227 6.84 24.17 -19.64
N PRO C 228 6.41 23.10 -18.94
CA PRO C 228 5.82 21.94 -19.63
C PRO C 228 4.54 22.28 -20.38
N THR C 229 3.87 23.32 -19.93
CA THR C 229 2.59 23.73 -20.50
C THR C 229 2.75 24.70 -21.68
N ALA C 230 3.98 24.83 -22.16
CA ALA C 230 4.27 25.75 -23.26
C ALA C 230 3.90 27.18 -22.87
N GLY C 231 3.08 27.85 -23.70
CA GLY C 231 2.66 29.21 -23.41
C GLY C 231 3.69 30.22 -23.87
N LEU C 232 3.63 31.42 -23.29
CA LEU C 232 4.53 32.50 -23.66
C LEU C 232 5.16 33.12 -22.43
N ILE C 233 6.37 33.66 -22.59
CA ILE C 233 6.99 34.52 -21.58
C ILE C 233 7.12 35.92 -22.16
N VAL C 234 6.47 36.88 -21.50
CA VAL C 234 6.49 38.27 -21.94
C VAL C 234 7.48 39.07 -21.12
N GLY C 235 8.39 39.75 -21.81
CA GLY C 235 9.40 40.57 -21.16
C GLY C 235 10.65 39.78 -20.82
N SER C 236 11.68 40.48 -20.37
CA SER C 236 12.97 39.87 -20.05
C SER C 236 13.51 40.30 -18.69
N GLN C 237 12.90 41.34 -18.12
CA GLN C 237 13.34 41.90 -16.84
C GLN C 237 13.18 40.90 -15.71
N GLY C 238 11.99 40.34 -15.59
CA GLY C 238 11.69 39.40 -14.51
C GLY C 238 12.62 38.20 -14.53
N THR C 239 12.89 37.68 -15.71
CA THR C 239 13.81 36.56 -15.87
C THR C 239 15.20 36.94 -15.39
N ALA C 240 15.65 38.12 -15.80
CA ALA C 240 16.97 38.61 -15.43
C ALA C 240 17.08 38.82 -13.92
N ASP C 241 16.01 39.34 -13.33
CA ASP C 241 15.96 39.56 -11.88
C ASP C 241 16.16 38.25 -11.13
N ALA C 242 15.43 37.21 -11.54
CA ALA C 242 15.50 35.91 -10.87
C ALA C 242 16.92 35.34 -10.90
N TYR C 243 17.62 35.55 -12.01
CA TYR C 243 18.96 34.99 -12.19
C TYR C 243 20.04 35.81 -11.47
N LYS C 244 19.79 37.11 -11.31
CA LYS C 244 20.76 38.01 -10.68
C LYS C 244 20.49 38.22 -9.19
N THR C 245 19.22 38.11 -8.80
CA THR C 245 18.80 38.36 -7.42
C THR C 245 18.43 37.08 -6.70
N GLY C 246 17.83 36.15 -7.44
CA GLY C 246 17.22 34.98 -6.83
C GLY C 246 15.73 35.21 -6.65
N ARG C 247 15.28 36.39 -7.07
CA ARG C 247 13.87 36.75 -7.00
C ARG C 247 13.46 37.51 -8.27
N GLY C 248 12.31 37.17 -8.83
CA GLY C 248 11.84 37.84 -10.03
C GLY C 248 10.43 37.44 -10.42
N SER C 249 9.70 38.37 -11.03
CA SER C 249 8.32 38.13 -11.46
C SER C 249 8.27 37.95 -12.98
N ILE C 250 8.07 36.72 -13.41
CA ILE C 250 8.08 36.39 -14.83
C ILE C 250 6.66 36.35 -15.38
N ARG C 251 6.38 37.20 -16.36
CA ARG C 251 5.06 37.33 -16.95
C ARG C 251 4.81 36.21 -17.95
N MET C 252 3.80 35.39 -17.68
CA MET C 252 3.43 34.30 -18.58
C MET C 252 2.15 34.61 -19.32
N ARG C 253 1.98 33.99 -20.49
CA ARG C 253 0.75 34.11 -21.25
C ARG C 253 0.43 32.81 -21.96
N GLY C 254 -0.86 32.58 -22.22
CA GLY C 254 -1.28 31.45 -23.02
C GLY C 254 -1.16 31.82 -24.49
N VAL C 255 -1.66 30.93 -25.36
CA VAL C 255 -1.67 31.19 -26.80
C VAL C 255 -3.09 31.33 -27.29
N VAL C 256 -3.38 32.47 -27.93
CA VAL C 256 -4.70 32.75 -28.46
C VAL C 256 -4.64 32.95 -29.96
N GLU C 257 -5.53 32.28 -30.68
CA GLU C 257 -5.61 32.36 -32.13
C GLU C 257 -7.03 32.71 -32.54
N VAL C 258 -7.18 33.87 -33.19
CA VAL C 258 -8.49 34.34 -33.60
C VAL C 258 -8.99 33.60 -34.84
N GLU C 259 -10.20 33.07 -34.76
CA GLU C 259 -10.84 32.38 -35.87
C GLU C 259 -12.10 33.10 -36.32
N GLU C 260 -12.32 33.12 -37.62
CA GLU C 260 -13.50 33.73 -38.23
C GLU C 260 -14.48 32.64 -38.64
N ASP C 261 -15.76 33.01 -38.77
CA ASP C 261 -16.82 32.06 -39.04
C ASP C 261 -17.35 32.27 -40.47
N SER C 262 -18.22 31.37 -40.92
CA SER C 262 -18.82 31.48 -42.24
C SER C 262 -19.78 32.66 -42.31
N ARG C 263 -20.54 32.87 -41.23
CA ARG C 263 -21.44 34.00 -41.15
C ARG C 263 -20.61 35.27 -41.20
N GLY C 264 -19.57 35.27 -40.38
CA GLY C 264 -18.61 36.35 -40.26
C GLY C 264 -18.33 36.62 -38.80
N ARG C 265 -18.77 35.70 -37.94
CA ARG C 265 -18.52 35.78 -36.51
C ARG C 265 -17.05 35.47 -36.23
N THR C 266 -16.48 36.14 -35.23
CA THR C 266 -15.13 35.85 -34.78
C THR C 266 -15.17 35.12 -33.44
N SER C 267 -14.22 34.21 -33.25
CA SER C 267 -14.11 33.49 -31.99
C SER C 267 -12.64 33.31 -31.62
N LEU C 268 -12.34 33.41 -30.33
CA LEU C 268 -10.97 33.24 -29.84
C LEU C 268 -10.74 31.80 -29.40
N VAL C 269 -9.67 31.20 -29.89
CA VAL C 269 -9.33 29.81 -29.54
C VAL C 269 -8.06 29.76 -28.70
N ILE C 270 -8.23 29.40 -27.43
CA ILE C 270 -7.11 29.27 -26.50
C ILE C 270 -6.62 27.82 -26.49
N THR C 271 -5.38 27.63 -26.93
CA THR C 271 -4.81 26.29 -27.07
C THR C 271 -3.72 26.01 -26.03
N GLU C 272 -3.28 27.06 -25.32
CA GLU C 272 -2.27 26.91 -24.29
C GLU C 272 -2.55 27.86 -23.13
N LEU C 273 -2.15 27.46 -21.93
CA LEU C 273 -2.26 28.30 -20.74
C LEU C 273 -0.93 28.34 -20.01
N PRO C 274 -0.71 29.38 -19.21
CA PRO C 274 0.56 29.47 -18.47
C PRO C 274 0.70 28.37 -17.41
N TYR C 275 1.92 28.20 -16.93
CA TYR C 275 2.26 27.13 -16.00
C TYR C 275 1.39 27.13 -14.74
N GLN C 276 0.90 25.94 -14.39
CA GLN C 276 0.13 25.72 -13.17
C GLN C 276 -1.19 26.48 -13.15
N VAL C 277 -1.85 26.57 -14.30
CA VAL C 277 -3.20 27.12 -14.37
C VAL C 277 -4.20 26.00 -14.63
N ASN C 278 -5.08 25.77 -13.67
CA ASN C 278 -6.09 24.74 -13.79
C ASN C 278 -7.07 25.07 -14.91
N HIS C 279 -7.19 24.16 -15.88
CA HIS C 279 -8.02 24.38 -17.05
C HIS C 279 -9.48 24.58 -16.70
N ASP C 280 -10.00 23.77 -15.78
CA ASP C 280 -11.41 23.86 -15.40
C ASP C 280 -11.69 25.13 -14.59
N ASN C 281 -10.78 25.48 -13.68
CA ASN C 281 -10.93 26.71 -12.92
C ASN C 281 -10.85 27.94 -13.82
N PHE C 282 -10.07 27.81 -14.89
CA PHE C 282 -9.92 28.90 -15.85
C PHE C 282 -11.22 29.14 -16.61
N ILE C 283 -11.85 28.06 -17.06
CA ILE C 283 -13.12 28.16 -17.79
C ILE C 283 -14.22 28.65 -16.85
N THR C 284 -14.19 28.18 -15.62
CA THR C 284 -15.20 28.56 -14.63
C THR C 284 -15.09 30.05 -14.29
N SER C 285 -13.86 30.56 -14.27
CA SER C 285 -13.61 31.95 -13.91
C SER C 285 -14.19 32.91 -14.94
N ILE C 286 -13.93 32.64 -16.22
CA ILE C 286 -14.44 33.50 -17.30
C ILE C 286 -15.95 33.43 -17.37
N ALA C 287 -16.51 32.28 -17.01
CA ALA C 287 -17.96 32.08 -17.04
C ALA C 287 -18.62 32.94 -15.96
N GLU C 288 -17.97 32.99 -14.79
CA GLU C 288 -18.48 33.78 -13.68
C GLU C 288 -18.22 35.27 -13.89
N GLN C 289 -17.23 35.58 -14.73
CA GLN C 289 -16.89 36.96 -15.02
C GLN C 289 -17.69 37.52 -16.21
N VAL C 290 -18.54 36.67 -16.79
CA VAL C 290 -19.36 37.08 -17.93
C VAL C 290 -20.82 37.18 -17.53
N ARG C 291 -21.25 36.29 -16.63
CA ARG C 291 -22.63 36.28 -16.16
C ARG C 291 -22.90 37.50 -15.28
N ASP C 292 -21.98 37.78 -14.36
CA ASP C 292 -22.12 38.91 -13.46
C ASP C 292 -21.90 40.22 -14.19
N GLY C 293 -21.15 40.17 -15.29
CA GLY C 293 -20.87 41.34 -16.09
C GLY C 293 -19.46 41.86 -15.84
N LYS C 294 -18.47 41.17 -16.39
CA LYS C 294 -17.08 41.57 -16.22
C LYS C 294 -16.35 41.61 -17.56
N LEU C 295 -16.71 40.71 -18.47
CA LEU C 295 -16.05 40.61 -19.75
C LEU C 295 -17.05 40.64 -20.92
N ALA C 296 -17.67 41.78 -21.13
CA ALA C 296 -18.59 41.95 -22.25
C ALA C 296 -17.84 41.77 -23.55
N GLY C 297 -18.58 41.59 -24.64
CA GLY C 297 -17.99 41.32 -25.94
C GLY C 297 -17.94 39.82 -26.19
N ILE C 298 -17.92 39.04 -25.11
CA ILE C 298 -17.98 37.59 -25.23
C ILE C 298 -19.43 37.16 -25.42
N SER C 299 -19.65 36.28 -26.38
CA SER C 299 -20.99 35.82 -26.71
C SER C 299 -21.24 34.41 -26.20
N ASN C 300 -20.22 33.56 -26.28
CA ASN C 300 -20.36 32.16 -25.91
C ASN C 300 -19.02 31.53 -25.53
N ILE C 301 -19.05 30.69 -24.51
CA ILE C 301 -17.87 29.97 -24.04
C ILE C 301 -18.09 28.47 -24.21
N GLU C 302 -17.25 27.83 -25.01
CA GLU C 302 -17.39 26.41 -25.31
C GLU C 302 -16.04 25.69 -25.27
N ASP C 303 -15.97 24.63 -24.46
CA ASP C 303 -14.75 23.84 -24.32
C ASP C 303 -14.76 22.67 -25.30
N GLN C 304 -14.08 22.85 -26.43
CA GLN C 304 -14.04 21.84 -27.48
C GLN C 304 -12.80 20.94 -27.33
N SER C 305 -12.25 20.90 -26.13
CA SER C 305 -11.05 20.11 -25.86
C SER C 305 -11.33 18.61 -25.94
N SER C 306 -10.28 17.85 -26.28
CA SER C 306 -10.34 16.40 -26.27
C SER C 306 -8.92 15.85 -26.14
N ASP C 307 -8.81 14.54 -25.95
CA ASP C 307 -7.52 13.87 -25.83
C ASP C 307 -6.72 13.97 -27.13
N ARG C 308 -7.40 14.30 -28.22
CA ARG C 308 -6.79 14.26 -29.55
C ARG C 308 -6.36 15.64 -30.06
N VAL C 309 -7.03 16.70 -29.61
CA VAL C 309 -6.72 18.06 -30.03
C VAL C 309 -6.05 18.86 -28.92
N GLY C 310 -6.01 18.30 -27.72
CA GLY C 310 -5.45 18.99 -26.57
C GLY C 310 -6.37 20.10 -26.10
N LEU C 311 -5.79 21.13 -25.50
CA LEU C 311 -6.57 22.27 -25.03
C LEU C 311 -7.16 23.04 -26.21
N ARG C 312 -8.44 23.36 -26.11
CA ARG C 312 -9.12 24.14 -27.14
C ARG C 312 -10.37 24.81 -26.58
N ILE C 313 -10.19 26.01 -26.03
CA ILE C 313 -11.29 26.78 -25.46
C ILE C 313 -11.73 27.85 -26.45
N VAL C 314 -12.93 27.68 -27.00
CA VAL C 314 -13.44 28.60 -28.01
C VAL C 314 -14.28 29.70 -27.36
N ILE C 315 -13.83 30.94 -27.53
CA ILE C 315 -14.53 32.12 -27.01
C ILE C 315 -15.12 32.91 -28.16
N GLU C 316 -16.38 32.65 -28.47
CA GLU C 316 -17.08 33.41 -29.49
C GLU C 316 -17.39 34.80 -28.97
N ILE C 317 -17.05 35.83 -29.75
CA ILE C 317 -17.27 37.21 -29.33
C ILE C 317 -18.33 37.88 -30.20
N LYS C 318 -18.94 38.93 -29.65
CA LYS C 318 -20.02 39.66 -30.30
C LYS C 318 -19.56 40.38 -31.57
N ARG C 319 -20.50 40.74 -32.43
CA ARG C 319 -20.18 41.38 -33.69
C ARG C 319 -19.61 42.78 -33.45
N ASP C 320 -20.06 43.40 -32.37
CA ASP C 320 -19.58 44.73 -31.97
C ASP C 320 -18.42 44.60 -30.97
N ALA C 321 -17.54 43.63 -31.19
CA ALA C 321 -16.40 43.41 -30.30
C ALA C 321 -15.10 43.22 -31.09
N VAL C 322 -14.05 43.88 -30.60
CA VAL C 322 -12.73 43.77 -31.19
C VAL C 322 -11.98 42.60 -30.56
N ALA C 323 -11.32 41.80 -31.40
CA ALA C 323 -10.65 40.59 -30.91
C ALA C 323 -9.61 40.89 -29.83
N LYS C 324 -8.71 41.84 -30.11
CA LYS C 324 -7.64 42.16 -29.17
C LYS C 324 -8.15 42.80 -27.89
N VAL C 325 -9.23 43.58 -27.98
CA VAL C 325 -9.81 44.20 -26.80
C VAL C 325 -10.29 43.13 -25.83
N VAL C 326 -10.97 42.12 -26.36
CA VAL C 326 -11.45 41.01 -25.53
C VAL C 326 -10.25 40.22 -25.00
N ILE C 327 -9.24 40.05 -25.84
CA ILE C 327 -8.04 39.33 -25.45
C ILE C 327 -7.28 40.07 -24.35
N ASN C 328 -7.19 41.39 -24.49
CA ASN C 328 -6.53 42.20 -23.48
C ASN C 328 -7.28 42.14 -22.16
N ASN C 329 -8.60 42.12 -22.23
CA ASN C 329 -9.42 41.99 -21.04
C ASN C 329 -9.22 40.64 -20.36
N LEU C 330 -8.99 39.61 -21.16
CA LEU C 330 -8.73 38.27 -20.63
C LEU C 330 -7.38 38.26 -19.92
N TYR C 331 -6.40 38.94 -20.50
CA TYR C 331 -5.08 39.05 -19.88
C TYR C 331 -5.20 39.71 -18.52
N LYS C 332 -6.03 40.74 -18.44
CA LYS C 332 -6.19 41.52 -17.21
C LYS C 332 -6.97 40.77 -16.15
N HIS C 333 -8.11 40.20 -16.54
CA HIS C 333 -9.08 39.66 -15.58
C HIS C 333 -9.05 38.14 -15.44
N THR C 334 -8.08 37.47 -16.07
CA THR C 334 -7.96 36.02 -15.93
C THR C 334 -6.50 35.60 -15.92
N GLN C 335 -6.27 34.31 -15.68
CA GLN C 335 -4.92 33.77 -15.63
C GLN C 335 -4.43 33.38 -17.01
N LEU C 336 -5.13 33.85 -18.04
CA LEU C 336 -4.64 33.73 -19.41
C LEU C 336 -3.31 34.46 -19.48
N GLN C 337 -3.19 35.49 -18.65
CA GLN C 337 -1.92 36.13 -18.37
C GLN C 337 -1.73 36.17 -16.86
N THR C 338 -0.71 35.47 -16.38
CA THR C 338 -0.41 35.41 -14.95
C THR C 338 1.09 35.34 -14.74
N SER C 339 1.55 35.82 -13.59
CA SER C 339 2.97 35.92 -13.30
C SER C 339 3.48 34.74 -12.48
N PHE C 340 4.73 34.34 -12.75
CA PHE C 340 5.40 33.32 -11.95
C PHE C 340 6.34 33.99 -10.97
N GLY C 341 6.01 33.90 -9.68
CA GLY C 341 6.81 34.52 -8.63
C GLY C 341 8.04 33.70 -8.31
N ALA C 342 9.13 33.98 -9.03
CA ALA C 342 10.36 33.23 -8.87
C ALA C 342 11.06 33.56 -7.55
N ASN C 343 11.50 32.51 -6.86
CA ASN C 343 12.27 32.64 -5.63
C ASN C 343 13.26 31.47 -5.50
N MET C 344 14.50 31.69 -5.95
CA MET C 344 15.48 30.61 -6.08
C MET C 344 16.01 30.11 -4.74
N LEU C 345 15.17 29.44 -3.96
CA LEU C 345 15.56 28.96 -2.64
C LEU C 345 15.78 27.45 -2.65
N ALA C 346 16.98 27.03 -2.25
CA ALA C 346 17.33 25.61 -2.17
C ALA C 346 18.29 25.37 -0.99
N ILE C 347 18.32 24.12 -0.53
CA ILE C 347 19.21 23.74 0.57
C ILE C 347 20.63 23.50 0.06
N VAL C 348 21.58 24.25 0.62
CA VAL C 348 22.98 24.09 0.28
C VAL C 348 23.75 23.65 1.52
N ASP C 349 24.23 22.41 1.50
CA ASP C 349 25.00 21.86 2.60
C ASP C 349 24.22 21.93 3.92
N GLY C 350 22.92 21.66 3.84
CA GLY C 350 22.07 21.65 5.02
C GLY C 350 21.59 23.02 5.46
N VAL C 351 21.83 24.03 4.63
CA VAL C 351 21.42 25.41 4.94
C VAL C 351 20.58 25.98 3.80
N PRO C 352 19.44 26.63 4.14
CA PRO C 352 18.64 27.24 3.08
C PRO C 352 19.31 28.50 2.55
N ARG C 353 19.38 28.63 1.22
CA ARG C 353 20.07 29.76 0.62
C ARG C 353 19.41 30.16 -0.69
N THR C 354 19.21 31.47 -0.87
CA THR C 354 18.71 32.03 -2.11
C THR C 354 19.89 32.23 -3.06
N LEU C 355 19.80 31.64 -4.24
CA LEU C 355 20.95 31.54 -5.14
C LEU C 355 20.79 32.26 -6.47
N ARG C 356 21.90 32.78 -6.96
CA ARG C 356 22.00 33.29 -8.32
C ARG C 356 22.12 32.10 -9.29
N LEU C 357 21.89 32.34 -10.57
CA LEU C 357 21.89 31.27 -11.56
C LEU C 357 23.26 30.65 -11.73
N ASP C 358 24.31 31.45 -11.57
CA ASP C 358 25.67 30.96 -11.70
C ASP C 358 26.00 30.06 -10.52
N GLN C 359 25.39 30.34 -9.37
CA GLN C 359 25.60 29.54 -8.17
C GLN C 359 24.88 28.20 -8.29
N LEU C 360 23.67 28.24 -8.85
CA LEU C 360 22.89 27.03 -9.05
C LEU C 360 23.61 26.08 -9.99
N ILE C 361 24.20 26.63 -11.06
CA ILE C 361 24.96 25.82 -12.01
C ILE C 361 26.24 25.33 -11.36
N ARG C 362 27.03 26.25 -10.81
CA ARG C 362 28.30 25.91 -10.19
C ARG C 362 28.16 24.80 -9.14
N TYR C 363 27.18 24.96 -8.24
CA TYR C 363 26.95 23.98 -7.18
C TYR C 363 26.59 22.62 -7.74
N TYR C 364 25.89 22.61 -8.87
CA TYR C 364 25.55 21.36 -9.53
C TYR C 364 26.79 20.74 -10.18
N VAL C 365 27.58 21.57 -10.86
CA VAL C 365 28.80 21.10 -11.49
C VAL C 365 29.74 20.50 -10.45
N ASP C 366 29.83 21.17 -9.30
CA ASP C 366 30.64 20.68 -8.19
C ASP C 366 30.19 19.29 -7.76
N HIS C 367 28.88 19.08 -7.72
CA HIS C 367 28.32 17.79 -7.36
C HIS C 367 28.71 16.71 -8.36
N GLN C 368 28.68 17.06 -9.65
CA GLN C 368 29.02 16.12 -10.71
C GLN C 368 30.48 15.71 -10.66
N LEU C 369 31.35 16.67 -10.36
CA LEU C 369 32.77 16.38 -10.23
C LEU C 369 33.01 15.48 -9.02
N ASP C 370 32.28 15.74 -7.95
CA ASP C 370 32.34 14.91 -6.76
C ASP C 370 31.90 13.48 -7.08
N VAL C 371 30.79 13.36 -7.80
CA VAL C 371 30.25 12.05 -8.16
C VAL C 371 31.26 11.22 -8.95
N ILE C 372 31.95 11.86 -9.88
CA ILE C 372 32.85 11.14 -10.79
C ILE C 372 34.18 10.80 -10.12
N VAL C 373 34.66 11.68 -9.24
CA VAL C 373 35.88 11.40 -8.50
C VAL C 373 35.64 10.24 -7.54
N ARG C 374 34.48 10.24 -6.90
CA ARG C 374 34.11 9.16 -5.98
C ARG C 374 33.92 7.84 -6.73
N ARG C 375 33.27 7.90 -7.90
CA ARG C 375 33.08 6.72 -8.73
C ARG C 375 34.44 6.15 -9.12
N THR C 376 35.34 7.03 -9.54
CA THR C 376 36.68 6.63 -9.97
C THR C 376 37.43 5.98 -8.81
N THR C 377 37.29 6.56 -7.62
CA THR C 377 37.94 6.03 -6.42
C THR C 377 37.40 4.63 -6.11
N TYR C 378 36.08 4.48 -6.21
CA TYR C 378 35.43 3.20 -5.96
C TYR C 378 35.92 2.15 -6.95
N ARG C 379 35.97 2.52 -8.22
CA ARG C 379 36.39 1.60 -9.28
C ARG C 379 37.86 1.25 -9.13
N LEU C 380 38.65 2.23 -8.70
CA LEU C 380 40.08 2.02 -8.51
C LEU C 380 40.35 1.08 -7.35
N ARG C 381 39.56 1.21 -6.29
CA ARG C 381 39.69 0.34 -5.13
C ARG C 381 39.30 -1.08 -5.52
N LYS C 382 38.18 -1.19 -6.24
CA LYS C 382 37.67 -2.49 -6.67
C LYS C 382 38.63 -3.17 -7.64
N ALA C 383 39.28 -2.38 -8.48
CA ALA C 383 40.21 -2.91 -9.47
C ALA C 383 41.44 -3.51 -8.80
N ASN C 384 41.93 -2.84 -7.77
CA ASN C 384 43.11 -3.32 -7.03
C ASN C 384 42.81 -4.63 -6.31
N GLU C 385 41.61 -4.75 -5.76
CA GLU C 385 41.18 -5.97 -5.09
C GLU C 385 41.16 -7.12 -6.08
N ARG C 386 40.62 -6.86 -7.27
CA ARG C 386 40.54 -7.88 -8.31
C ARG C 386 41.95 -8.23 -8.81
N ALA C 387 42.78 -7.21 -8.98
CA ALA C 387 44.16 -7.41 -9.39
C ALA C 387 44.93 -8.18 -8.32
N HIS C 388 44.67 -7.85 -7.06
CA HIS C 388 45.33 -8.51 -5.94
C HIS C 388 45.07 -10.01 -5.94
N ILE C 389 43.81 -10.39 -6.10
CA ILE C 389 43.44 -11.80 -6.10
C ILE C 389 44.00 -12.49 -7.35
N LEU C 390 43.96 -11.78 -8.48
CA LEU C 390 44.46 -12.36 -9.73
C LEU C 390 45.95 -12.65 -9.64
N ARG C 391 46.71 -11.77 -8.98
CA ARG C 391 48.14 -11.98 -8.79
C ARG C 391 48.38 -13.27 -8.01
N GLY C 392 47.50 -13.54 -7.05
CA GLY C 392 47.61 -14.74 -6.24
C GLY C 392 47.36 -15.99 -7.07
N LEU C 393 46.39 -15.90 -7.99
CA LEU C 393 46.05 -17.04 -8.84
C LEU C 393 47.21 -17.36 -9.77
N VAL C 394 47.83 -16.34 -10.35
CA VAL C 394 48.93 -16.52 -11.28
C VAL C 394 50.10 -17.23 -10.59
N LYS C 395 50.33 -16.90 -9.32
CA LYS C 395 51.37 -17.57 -8.55
C LYS C 395 51.04 -19.06 -8.39
N ALA C 396 49.76 -19.36 -8.22
CA ALA C 396 49.31 -20.73 -8.08
C ALA C 396 49.51 -21.52 -9.37
N LEU C 397 49.32 -20.87 -10.51
CA LEU C 397 49.43 -21.53 -11.80
C LEU C 397 50.88 -21.87 -12.14
N ASP C 398 51.80 -21.01 -11.74
CA ASP C 398 53.21 -21.23 -12.00
C ASP C 398 53.74 -22.40 -11.17
N ALA C 399 53.09 -22.66 -10.05
CA ALA C 399 53.44 -23.78 -9.17
C ALA C 399 52.23 -24.69 -9.00
N LEU C 400 51.47 -24.85 -10.07
CA LEU C 400 50.20 -25.58 -10.03
C LEU C 400 50.39 -27.03 -9.60
N ASP C 401 51.45 -27.66 -10.09
CA ASP C 401 51.72 -29.06 -9.75
C ASP C 401 51.88 -29.22 -8.24
N GLU C 402 52.47 -28.22 -7.59
CA GLU C 402 52.62 -28.24 -6.15
C GLU C 402 51.32 -27.92 -5.43
N VAL C 403 50.68 -26.81 -5.83
CA VAL C 403 49.46 -26.34 -5.17
C VAL C 403 48.41 -27.43 -5.00
N ILE C 404 48.18 -28.21 -6.05
CA ILE C 404 47.19 -29.28 -5.99
C ILE C 404 47.64 -30.34 -5.00
N ALA C 405 48.91 -30.73 -5.09
CA ALA C 405 49.46 -31.79 -4.24
C ALA C 405 49.31 -31.41 -2.77
N LEU C 406 49.51 -30.13 -2.47
CA LEU C 406 49.46 -29.64 -1.09
C LEU C 406 48.04 -29.71 -0.53
N ILE C 407 47.07 -29.25 -1.31
CA ILE C 407 45.68 -29.26 -0.88
C ILE C 407 45.21 -30.69 -0.65
N ARG C 408 45.65 -31.59 -1.52
CA ARG C 408 45.29 -33.00 -1.41
C ARG C 408 45.88 -33.60 -0.13
N ALA C 409 47.15 -33.28 0.13
CA ALA C 409 47.86 -33.87 1.26
C ALA C 409 47.46 -33.22 2.59
N SER C 410 46.57 -32.22 2.52
CA SER C 410 46.11 -31.53 3.71
C SER C 410 44.89 -32.24 4.28
N GLU C 411 44.90 -32.47 5.60
CA GLU C 411 43.79 -33.15 6.25
C GLU C 411 42.53 -32.31 6.26
N THR C 412 42.70 -31.00 6.43
CA THR C 412 41.57 -30.06 6.41
C THR C 412 41.78 -28.99 5.35
N VAL C 413 40.85 -28.05 5.27
CA VAL C 413 40.98 -26.91 4.38
C VAL C 413 41.76 -25.79 5.07
N ASP C 414 41.73 -25.80 6.41
CA ASP C 414 42.47 -24.82 7.19
C ASP C 414 43.96 -25.13 7.11
N ILE C 415 44.29 -26.43 7.12
CA ILE C 415 45.66 -26.88 6.94
C ILE C 415 46.11 -26.61 5.51
N ALA C 416 45.17 -26.75 4.57
CA ALA C 416 45.46 -26.52 3.16
C ALA C 416 45.68 -25.03 2.93
N ARG C 417 44.88 -24.20 3.58
CA ARG C 417 45.03 -22.76 3.43
C ARG C 417 46.38 -22.31 3.98
N ALA C 418 46.61 -22.57 5.27
CA ALA C 418 47.84 -22.15 5.94
C ALA C 418 49.10 -22.57 5.18
N GLY C 419 49.02 -23.68 4.45
CA GLY C 419 50.14 -24.15 3.65
C GLY C 419 50.34 -23.30 2.40
N LEU C 420 49.24 -22.86 1.81
CA LEU C 420 49.30 -22.05 0.60
C LEU C 420 49.96 -20.69 0.86
N ILE C 421 49.67 -20.10 2.02
CA ILE C 421 50.30 -18.84 2.40
C ILE C 421 51.81 -18.96 2.48
N GLU C 422 52.28 -20.03 3.12
CA GLU C 422 53.70 -20.22 3.36
C GLU C 422 54.51 -20.48 2.08
N LEU C 423 53.99 -21.33 1.22
CA LEU C 423 54.72 -21.71 0.00
C LEU C 423 54.89 -20.54 -0.96
N LEU C 424 53.76 -19.97 -1.38
CA LEU C 424 53.76 -19.03 -2.49
C LEU C 424 53.90 -17.58 -2.02
N ASP C 425 54.00 -17.41 -0.70
CA ASP C 425 54.09 -16.08 -0.09
C ASP C 425 52.89 -15.25 -0.52
N ILE C 426 51.72 -15.64 -0.02
CA ILE C 426 50.45 -15.06 -0.47
C ILE C 426 49.62 -14.64 0.75
N ASP C 427 48.72 -13.68 0.55
CA ASP C 427 47.79 -13.28 1.59
C ASP C 427 46.82 -14.42 1.91
N GLU C 428 45.98 -14.24 2.92
CA GLU C 428 44.96 -15.24 3.24
C GLU C 428 43.74 -15.07 2.34
N ILE C 429 43.52 -13.84 1.88
CA ILE C 429 42.41 -13.55 0.98
C ILE C 429 42.69 -14.20 -0.36
N GLN C 430 43.91 -14.00 -0.85
CA GLN C 430 44.38 -14.57 -2.09
C GLN C 430 44.40 -16.08 -2.00
N ALA C 431 44.91 -16.58 -0.87
CA ALA C 431 45.00 -18.01 -0.63
C ALA C 431 43.60 -18.64 -0.63
N GLN C 432 42.64 -17.91 -0.09
CA GLN C 432 41.25 -18.36 -0.05
C GLN C 432 40.71 -18.48 -1.47
N ALA C 433 41.10 -17.55 -2.34
CA ALA C 433 40.65 -17.54 -3.73
C ALA C 433 41.17 -18.75 -4.49
N ILE C 434 42.39 -19.17 -4.15
CA ILE C 434 42.97 -20.37 -4.77
C ILE C 434 42.13 -21.58 -4.40
N LEU C 435 41.71 -21.65 -3.14
CA LEU C 435 40.87 -22.74 -2.66
C LEU C 435 39.50 -22.70 -3.35
N ASP C 436 38.96 -21.50 -3.51
CA ASP C 436 37.64 -21.31 -4.12
C ASP C 436 37.65 -21.52 -5.63
N MET C 437 38.84 -21.72 -6.19
CA MET C 437 38.98 -21.90 -7.64
C MET C 437 38.34 -23.20 -8.09
N GLN C 438 37.67 -23.16 -9.25
CA GLN C 438 37.03 -24.33 -9.82
C GLN C 438 38.01 -25.12 -10.69
N LEU C 439 37.73 -26.40 -10.89
CA LEU C 439 38.56 -27.22 -11.77
C LEU C 439 38.47 -26.75 -13.22
N ARG C 440 37.39 -26.04 -13.55
CA ARG C 440 37.29 -25.39 -14.85
C ARG C 440 38.48 -24.49 -15.15
N ARG C 441 38.89 -23.70 -14.15
CA ARG C 441 39.87 -22.64 -14.38
C ARG C 441 41.28 -23.21 -14.56
N LEU C 442 41.41 -24.53 -14.49
CA LEU C 442 42.69 -25.20 -14.69
C LEU C 442 42.91 -25.62 -16.14
N ALA C 443 41.92 -25.38 -17.00
CA ALA C 443 42.06 -25.67 -18.41
C ALA C 443 43.07 -24.72 -19.05
N ALA C 444 43.67 -25.14 -20.15
CA ALA C 444 44.73 -24.39 -20.81
C ALA C 444 44.30 -22.96 -21.12
N LEU C 445 43.20 -22.83 -21.85
CA LEU C 445 42.69 -21.51 -22.23
C LEU C 445 42.21 -20.74 -21.00
N GLU C 446 41.74 -21.47 -20.00
CA GLU C 446 41.23 -20.86 -18.78
C GLU C 446 42.36 -20.31 -17.92
N ARG C 447 43.50 -21.00 -17.94
CA ARG C 447 44.70 -20.49 -17.26
C ARG C 447 45.14 -19.19 -17.92
N GLN C 448 44.98 -19.12 -19.23
CA GLN C 448 45.39 -17.95 -20.01
C GLN C 448 44.46 -16.76 -19.75
N ARG C 449 43.19 -17.04 -19.50
CA ARG C 449 42.22 -15.99 -19.23
C ARG C 449 42.58 -15.25 -17.95
N ILE C 450 43.07 -15.98 -16.96
CA ILE C 450 43.50 -15.39 -15.70
C ILE C 450 44.68 -14.45 -15.93
N ILE C 451 45.63 -14.89 -16.75
CA ILE C 451 46.79 -14.09 -17.09
C ILE C 451 46.37 -12.79 -17.79
N ASP C 452 45.60 -12.93 -18.85
CA ASP C 452 45.17 -11.76 -19.64
C ASP C 452 44.31 -10.82 -18.81
N ASP C 453 43.47 -11.38 -17.94
CA ASP C 453 42.61 -10.57 -17.09
C ASP C 453 43.44 -9.69 -16.16
N LEU C 454 44.57 -10.22 -15.70
CA LEU C 454 45.47 -9.45 -14.87
C LEU C 454 46.02 -8.28 -15.67
N ALA C 455 46.46 -8.55 -16.90
CA ALA C 455 46.97 -7.53 -17.79
C ALA C 455 45.88 -6.51 -18.12
N LYS C 456 44.65 -7.01 -18.25
CA LYS C 456 43.51 -6.17 -18.57
C LYS C 456 43.21 -5.16 -17.45
N ILE C 457 43.20 -5.64 -16.22
CA ILE C 457 42.88 -4.81 -15.07
C ILE C 457 43.98 -3.79 -14.78
N GLU C 458 45.24 -4.22 -14.82
CA GLU C 458 46.37 -3.32 -14.56
C GLU C 458 46.38 -2.13 -15.50
N ALA C 459 45.89 -2.33 -16.72
CA ALA C 459 45.73 -1.25 -17.67
C ALA C 459 44.57 -0.36 -17.24
N GLU C 460 43.55 -1.00 -16.68
CA GLU C 460 42.37 -0.31 -16.21
C GLU C 460 42.68 0.50 -14.95
N ILE C 461 43.49 -0.08 -14.07
CA ILE C 461 43.94 0.59 -12.85
C ILE C 461 44.75 1.83 -13.17
N ALA C 462 45.65 1.70 -14.14
CA ALA C 462 46.50 2.81 -14.58
C ALA C 462 45.65 3.95 -15.13
N ASP C 463 44.62 3.60 -15.89
CA ASP C 463 43.70 4.58 -16.44
C ASP C 463 43.00 5.32 -15.30
N LEU C 464 42.43 4.57 -14.37
CA LEU C 464 41.69 5.15 -13.25
C LEU C 464 42.58 6.09 -12.42
N GLU C 465 43.80 5.65 -12.14
CA GLU C 465 44.77 6.49 -11.43
C GLU C 465 45.03 7.78 -12.18
N ASP C 466 45.02 7.70 -13.51
CA ASP C 466 45.28 8.85 -14.35
C ASP C 466 44.14 9.88 -14.25
N ILE C 467 42.91 9.39 -14.16
CA ILE C 467 41.74 10.26 -14.06
C ILE C 467 41.80 11.09 -12.76
N LEU C 468 42.13 10.42 -11.65
CA LEU C 468 42.17 11.08 -10.36
C LEU C 468 43.27 12.15 -10.31
N ALA C 469 44.31 11.96 -11.11
CA ALA C 469 45.47 12.83 -11.10
C ALA C 469 45.30 14.04 -12.05
N LYS C 470 44.26 14.00 -12.88
CA LYS C 470 44.05 15.04 -13.89
C LYS C 470 42.64 15.62 -13.80
N PRO C 471 42.49 16.82 -13.21
CA PRO C 471 41.16 17.46 -13.15
C PRO C 471 40.57 17.67 -14.54
N GLU C 472 41.41 17.75 -15.56
CA GLU C 472 40.95 17.94 -16.93
C GLU C 472 40.07 16.79 -17.39
N ARG C 473 40.51 15.57 -17.12
CA ARG C 473 39.75 14.38 -17.50
C ARG C 473 38.44 14.29 -16.73
N GLN C 474 38.49 14.63 -15.44
CA GLN C 474 37.31 14.60 -14.60
C GLN C 474 36.20 15.49 -15.15
N ARG C 475 36.58 16.71 -15.53
CA ARG C 475 35.64 17.64 -16.14
C ARG C 475 35.20 17.13 -17.50
N GLY C 476 36.12 16.48 -18.21
CA GLY C 476 35.81 15.93 -19.52
C GLY C 476 34.76 14.84 -19.47
N ILE C 477 34.76 14.07 -18.40
CA ILE C 477 33.79 12.99 -18.23
C ILE C 477 32.40 13.55 -17.94
N VAL C 478 32.32 14.58 -17.11
CA VAL C 478 31.04 15.25 -16.86
C VAL C 478 30.45 15.72 -18.17
N ARG C 479 31.28 16.41 -18.95
CA ARG C 479 30.86 16.95 -20.23
C ARG C 479 30.38 15.85 -21.18
N ASP C 480 31.24 14.86 -21.41
CA ASP C 480 30.96 13.81 -22.38
C ASP C 480 29.75 12.97 -21.98
N GLU C 481 29.64 12.65 -20.69
CA GLU C 481 28.54 11.83 -20.20
C GLU C 481 27.22 12.60 -20.20
N LEU C 482 27.28 13.87 -19.83
CA LEU C 482 26.09 14.72 -19.85
C LEU C 482 25.62 14.92 -21.29
N ALA C 483 26.58 15.09 -22.20
CA ALA C 483 26.29 15.28 -23.61
C ALA C 483 25.46 14.14 -24.17
N GLU C 484 25.81 12.91 -23.81
CA GLU C 484 25.05 11.73 -24.24
C GLU C 484 23.62 11.79 -23.74
N ILE C 485 23.45 12.18 -22.48
CA ILE C 485 22.12 12.26 -21.87
C ILE C 485 21.25 13.27 -22.61
N VAL C 486 21.83 14.42 -22.93
CA VAL C 486 21.10 15.49 -23.61
C VAL C 486 20.76 15.10 -25.04
N ASP C 487 21.69 14.44 -25.72
CA ASP C 487 21.44 14.01 -27.09
C ASP C 487 20.29 13.01 -27.15
N ARG C 488 20.17 12.19 -26.10
CA ARG C 488 19.14 11.16 -26.04
C ARG C 488 17.82 11.68 -25.50
N HIS C 489 17.87 12.43 -24.40
CA HIS C 489 16.66 12.82 -23.67
C HIS C 489 16.35 14.31 -23.70
N GLY C 490 17.16 15.08 -24.43
CA GLY C 490 16.88 16.49 -24.60
C GLY C 490 15.79 16.71 -25.63
N ASP C 491 14.96 17.72 -25.42
CA ASP C 491 13.87 18.04 -26.35
C ASP C 491 13.82 19.52 -26.70
N ASP C 492 12.94 19.86 -27.65
CA ASP C 492 12.76 21.24 -28.07
C ASP C 492 12.23 22.12 -26.94
N ARG C 493 12.41 23.42 -27.10
CA ARG C 493 11.79 24.37 -26.19
C ARG C 493 10.28 24.37 -26.41
N ARG C 494 9.52 24.61 -25.34
CA ARG C 494 8.06 24.65 -25.42
C ARG C 494 7.55 26.07 -25.21
N THR C 495 8.03 26.73 -24.16
CA THR C 495 7.64 28.11 -23.89
C THR C 495 8.39 29.06 -24.84
N ARG C 496 7.62 29.86 -25.57
CA ARG C 496 8.18 30.84 -26.50
C ARG C 496 8.44 32.16 -25.80
N ILE C 497 9.63 32.70 -25.99
CA ILE C 497 10.03 33.96 -25.38
C ILE C 497 9.88 35.12 -26.36
N ILE C 498 9.03 36.07 -26.01
CA ILE C 498 8.83 37.27 -26.82
C ILE C 498 9.17 38.51 -26.00
N ALA C 499 9.22 39.66 -26.67
CA ALA C 499 9.52 40.92 -26.01
C ALA C 499 8.24 41.63 -25.60
N ILE C 500 8.37 42.83 -25.04
CA ILE C 500 7.22 43.60 -24.61
C ILE C 500 6.36 43.99 -25.82
N ASN D 2 -17.99 20.16 44.09
CA ASN D 2 -18.25 20.32 42.66
C ASN D 2 -18.21 19.00 41.91
N ALA D 3 -19.26 18.74 41.13
CA ALA D 3 -19.34 17.53 40.32
C ALA D 3 -20.14 17.79 39.06
N LEU D 4 -19.79 17.08 37.98
CA LEU D 4 -20.46 17.27 36.70
C LEU D 4 -20.70 15.93 36.00
N VAL D 5 -21.81 15.83 35.29
CA VAL D 5 -22.22 14.60 34.62
C VAL D 5 -21.31 14.27 33.43
N ARG D 6 -20.99 12.99 33.29
CA ARG D 6 -20.23 12.48 32.15
C ARG D 6 -21.19 11.85 31.15
N ARG D 7 -20.80 11.83 29.88
CA ARG D 7 -21.66 11.27 28.84
C ARG D 7 -21.81 9.76 28.98
N LYS D 8 -23.04 9.28 28.85
CA LYS D 8 -23.32 7.85 28.89
C LYS D 8 -24.58 7.52 28.09
N SER D 9 -24.40 7.20 26.81
CA SER D 9 -25.51 6.84 25.93
C SER D 9 -26.60 7.91 25.90
N GLY D 15 -24.65 16.04 25.20
CA GLY D 15 -24.34 17.44 24.96
C GLY D 15 -22.85 17.71 24.95
N LEU D 16 -22.08 16.69 24.63
CA LEU D 16 -20.62 16.80 24.57
C LEU D 16 -20.13 16.26 23.22
N PRO D 17 -18.86 16.55 22.86
CA PRO D 17 -18.33 16.11 21.57
C PRO D 17 -18.49 14.60 21.35
N GLY D 18 -18.83 14.21 20.12
CA GLY D 18 -19.02 12.81 19.80
C GLY D 18 -17.74 12.00 19.88
N LYS D 19 -16.62 12.66 19.62
CA LYS D 19 -15.32 11.99 19.63
C LYS D 19 -14.83 11.74 21.05
N LEU D 20 -15.42 12.44 22.02
CA LEU D 20 -14.99 12.35 23.40
C LEU D 20 -15.36 11.02 24.05
N ALA D 21 -14.35 10.30 24.55
CA ALA D 21 -14.57 9.11 25.36
C ALA D 21 -14.39 9.49 26.84
N ASP D 22 -15.48 9.97 27.44
CA ASP D 22 -15.43 10.51 28.79
C ASP D 22 -15.15 9.45 29.86
N CYS D 23 -14.74 9.91 31.03
CA CYS D 23 -14.48 9.02 32.17
C CYS D 23 -15.76 8.82 32.99
N ARG D 24 -15.67 8.06 34.08
CA ARG D 24 -16.83 7.77 34.92
C ARG D 24 -16.88 8.67 36.14
N SER D 25 -15.71 9.03 36.67
CA SER D 25 -15.62 9.87 37.86
C SER D 25 -16.21 11.26 37.61
N THR D 26 -17.13 11.66 38.49
CA THR D 26 -17.81 12.94 38.37
C THR D 26 -17.06 14.08 39.08
N ASP D 27 -15.90 13.76 39.66
CA ASP D 27 -15.08 14.75 40.35
C ASP D 27 -13.95 15.27 39.44
N PRO D 28 -14.00 16.55 39.04
CA PRO D 28 -12.96 17.11 38.18
C PRO D 28 -11.56 17.05 38.80
N ARG D 29 -11.49 17.17 40.12
CA ARG D 29 -10.23 17.15 40.85
C ARG D 29 -9.49 15.83 40.65
N LYS D 30 -10.25 14.76 40.46
CA LYS D 30 -9.68 13.43 40.25
C LYS D 30 -9.70 13.02 38.77
N SER D 31 -10.36 13.82 37.93
CA SER D 31 -10.53 13.48 36.52
C SER D 31 -9.38 14.00 35.67
N GLU D 32 -9.18 13.37 34.52
CA GLU D 32 -8.12 13.73 33.59
C GLU D 32 -8.60 13.67 32.14
N LEU D 33 -8.23 14.66 31.34
CA LEU D 33 -8.52 14.64 29.90
C LEU D 33 -7.24 14.49 29.09
N TYR D 34 -7.14 13.37 28.39
CA TYR D 34 -6.02 13.14 27.48
C TYR D 34 -6.38 13.62 26.09
N VAL D 35 -5.82 14.76 25.69
CA VAL D 35 -5.97 15.25 24.34
C VAL D 35 -4.93 14.55 23.46
N VAL D 36 -5.41 13.68 22.57
CA VAL D 36 -4.53 12.78 21.81
C VAL D 36 -4.45 13.16 20.34
N GLU D 37 -3.25 13.00 19.78
CA GLU D 37 -3.03 13.19 18.35
C GLU D 37 -3.39 11.92 17.57
N GLY D 38 -4.39 12.01 16.70
CA GLY D 38 -4.73 10.92 15.82
C GLY D 38 -5.84 10.02 16.34
N ASP D 39 -6.64 9.48 15.42
CA ASP D 39 -7.75 8.61 15.78
C ASP D 39 -7.26 7.24 16.23
N SER D 40 -6.23 6.74 15.57
CA SER D 40 -5.63 5.46 15.93
C SER D 40 -5.14 5.50 17.38
N ALA D 41 -4.32 6.49 17.69
CA ALA D 41 -3.75 6.63 19.02
C ALA D 41 -4.86 6.82 20.04
N GLY D 42 -5.81 7.69 19.73
CA GLY D 42 -6.96 7.93 20.60
C GLY D 42 -7.74 6.67 20.83
N GLY D 43 -7.79 5.81 19.82
CA GLY D 43 -8.48 4.54 19.91
C GLY D 43 -7.84 3.62 20.91
N SER D 44 -6.52 3.49 20.82
CA SER D 44 -5.77 2.64 21.75
C SER D 44 -5.76 3.24 23.15
N ALA D 45 -5.75 4.56 23.22
CA ALA D 45 -5.80 5.25 24.50
C ALA D 45 -7.14 4.99 25.17
N LYS D 46 -8.21 5.02 24.38
CA LYS D 46 -9.55 4.76 24.88
C LYS D 46 -9.65 3.36 25.48
N SER D 47 -8.79 2.46 25.02
CA SER D 47 -8.80 1.07 25.48
C SER D 47 -7.89 0.85 26.70
N GLY D 48 -6.69 1.44 26.63
CA GLY D 48 -5.69 1.22 27.67
C GLY D 48 -5.83 2.13 28.87
N ARG D 49 -6.72 3.12 28.78
CA ARG D 49 -6.94 4.07 29.86
C ARG D 49 -7.50 3.42 31.11
N ASP D 50 -7.55 4.22 32.18
CA ASP D 50 -8.36 3.90 33.35
C ASP D 50 -9.67 4.67 33.21
N SER D 51 -10.70 3.99 32.69
CA SER D 51 -11.96 4.65 32.35
C SER D 51 -12.62 5.37 33.53
N MET D 52 -12.14 5.10 34.73
CA MET D 52 -12.70 5.72 35.93
C MET D 52 -12.35 7.20 35.99
N PHE D 53 -11.09 7.54 35.71
CA PHE D 53 -10.59 8.90 35.90
C PHE D 53 -10.04 9.56 34.64
N GLN D 54 -9.81 8.76 33.59
CA GLN D 54 -9.17 9.27 32.39
C GLN D 54 -10.11 9.29 31.20
N ALA D 55 -10.22 10.45 30.56
CA ALA D 55 -11.02 10.61 29.35
C ALA D 55 -10.10 10.86 28.16
N ILE D 56 -10.57 10.50 26.97
CA ILE D 56 -9.78 10.67 25.75
C ILE D 56 -10.53 11.56 24.75
N LEU D 57 -9.83 12.55 24.23
CA LEU D 57 -10.35 13.39 23.16
C LEU D 57 -9.39 13.37 21.98
N PRO D 58 -9.65 12.52 20.97
CA PRO D 58 -8.75 12.49 19.82
C PRO D 58 -8.89 13.71 18.93
N LEU D 59 -7.76 14.32 18.59
CA LEU D 59 -7.73 15.43 17.64
C LEU D 59 -7.21 14.93 16.31
N ARG D 60 -7.88 15.32 15.23
CA ARG D 60 -7.53 14.84 13.90
C ARG D 60 -6.96 15.97 13.05
N GLY D 61 -5.72 15.77 12.61
CA GLY D 61 -5.06 16.74 11.76
C GLY D 61 -4.49 17.89 12.54
N LYS D 62 -3.75 18.77 11.87
CA LYS D 62 -3.17 19.93 12.52
C LYS D 62 -4.26 20.90 12.94
N ILE D 63 -4.19 21.32 14.21
CA ILE D 63 -5.14 22.27 14.78
C ILE D 63 -4.99 23.65 14.16
N ILE D 64 -6.10 24.36 14.07
CA ILE D 64 -6.10 25.71 13.49
C ILE D 64 -5.33 26.67 14.38
N ASN D 65 -4.53 27.52 13.75
CA ASN D 65 -3.76 28.53 14.46
C ASN D 65 -4.66 29.69 14.86
N VAL D 66 -4.96 29.79 16.15
CA VAL D 66 -5.85 30.84 16.64
C VAL D 66 -5.16 32.20 16.62
N GLU D 67 -3.84 32.19 16.49
CA GLU D 67 -3.06 33.42 16.43
C GLU D 67 -3.25 34.10 15.06
N LYS D 68 -3.33 33.29 14.01
CA LYS D 68 -3.47 33.80 12.65
C LYS D 68 -4.91 33.96 12.22
N ALA D 69 -5.73 32.95 12.48
CA ALA D 69 -7.11 32.92 12.02
C ALA D 69 -8.00 33.86 12.82
N ARG D 70 -9.02 34.41 12.16
CA ARG D 70 -10.01 35.24 12.84
C ARG D 70 -10.79 34.41 13.85
N ILE D 71 -11.33 35.05 14.87
CA ILE D 71 -11.98 34.35 15.97
C ILE D 71 -13.21 33.58 15.49
N ASP D 72 -13.98 34.19 14.60
CA ASP D 72 -15.21 33.57 14.12
C ASP D 72 -14.90 32.27 13.36
N ARG D 73 -13.77 32.24 12.67
CA ARG D 73 -13.36 31.05 11.93
C ARG D 73 -12.86 29.97 12.88
N VAL D 74 -12.22 30.39 13.97
CA VAL D 74 -11.72 29.45 14.97
C VAL D 74 -12.86 28.72 15.69
N LEU D 75 -13.93 29.45 15.96
CA LEU D 75 -15.06 28.88 16.68
C LEU D 75 -15.89 27.95 15.80
N LYS D 76 -15.70 28.05 14.49
CA LYS D 76 -16.39 27.18 13.54
C LYS D 76 -15.59 25.90 13.29
N ASN D 77 -14.32 25.91 13.69
CA ASN D 77 -13.47 24.72 13.57
C ASN D 77 -13.96 23.63 14.51
N THR D 78 -14.25 22.46 13.96
CA THR D 78 -14.83 21.36 14.73
C THR D 78 -13.92 20.87 15.85
N GLU D 79 -12.61 20.86 15.60
CA GLU D 79 -11.66 20.35 16.57
C GLU D 79 -11.51 21.29 17.75
N VAL D 80 -11.60 22.60 17.50
CA VAL D 80 -11.52 23.59 18.57
C VAL D 80 -12.78 23.52 19.43
N GLN D 81 -13.94 23.43 18.77
CA GLN D 81 -15.21 23.32 19.48
C GLN D 81 -15.21 22.12 20.41
N ALA D 82 -14.58 21.03 19.96
CA ALA D 82 -14.50 19.82 20.76
C ALA D 82 -13.69 20.05 22.02
N ILE D 83 -12.56 20.75 21.89
CA ILE D 83 -11.70 21.05 23.02
C ILE D 83 -12.42 21.97 24.01
N ILE D 84 -12.95 23.09 23.50
CA ILE D 84 -13.64 24.05 24.34
C ILE D 84 -14.83 23.40 25.04
N THR D 85 -15.60 22.61 24.31
CA THR D 85 -16.78 21.97 24.86
C THR D 85 -16.42 20.93 25.91
N ALA D 86 -15.36 20.17 25.66
CA ALA D 86 -14.94 19.11 26.56
C ALA D 86 -14.36 19.66 27.86
N LEU D 87 -13.65 20.79 27.76
CA LEU D 87 -13.04 21.41 28.94
C LEU D 87 -14.09 22.07 29.83
N GLY D 88 -15.21 22.47 29.22
CA GLY D 88 -16.34 23.00 29.97
C GLY D 88 -16.24 24.47 30.30
N THR D 89 -15.01 24.97 30.45
CA THR D 89 -14.78 26.38 30.70
C THR D 89 -15.16 27.18 29.45
N GLY D 90 -15.39 28.47 29.63
CA GLY D 90 -15.62 29.34 28.49
C GLY D 90 -14.31 29.68 27.82
N ILE D 91 -14.27 30.82 27.14
CA ILE D 91 -13.05 31.32 26.55
C ILE D 91 -12.97 32.84 26.72
N HIS D 92 -11.75 33.35 26.81
CA HIS D 92 -11.53 34.78 26.97
C HIS D 92 -12.21 35.32 28.23
N ASP D 93 -13.13 36.27 28.06
CA ASP D 93 -13.74 36.95 29.21
C ASP D 93 -14.75 36.07 29.95
N GLU D 94 -15.41 35.18 29.22
CA GLU D 94 -16.42 34.30 29.81
C GLU D 94 -15.82 33.02 30.37
N PHE D 95 -14.50 33.00 30.52
CA PHE D 95 -13.82 31.86 31.09
C PHE D 95 -14.15 31.73 32.58
N ASP D 96 -14.42 30.49 33.01
CA ASP D 96 -14.73 30.22 34.40
C ASP D 96 -14.10 28.90 34.81
N ILE D 97 -13.09 28.97 35.65
CA ILE D 97 -12.36 27.77 36.09
C ILE D 97 -13.26 26.84 36.89
N GLY D 98 -14.28 27.39 37.54
CA GLY D 98 -15.20 26.60 38.34
C GLY D 98 -15.93 25.53 37.54
N LYS D 99 -16.03 25.74 36.23
CA LYS D 99 -16.76 24.83 35.35
C LYS D 99 -15.81 23.86 34.66
N LEU D 100 -14.53 23.91 35.03
CA LEU D 100 -13.52 23.02 34.46
C LEU D 100 -13.82 21.55 34.76
N ARG D 101 -13.99 20.76 33.71
CA ARG D 101 -14.42 19.37 33.85
C ARG D 101 -13.24 18.43 34.12
N TYR D 102 -12.02 18.91 33.92
CA TYR D 102 -10.82 18.11 34.19
C TYR D 102 -9.69 18.97 34.77
N HIS D 103 -9.18 18.58 35.92
CA HIS D 103 -8.08 19.31 36.56
C HIS D 103 -6.71 18.88 36.04
N LYS D 104 -6.69 17.91 35.14
CA LYS D 104 -5.47 17.51 34.45
C LYS D 104 -5.73 17.39 32.96
N ILE D 105 -5.14 18.31 32.20
CA ILE D 105 -5.28 18.33 30.75
C ILE D 105 -3.96 17.89 30.15
N VAL D 106 -3.89 16.62 29.76
CA VAL D 106 -2.67 16.05 29.21
C VAL D 106 -2.69 16.09 27.69
N LEU D 107 -1.75 16.83 27.11
CA LEU D 107 -1.54 16.83 25.67
C LEU D 107 -0.60 15.69 25.31
N MET D 108 -1.09 14.76 24.49
CA MET D 108 -0.30 13.60 24.07
C MET D 108 -0.18 13.55 22.55
N ALA D 109 1.01 13.87 22.06
CA ALA D 109 1.30 13.91 20.63
C ALA D 109 2.48 13.00 20.32
N ASP D 110 2.71 12.73 19.04
CA ASP D 110 3.86 11.93 18.65
C ASP D 110 5.15 12.59 19.10
N ALA D 111 6.20 11.78 19.30
CA ALA D 111 7.51 12.31 19.64
C ALA D 111 8.15 12.99 18.43
N ASP D 112 7.62 12.72 17.24
CA ASP D 112 8.20 13.26 16.02
C ASP D 112 7.97 14.77 15.93
N VAL D 113 8.43 15.36 14.84
CA VAL D 113 8.40 16.80 14.65
C VAL D 113 6.98 17.34 14.52
N ASP D 114 6.10 16.54 13.93
CA ASP D 114 4.72 16.96 13.75
C ASP D 114 3.92 16.96 15.06
N GLY D 115 4.37 16.15 16.03
CA GLY D 115 3.76 16.16 17.34
C GLY D 115 4.11 17.44 18.07
N GLN D 116 5.35 17.86 17.91
CA GLN D 116 5.82 19.11 18.50
C GLN D 116 5.02 20.29 17.95
N HIS D 117 4.75 20.27 16.65
CA HIS D 117 3.99 21.35 16.02
C HIS D 117 2.57 21.42 16.58
N ILE D 118 1.91 20.28 16.70
CA ILE D 118 0.55 20.25 17.24
C ILE D 118 0.52 20.76 18.67
N SER D 119 1.58 20.48 19.42
CA SER D 119 1.68 20.95 20.80
C SER D 119 1.66 22.47 20.86
N THR D 120 2.41 23.11 19.96
CA THR D 120 2.50 24.57 19.95
C THR D 120 1.17 25.19 19.53
N LEU D 121 0.44 24.48 18.68
CA LEU D 121 -0.86 24.96 18.22
C LEU D 121 -1.91 24.83 19.33
N LEU D 122 -1.78 23.77 20.13
CA LEU D 122 -2.66 23.56 21.26
C LEU D 122 -2.32 24.52 22.40
N LEU D 123 -1.03 24.67 22.69
CA LEU D 123 -0.59 25.59 23.73
C LEU D 123 -0.98 27.03 23.36
N THR D 124 -1.01 27.32 22.07
CA THR D 124 -1.42 28.64 21.59
C THR D 124 -2.92 28.83 21.81
N LEU D 125 -3.70 27.78 21.57
CA LEU D 125 -5.13 27.84 21.83
C LEU D 125 -5.38 28.10 23.30
N LEU D 126 -4.69 27.34 24.15
CA LEU D 126 -4.88 27.45 25.59
C LEU D 126 -4.44 28.82 26.11
N PHE D 127 -3.27 29.28 25.71
CA PHE D 127 -2.73 30.54 26.23
C PHE D 127 -3.56 31.74 25.80
N ARG D 128 -4.22 31.64 24.64
CA ARG D 128 -4.96 32.76 24.09
C ARG D 128 -6.44 32.76 24.47
N PHE D 129 -7.01 31.58 24.65
CA PHE D 129 -8.44 31.45 24.93
C PHE D 129 -8.71 31.12 26.39
N MET D 130 -7.83 30.35 27.00
CA MET D 130 -8.05 29.81 28.34
C MET D 130 -6.77 29.83 29.18
N ARG D 131 -6.16 31.00 29.28
CA ARG D 131 -4.84 31.15 29.91
C ARG D 131 -4.77 30.60 31.35
N PRO D 132 -5.80 30.85 32.16
CA PRO D 132 -5.74 30.38 33.57
C PRO D 132 -5.47 28.89 33.74
N LEU D 133 -5.81 28.08 32.73
CA LEU D 133 -5.55 26.65 32.79
C LEU D 133 -4.05 26.39 32.86
N ILE D 134 -3.26 27.24 32.20
CA ILE D 134 -1.81 27.12 32.22
C ILE D 134 -1.24 27.67 33.52
N GLU D 135 -1.76 28.82 33.95
CA GLU D 135 -1.29 29.50 35.16
C GLU D 135 -1.49 28.64 36.41
N ASN D 136 -2.60 27.90 36.43
CA ASN D 136 -2.98 27.09 37.58
C ASN D 136 -2.49 25.65 37.46
N GLY D 137 -1.64 25.38 36.47
CA GLY D 137 -0.99 24.10 36.34
C GLY D 137 -1.91 22.93 36.01
N HIS D 138 -2.92 23.18 35.18
CA HIS D 138 -3.84 22.14 34.77
C HIS D 138 -3.41 21.49 33.45
N VAL D 139 -2.41 22.08 32.80
CA VAL D 139 -1.93 21.60 31.51
C VAL D 139 -0.63 20.81 31.67
N PHE D 140 -0.60 19.62 31.08
CA PHE D 140 0.58 18.75 31.13
C PHE D 140 0.95 18.25 29.74
N LEU D 141 2.18 17.76 29.60
CA LEU D 141 2.67 17.18 28.36
C LEU D 141 3.18 15.77 28.60
N ALA D 142 2.51 14.78 28.00
CA ALA D 142 2.93 13.40 28.10
C ALA D 142 4.14 13.17 27.19
N GLN D 143 5.14 12.46 27.70
CA GLN D 143 6.32 12.12 26.92
C GLN D 143 6.25 10.67 26.46
N PRO D 144 5.95 10.44 25.16
CA PRO D 144 5.81 9.05 24.72
C PRO D 144 7.16 8.33 24.66
N PRO D 145 7.13 6.98 24.64
CA PRO D 145 8.36 6.21 24.48
C PRO D 145 8.90 6.27 23.05
N LEU D 146 10.19 6.03 22.88
CA LEU D 146 10.81 5.99 21.56
C LEU D 146 11.23 4.56 21.22
N TYR D 147 11.53 3.78 22.25
CA TYR D 147 11.98 2.41 22.06
C TYR D 147 11.34 1.44 23.04
N LYS D 148 11.24 0.19 22.61
CA LYS D 148 10.81 -0.90 23.47
C LYS D 148 11.82 -2.04 23.34
N LEU D 149 12.59 -2.26 24.40
CA LEU D 149 13.59 -3.32 24.40
C LEU D 149 12.93 -4.65 24.75
N LYS D 150 12.95 -5.58 23.80
CA LYS D 150 12.28 -6.87 23.97
C LYS D 150 13.27 -7.98 24.31
N TRP D 151 13.55 -8.14 25.60
CA TRP D 151 14.50 -9.15 26.06
C TRP D 151 13.91 -10.54 25.84
N GLN D 152 14.77 -11.52 25.60
CA GLN D 152 14.32 -12.87 25.30
C GLN D 152 13.56 -13.51 26.45
N ARG D 153 14.02 -13.25 27.68
CA ARG D 153 13.48 -13.93 28.86
C ARG D 153 12.93 -12.95 29.89
N SER D 154 13.47 -11.74 29.93
CA SER D 154 13.09 -10.75 30.92
C SER D 154 11.95 -9.87 30.41
N ASP D 155 11.34 -9.12 31.32
CA ASP D 155 10.25 -8.22 30.96
C ASP D 155 10.77 -7.10 30.05
N PRO D 156 9.94 -6.64 29.10
CA PRO D 156 10.39 -5.59 28.19
C PRO D 156 10.51 -4.23 28.86
N GLU D 157 11.50 -3.44 28.43
CA GLU D 157 11.74 -2.12 28.99
C GLU D 157 11.48 -1.04 27.93
N PHE D 158 10.93 0.09 28.37
CA PHE D 158 10.66 1.21 27.48
C PHE D 158 11.70 2.31 27.70
N ALA D 159 12.11 2.95 26.61
CA ALA D 159 13.08 4.05 26.66
C ALA D 159 12.48 5.29 26.04
N TYR D 160 12.78 6.45 26.64
CA TYR D 160 12.21 7.72 26.20
C TYR D 160 13.26 8.60 25.53
N SER D 161 14.44 8.04 25.28
CA SER D 161 15.49 8.76 24.58
C SER D 161 16.52 7.76 24.02
N ASP D 162 17.36 8.23 23.11
CA ASP D 162 18.42 7.40 22.56
C ASP D 162 19.42 7.03 23.65
N ARG D 163 19.64 7.96 24.57
CA ARG D 163 20.58 7.76 25.68
C ARG D 163 20.12 6.64 26.59
N GLU D 164 18.86 6.71 27.01
CA GLU D 164 18.30 5.71 27.92
C GLU D 164 18.30 4.34 27.25
N ARG D 165 18.03 4.31 25.94
CA ARG D 165 18.09 3.08 25.17
C ARG D 165 19.46 2.43 25.29
N ASP D 166 20.50 3.22 25.06
CA ASP D 166 21.87 2.73 25.13
C ASP D 166 22.19 2.25 26.54
N GLY D 167 21.63 2.93 27.54
CA GLY D 167 21.88 2.61 28.93
C GLY D 167 21.21 1.31 29.35
N LEU D 168 19.93 1.20 29.03
CA LEU D 168 19.17 0.00 29.38
C LEU D 168 19.72 -1.20 28.61
N LEU D 169 20.24 -0.96 27.42
CA LEU D 169 20.84 -2.03 26.63
C LEU D 169 22.13 -2.52 27.27
N GLU D 170 22.99 -1.59 27.66
CA GLU D 170 24.27 -1.92 28.28
C GLU D 170 24.06 -2.66 29.60
N ALA D 171 23.20 -2.12 30.45
CA ALA D 171 22.95 -2.69 31.77
C ALA D 171 22.40 -4.11 31.67
N GLY D 172 21.46 -4.31 30.78
CA GLY D 172 20.84 -5.62 30.60
C GLY D 172 21.83 -6.65 30.10
N LEU D 173 22.63 -6.27 29.12
CA LEU D 173 23.65 -7.18 28.59
C LEU D 173 24.69 -7.48 29.65
N LYS D 174 25.03 -6.46 30.43
CA LYS D 174 25.97 -6.60 31.53
C LYS D 174 25.36 -7.50 32.61
N ALA D 175 24.03 -7.46 32.70
CA ALA D 175 23.30 -8.25 33.69
C ALA D 175 23.11 -9.70 33.23
N GLY D 176 23.47 -9.98 31.99
CA GLY D 176 23.40 -11.34 31.45
C GLY D 176 22.16 -11.62 30.62
N LYS D 177 21.35 -10.59 30.41
CA LYS D 177 20.16 -10.71 29.58
C LYS D 177 20.53 -10.71 28.11
N LYS D 178 19.59 -11.09 27.26
CA LYS D 178 19.84 -11.18 25.82
C LYS D 178 18.65 -10.72 24.99
N ILE D 179 18.94 -10.15 23.83
CA ILE D 179 17.92 -9.68 22.90
C ILE D 179 18.14 -10.30 21.53
N ASN D 180 17.05 -10.51 20.79
CA ASN D 180 17.14 -10.88 19.39
C ASN D 180 17.68 -9.69 18.59
N LYS D 181 18.55 -9.97 17.63
CA LYS D 181 19.07 -8.91 16.76
C LYS D 181 18.14 -8.71 15.55
N GLU D 182 17.04 -9.46 15.53
CA GLU D 182 16.02 -9.29 14.49
C GLU D 182 14.84 -8.47 15.01
N ASP D 183 14.00 -9.09 15.84
CA ASP D 183 12.91 -8.37 16.49
C ASP D 183 13.50 -7.21 17.29
N GLY D 184 14.27 -7.57 18.31
CA GLY D 184 15.09 -6.60 19.03
C GLY D 184 14.37 -5.40 19.61
N ILE D 185 14.95 -4.24 19.34
CA ILE D 185 14.45 -2.98 19.88
C ILE D 185 13.44 -2.36 18.93
N GLN D 186 12.17 -2.44 19.31
CA GLN D 186 11.10 -1.82 18.53
C GLN D 186 11.14 -0.32 18.70
N ARG D 187 11.21 0.40 17.58
CA ARG D 187 11.26 1.86 17.60
C ARG D 187 9.92 2.46 17.24
N TYR D 188 9.37 3.27 18.15
CA TYR D 188 8.10 3.94 17.91
C TYR D 188 8.32 5.22 17.11
N LYS D 189 7.51 5.37 16.05
CA LYS D 189 7.54 6.58 15.23
C LYS D 189 6.29 7.42 15.43
N GLY D 190 5.47 7.04 16.40
CA GLY D 190 4.26 7.78 16.72
C GLY D 190 3.35 6.98 17.63
N LEU D 191 2.36 7.65 18.21
CA LEU D 191 1.42 7.00 19.12
C LEU D 191 0.55 5.98 18.42
N GLY D 192 0.34 6.17 17.12
CA GLY D 192 -0.53 5.31 16.33
C GLY D 192 -0.01 3.90 16.18
N GLU D 193 1.30 3.72 16.37
CA GLU D 193 1.93 2.41 16.24
C GLU D 193 1.83 1.59 17.52
N MET D 194 1.43 2.23 18.61
CA MET D 194 1.33 1.56 19.90
C MET D 194 -0.04 0.91 20.09
N ASP D 195 -0.10 -0.14 20.91
CA ASP D 195 -1.36 -0.75 21.29
C ASP D 195 -1.84 -0.18 22.62
N ALA D 196 -2.96 -0.71 23.12
CA ALA D 196 -3.55 -0.20 24.35
C ALA D 196 -2.63 -0.41 25.55
N LYS D 197 -2.05 -1.61 25.66
CA LYS D 197 -1.20 -1.95 26.79
C LYS D 197 0.02 -1.04 26.87
N GLU D 198 0.68 -0.84 25.74
CA GLU D 198 1.90 -0.04 25.68
C GLU D 198 1.63 1.41 26.09
N LEU D 199 0.49 1.96 25.66
CA LEU D 199 0.14 3.32 25.99
C LEU D 199 -0.09 3.47 27.50
N TRP D 200 -0.67 2.43 28.10
CA TRP D 200 -0.91 2.44 29.54
C TRP D 200 0.41 2.45 30.31
N GLU D 201 1.30 1.54 29.93
CA GLU D 201 2.54 1.31 30.67
C GLU D 201 3.64 2.34 30.39
N THR D 202 3.30 3.43 29.71
CA THR D 202 4.31 4.44 29.37
C THR D 202 3.80 5.88 29.46
N THR D 203 2.49 6.08 29.29
CA THR D 203 1.96 7.44 29.20
C THR D 203 0.68 7.69 30.02
N MET D 204 -0.01 6.64 30.43
CA MET D 204 -1.31 6.80 31.09
C MET D 204 -1.33 6.24 32.51
N ASP D 205 -0.51 5.25 32.79
CA ASP D 205 -0.40 4.73 34.16
C ASP D 205 0.19 5.82 35.05
N PRO D 206 -0.60 6.32 36.01
CA PRO D 206 -0.10 7.43 36.84
C PRO D 206 1.12 7.08 37.69
N SER D 207 1.43 5.80 37.79
CA SER D 207 2.57 5.35 38.60
C SER D 207 3.84 5.16 37.77
N VAL D 208 3.72 5.36 36.45
CA VAL D 208 4.83 5.12 35.53
C VAL D 208 4.97 6.22 34.48
N ARG D 209 3.90 6.98 34.27
CA ARG D 209 3.88 8.00 33.23
C ARG D 209 4.86 9.15 33.51
N VAL D 210 5.44 9.68 32.42
CA VAL D 210 6.33 10.82 32.50
C VAL D 210 5.62 12.07 32.01
N LEU D 211 5.07 12.85 32.94
CA LEU D 211 4.37 14.10 32.60
C LEU D 211 5.22 15.33 32.86
N ARG D 212 4.98 16.37 32.07
CA ARG D 212 5.59 17.68 32.28
C ARG D 212 4.52 18.75 32.44
N GLN D 213 4.54 19.43 33.57
CA GLN D 213 3.55 20.46 33.87
C GLN D 213 3.96 21.80 33.25
N VAL D 214 3.12 22.34 32.38
CA VAL D 214 3.40 23.61 31.71
C VAL D 214 3.32 24.74 32.72
N THR D 215 4.44 25.45 32.88
CA THR D 215 4.52 26.59 33.78
C THR D 215 4.56 27.89 32.99
N LEU D 216 3.97 28.94 33.56
CA LEU D 216 3.98 30.27 32.95
C LEU D 216 4.59 31.27 33.92
N ASP D 217 5.81 31.70 33.63
CA ASP D 217 6.51 32.65 34.47
C ASP D 217 6.21 34.09 34.03
N ASP D 218 6.90 34.53 32.98
CA ASP D 218 6.72 35.89 32.45
C ASP D 218 5.61 35.92 31.40
N ALA D 219 4.45 36.42 31.78
CA ALA D 219 3.29 36.45 30.90
C ALA D 219 3.52 37.36 29.69
N ALA D 220 4.19 38.49 29.93
CA ALA D 220 4.46 39.45 28.87
C ALA D 220 5.44 38.87 27.84
N ALA D 221 6.48 38.21 28.34
CA ALA D 221 7.48 37.59 27.48
C ALA D 221 6.85 36.45 26.67
N ALA D 222 5.95 35.70 27.31
CA ALA D 222 5.24 34.62 26.63
C ALA D 222 4.34 35.19 25.54
N ASP D 223 3.65 36.27 25.85
CA ASP D 223 2.77 36.94 24.91
C ASP D 223 3.54 37.30 23.63
N GLU D 224 4.77 37.76 23.80
CA GLU D 224 5.60 38.15 22.66
C GLU D 224 6.05 36.94 21.86
N LEU D 225 6.52 35.91 22.55
CA LEU D 225 7.03 34.71 21.89
C LEU D 225 5.94 34.02 21.09
N PHE D 226 4.73 34.00 21.63
CA PHE D 226 3.58 33.43 20.94
C PHE D 226 3.28 34.22 19.67
N SER D 227 3.37 35.54 19.77
CA SER D 227 3.05 36.41 18.66
C SER D 227 4.10 36.33 17.56
N ILE D 228 5.36 36.16 17.95
CA ILE D 228 6.45 36.02 16.98
C ILE D 228 6.34 34.71 16.23
N LEU D 229 6.23 33.62 16.97
CA LEU D 229 6.23 32.28 16.39
C LEU D 229 4.94 31.93 15.66
N MET D 230 3.82 32.39 16.18
CA MET D 230 2.51 31.96 15.68
C MET D 230 1.76 33.07 14.95
N GLY D 231 2.28 34.30 15.01
CA GLY D 231 1.58 35.44 14.42
C GLY D 231 1.63 35.50 12.91
N GLU D 232 1.05 36.55 12.35
CA GLU D 232 0.97 36.70 10.90
C GLU D 232 2.27 37.21 10.28
N ASP D 233 3.11 37.84 11.10
CA ASP D 233 4.39 38.38 10.64
C ASP D 233 5.40 37.28 10.34
N VAL D 234 5.67 37.07 9.05
CA VAL D 234 6.62 36.05 8.63
C VAL D 234 8.06 36.47 8.92
N ASP D 235 8.39 37.70 8.55
CA ASP D 235 9.74 38.22 8.74
C ASP D 235 10.20 38.06 10.18
N ALA D 236 9.35 38.51 11.11
CA ALA D 236 9.65 38.41 12.53
C ALA D 236 9.96 36.97 12.91
N ARG D 237 9.18 36.04 12.36
CA ARG D 237 9.36 34.62 12.63
C ARG D 237 10.62 34.07 11.97
N ARG D 238 10.90 34.52 10.75
CA ARG D 238 12.08 34.07 10.03
C ARG D 238 13.36 34.50 10.74
N SER D 239 13.43 35.75 11.18
CA SER D 239 14.64 36.24 11.84
C SER D 239 14.82 35.58 13.20
N PHE D 240 13.72 35.26 13.86
CA PHE D 240 13.79 34.59 15.17
C PHE D 240 14.37 33.19 15.05
N ILE D 241 13.96 32.47 14.02
CA ILE D 241 14.43 31.11 13.79
C ILE D 241 15.90 31.11 13.43
N THR D 242 16.29 31.94 12.46
CA THR D 242 17.68 32.01 12.04
C THR D 242 18.60 32.48 13.18
N ARG D 243 18.02 33.19 14.14
CA ARG D 243 18.77 33.73 15.27
C ARG D 243 18.95 32.72 16.42
N ASN D 244 17.91 31.93 16.67
CA ASN D 244 17.85 31.10 17.87
C ASN D 244 17.93 29.60 17.62
N ALA D 245 17.72 29.19 16.38
CA ALA D 245 17.74 27.77 16.05
C ALA D 245 19.12 27.16 16.23
N LYS D 246 20.14 27.99 16.05
CA LYS D 246 21.53 27.55 16.17
C LYS D 246 21.87 27.13 17.61
N ASP D 247 21.04 27.55 18.57
CA ASP D 247 21.34 27.37 19.99
C ASP D 247 20.22 26.62 20.73
N VAL D 248 19.42 25.85 20.01
CA VAL D 248 18.34 25.10 20.63
C VAL D 248 18.89 23.99 21.53
N ARG D 249 20.01 23.41 21.12
CA ARG D 249 20.65 22.34 21.88
C ARG D 249 21.13 22.82 23.25
N PHE D 250 21.41 24.12 23.35
CA PHE D 250 22.09 24.66 24.52
C PHE D 250 21.18 25.50 25.41
N LEU D 251 19.88 25.19 25.38
CA LEU D 251 18.93 25.90 26.22
C LEU D 251 18.96 25.39 27.66
N ASP D 252 19.33 24.12 27.83
CA ASP D 252 19.33 23.47 29.15
C ASP D 252 20.72 23.05 29.61
N VAL D 253 21.76 23.41 28.85
CA VAL D 253 23.12 23.09 29.24
C VAL D 253 23.55 23.92 30.45
MG MG I . -14.28 -0.26 2.85
MG MG J . -13.39 -4.56 -11.61
MG MG K . -4.84 13.76 1.36
MG MG L . 3.49 11.49 13.61
O2 CPF M . -3.22 11.11 4.46
C3 CPF M . -3.99 12.01 4.02
O1 CPF M . -3.95 12.37 2.82
C2 CPF M . -4.99 12.65 4.98
C1 CPF M . -4.84 12.43 6.43
N1 CPF M . -5.78 13.03 7.35
C10 CPF M . -6.91 13.90 6.83
C9 CPF M . -7.82 14.48 7.72
C8 CPF M . -8.87 15.28 7.26
N2 CPF M . -9.78 15.83 8.27
C17 CPF M . -9.17 16.72 9.21
C16 CPF M . -10.12 17.05 10.36
N3 CPF M . -11.37 17.54 9.88
C15 CPF M . -11.98 16.63 8.97
C14 CPF M . -11.06 16.30 7.81
C7 CPF M . -9.00 15.48 5.86
F1 CPF M . -9.97 16.24 5.32
C6 CPF M . -8.09 14.90 4.97
C5 CPF M . -7.04 14.10 5.44
C4 CPF M . -6.07 13.48 4.48
O3 CPF M . -6.19 13.66 3.28
C11 CPF M . -5.60 12.81 8.75
C12 CPF M . -5.20 13.81 9.82
C13 CPF M . -4.33 12.59 9.55
H1 CPF M . -4.11 11.86 6.76
H9 CPF M . -7.72 14.32 8.68
H171 CPF M . -8.35 16.31 9.57
H172 CPF M . -8.94 17.55 8.76
H161 CPF M . -9.70 17.74 10.92
H162 CPF M . -10.26 16.24 10.90
HN3 CPF M . -11.93 17.68 10.59
H151 CPF M . -12.80 17.04 8.61
H152 CPF M . -12.22 15.80 9.44
H141 CPF M . -10.93 17.11 7.27
H142 CPF M . -11.47 15.60 7.25
H6 CPF M . -8.19 15.05 4.00
H11 CPF M . -6.31 12.22 9.10
H121 CPF M . -4.84 14.67 9.48
H122 CPF M . -5.72 13.79 10.65
H131 CPF M . -4.36 11.89 10.24
H132 CPF M . -3.49 12.77 9.07
O2 CPF N . -13.32 -0.48 0.91
C3 CPF N . -13.34 0.02 -0.25
O1 CPF N . -12.40 -0.23 -1.06
C2 CPF N . -14.50 0.90 -0.68
C1 CPF N . -14.70 1.19 -2.12
N1 CPF N . -15.79 2.04 -2.53
C10 CPF N . -16.74 2.62 -1.51
C9 CPF N . -17.80 3.44 -1.92
C8 CPF N . -18.71 3.99 -0.98
N2 CPF N . -19.77 4.84 -1.51
C17 CPF N . -20.70 4.17 -2.36
C16 CPF N . -21.69 5.12 -3.02
N3 CPF N . -22.31 5.99 -2.06
C15 CPF N . -21.34 6.69 -1.27
C14 CPF N . -20.40 5.72 -0.59
C7 CPF N . -18.49 3.70 0.39
F1 CPF N . -19.30 4.18 1.35
C6 CPF N . -17.43 2.88 0.80
C5 CPF N . -16.55 2.33 -0.14
C4 CPF N . -15.41 1.46 0.31
O3 CPF N . -15.24 1.21 1.48
C11 CPF N . -15.98 2.31 -3.94
C12 CPF N . -17.13 1.86 -4.82
C13 CPF N . -15.72 1.43 -5.15
H1 CPF N . -14.08 0.82 -2.79
H9 CPF N . -17.93 3.63 -2.88
H171 CPF N . -20.22 3.67 -3.05
H172 CPF N . -21.21 3.55 -1.80
H161 CPF N . -22.38 4.60 -3.47
H162 CPF N . -21.21 5.67 -3.67
HN3 CPF N . -22.85 6.59 -2.50
H151 CPF N . -21.82 7.23 -0.59
H152 CPF N . -20.83 7.28 -1.86
H141 CPF N . -20.93 5.20 0.06
H142 CPF N . -19.71 6.24 -0.10
H6 CPF N . -17.31 2.69 1.75
H11 CPF N . -15.75 3.24 -4.14
H121 CPF N . -17.73 1.17 -4.45
H122 CPF N . -17.51 2.56 -5.41
H131 CPF N . -15.30 1.88 -5.90
H132 CPF N . -15.51 0.49 -4.95
#